data_2OGZ
#
_entry.id   2OGZ
#
_cell.length_a   63.595
_cell.length_b   122.304
_cell.length_c   112.721
_cell.angle_alpha   90.00
_cell.angle_beta   100.20
_cell.angle_gamma   90.00
#
_symmetry.space_group_name_H-M   'P 1 21 1'
#
loop_
_entity.id
_entity.type
_entity.pdbx_description
1 polymer 'Dipeptidyl peptidase'
2 non-polymer 4-[(3R)-3-{[2-(4-FLUOROPHENYL)-2-OXOETHYL]AMINO}BUTYL]BENZAMIDE
3 water water
#
_entity_poly.entity_id   1
_entity_poly.type   'polypeptide(L)'
_entity_poly.pdbx_seq_one_letter_code
;SRKTYTLTDYLKNTYRLKLYSLRWISDHEYLYKQENNILVFNAEYGNSSVFLENSTFDEFGHSINDYSISPDGQFILLEY
NYVKQWRHSYTASYDIYDLNKRQLITEERIPNNTQWVTWSPVGHKLAYVWNNDIYVKIEPNLPSYRITWTGKEDIIYNGI
TDWVYEEEVFSAYSALWWSPNGTFLAYAQFNDTEVPLIEYSFYSDESLQYPKTVRVPYPKAGAVNPTVKFFVVNTDSLSS
VTNATSIQITAPASMLIGDHYLCDVTWATQERISLQWLRRIQNYSVMDICDYDESSGRWNCLVARQHIEMSTTGWVGRFR
PSEPHFTLDGNSFYKIISNEEGYRHICYFQIDKKDCTFITKGTWEVIGIEALTSDYLYYISNEYKGMPGGRNLYKIQLSD
YTKVTCLSCELNPERCQYYSVSFSKEAKYYQLRCSGPGLPLYTLHSSVNDKGLRVLEDNSALDKMLQNVQMPSKKLDFII
LNETKFWYQMILPPHFDKSKKYPLLLDVYAGPCSQKADTVFRLNWATYLASTENIIVASFDGRGSGYQGDKIMHAINRRL
GTFEVEDQIEAARQFSKMGFVDNKRIAIWGWSYGGYVTSMVLGSGSGVFKCGIAVAPVSRWEYYDSVYTERYMGLPTPED
NLDHYRNSTVMSRAENFKQVEYLLIHGTADDNVHFQQSAQISKALVDVGVDFQAMWYTDEDHGIASSTAHQHIYTHMSHF
IKQCFSLP
;
_entity_poly.pdbx_strand_id   A,B
#
loop_
_chem_comp.id
_chem_comp.type
_chem_comp.name
_chem_comp.formula
U1N non-polymer 4-[(3R)-3-{[2-(4-FLUOROPHENYL)-2-OXOETHYL]AMINO}BUTYL]BENZAMIDE 'C19 H21 F N2 O2'
#
# COMPACT_ATOMS: atom_id res chain seq x y z
N SER A 1 -21.77 -14.81 38.86
CA SER A 1 -20.73 -14.69 39.92
C SER A 1 -19.36 -14.42 39.29
N ARG A 2 -18.70 -13.35 39.74
CA ARG A 2 -17.40 -12.99 39.20
C ARG A 2 -17.55 -12.53 37.75
N LYS A 3 -16.45 -12.48 37.00
CA LYS A 3 -16.53 -12.03 35.61
C LYS A 3 -15.63 -12.83 34.68
N THR A 4 -15.70 -12.50 33.38
CA THR A 4 -14.90 -13.18 32.38
C THR A 4 -13.69 -12.34 31.98
N TYR A 5 -12.68 -12.98 31.41
CA TYR A 5 -11.48 -12.26 30.98
C TYR A 5 -11.92 -11.64 29.64
N THR A 6 -12.06 -10.32 29.62
CA THR A 6 -12.51 -9.63 28.41
C THR A 6 -11.43 -9.11 27.48
N LEU A 7 -11.87 -8.63 26.31
CA LEU A 7 -10.96 -8.08 25.31
C LEU A 7 -10.31 -6.83 25.88
N THR A 8 -11.08 -6.07 26.64
CA THR A 8 -10.59 -4.85 27.26
C THR A 8 -9.53 -5.22 28.31
N ASP A 9 -9.73 -6.36 28.97
CA ASP A 9 -8.77 -6.82 29.96
C ASP A 9 -7.43 -7.08 29.26
N TYR A 10 -7.51 -7.87 28.19
CA TYR A 10 -6.34 -8.21 27.42
C TYR A 10 -5.66 -6.98 26.83
N LEU A 11 -6.39 -6.23 26.01
CA LEU A 11 -5.83 -5.04 25.37
C LEU A 11 -5.34 -3.97 26.34
N LYS A 12 -6.02 -3.80 27.47
CA LYS A 12 -5.60 -2.80 28.44
C LYS A 12 -4.67 -3.42 29.46
N ASN A 13 -4.34 -4.69 29.23
CA ASN A 13 -3.45 -5.46 30.11
C ASN A 13 -3.74 -5.17 31.59
N THR A 14 -4.97 -5.42 32.00
CA THR A 14 -5.35 -5.17 33.39
C THR A 14 -4.78 -6.22 34.34
N TYR A 15 -4.50 -7.40 33.84
CA TYR A 15 -3.93 -8.49 34.64
C TYR A 15 -2.50 -8.72 34.20
N ARG A 16 -1.56 -8.13 34.93
CA ARG A 16 -0.14 -8.20 34.60
C ARG A 16 0.61 -9.40 35.14
N LEU A 17 1.40 -10.03 34.27
CA LEU A 17 2.24 -11.16 34.66
C LEU A 17 3.55 -10.52 35.15
N LYS A 18 3.89 -10.69 36.41
CA LYS A 18 5.14 -10.11 36.91
C LYS A 18 6.31 -11.02 36.61
N LEU A 19 7.37 -10.44 36.07
CA LEU A 19 8.57 -11.18 35.76
C LEU A 19 9.62 -10.74 36.76
N TYR A 20 10.81 -11.30 36.62
CA TYR A 20 11.92 -10.94 37.49
C TYR A 20 13.15 -10.99 36.61
N SER A 21 13.48 -9.85 36.02
CA SER A 21 14.62 -9.75 35.14
C SER A 21 15.89 -9.30 35.86
N LEU A 22 16.81 -10.23 36.06
CA LEU A 22 18.06 -9.93 36.74
C LEU A 22 19.21 -10.06 35.74
N ARG A 23 20.27 -9.30 35.95
CA ARG A 23 21.43 -9.36 35.08
C ARG A 23 22.63 -9.69 35.96
N TRP A 24 23.21 -10.86 35.78
CA TRP A 24 24.36 -11.25 36.57
C TRP A 24 25.55 -10.40 36.18
N ILE A 25 26.29 -9.92 37.17
CA ILE A 25 27.45 -9.09 36.93
C ILE A 25 28.72 -9.80 37.40
N SER A 26 28.53 -10.75 38.29
CA SER A 26 29.62 -11.55 38.84
C SER A 26 29.08 -12.96 38.98
N ASP A 27 29.80 -13.79 39.73
CA ASP A 27 29.38 -15.16 39.96
C ASP A 27 28.62 -15.18 41.27
N HIS A 28 28.67 -14.06 42.00
CA HIS A 28 28.01 -13.96 43.30
C HIS A 28 26.85 -12.97 43.36
N GLU A 29 26.86 -11.95 42.50
CA GLU A 29 25.81 -10.95 42.52
C GLU A 29 25.13 -10.71 41.17
N TYR A 30 24.05 -9.95 41.21
CA TYR A 30 23.29 -9.63 40.01
C TYR A 30 22.57 -8.30 40.22
N LEU A 31 22.29 -7.61 39.12
CA LEU A 31 21.61 -6.34 39.19
C LEU A 31 20.13 -6.57 38.90
N TYR A 32 19.27 -5.92 39.68
CA TYR A 32 17.85 -6.06 39.46
C TYR A 32 17.23 -4.71 39.12
N LYS A 33 17.08 -4.48 37.82
CA LYS A 33 16.51 -3.25 37.30
C LYS A 33 15.10 -3.04 37.87
N GLN A 34 15.03 -2.60 39.12
CA GLN A 34 13.73 -2.36 39.75
C GLN A 34 12.95 -1.35 38.93
N GLU A 35 11.84 -0.85 39.47
CA GLU A 35 11.03 0.11 38.75
C GLU A 35 11.70 1.48 38.81
N ASN A 36 12.13 1.89 40.00
CA ASN A 36 12.78 3.18 40.16
C ASN A 36 14.28 3.09 39.93
N ASN A 37 15.00 2.56 40.91
CA ASN A 37 16.45 2.43 40.84
C ASN A 37 16.95 1.00 40.67
N ILE A 38 18.23 0.87 40.31
CA ILE A 38 18.85 -0.43 40.11
C ILE A 38 19.57 -0.88 41.38
N LEU A 39 19.13 -2.00 41.93
CA LEU A 39 19.73 -2.54 43.14
C LEU A 39 20.65 -3.71 42.80
N VAL A 40 21.55 -4.04 43.73
CA VAL A 40 22.46 -5.17 43.52
C VAL A 40 22.11 -6.19 44.59
N PHE A 41 22.03 -7.45 44.20
CA PHE A 41 21.70 -8.51 45.15
C PHE A 41 22.85 -9.48 45.32
N ASN A 42 23.00 -9.99 46.53
CA ASN A 42 24.06 -10.96 46.81
C ASN A 42 23.41 -12.33 46.80
N ALA A 43 23.56 -13.03 45.69
CA ALA A 43 22.99 -14.36 45.49
C ALA A 43 22.97 -15.23 46.74
N GLU A 44 24.08 -15.26 47.46
CA GLU A 44 24.18 -16.09 48.65
C GLU A 44 23.22 -15.74 49.79
N TYR A 45 23.65 -14.79 50.63
CA TYR A 45 22.87 -14.35 51.79
C TYR A 45 21.47 -13.83 51.47
N GLY A 46 21.39 -12.82 50.62
CA GLY A 46 20.10 -12.25 50.27
C GLY A 46 20.09 -10.77 50.62
N ASN A 47 21.25 -10.28 51.05
CA ASN A 47 21.41 -8.87 51.41
C ASN A 47 21.56 -8.03 50.15
N SER A 48 20.81 -6.93 50.09
CA SER A 48 20.86 -6.05 48.93
C SER A 48 21.39 -4.66 49.21
N SER A 49 21.89 -4.02 48.16
CA SER A 49 22.44 -2.68 48.21
C SER A 49 22.05 -1.95 46.93
N VAL A 50 21.96 -0.62 46.99
CA VAL A 50 21.61 0.15 45.81
C VAL A 50 22.86 0.32 44.95
N PHE A 51 22.69 0.26 43.63
CA PHE A 51 23.83 0.44 42.75
C PHE A 51 23.86 1.88 42.25
N LEU A 52 22.67 2.45 42.03
CA LEU A 52 22.54 3.83 41.60
C LEU A 52 21.10 4.29 41.74
N GLU A 53 20.93 5.45 42.37
CA GLU A 53 19.61 6.05 42.59
C GLU A 53 18.83 6.21 41.30
N ASN A 54 17.52 6.29 41.45
CA ASN A 54 16.63 6.48 40.31
C ASN A 54 16.79 7.92 39.83
N SER A 55 17.15 8.79 40.78
CA SER A 55 17.34 10.21 40.52
C SER A 55 18.67 10.50 39.83
N THR A 56 19.64 9.61 40.01
CA THR A 56 20.97 9.79 39.44
C THR A 56 21.01 10.56 38.12
N PHE A 57 20.10 10.26 37.21
CA PHE A 57 20.08 10.92 35.91
C PHE A 57 18.83 11.71 35.58
N ASP A 58 18.26 12.39 36.58
CA ASP A 58 17.07 13.17 36.33
C ASP A 58 17.40 14.26 35.32
N GLU A 59 18.08 15.29 35.79
CA GLU A 59 18.47 16.42 34.95
C GLU A 59 19.43 16.04 33.84
N PHE A 60 19.39 14.77 33.44
CA PHE A 60 20.24 14.28 32.37
C PHE A 60 19.87 15.03 31.09
N GLY A 61 18.61 15.46 31.02
CA GLY A 61 18.14 16.19 29.86
C GLY A 61 17.50 15.30 28.83
N HIS A 62 17.71 13.99 28.97
CA HIS A 62 17.16 13.02 28.04
C HIS A 62 16.51 11.87 28.81
N SER A 63 15.60 11.15 28.15
CA SER A 63 14.95 10.02 28.77
C SER A 63 15.73 8.76 28.41
N ILE A 64 16.28 8.11 29.43
CA ILE A 64 17.09 6.91 29.23
C ILE A 64 16.22 5.65 29.20
N ASN A 65 16.46 4.79 28.20
CA ASN A 65 15.68 3.56 28.09
C ASN A 65 16.48 2.32 28.44
N ASP A 66 17.79 2.47 28.60
CA ASP A 66 18.62 1.31 28.95
C ASP A 66 20.01 1.68 29.47
N TYR A 67 20.56 0.80 30.30
CA TYR A 67 21.87 1.00 30.90
C TYR A 67 22.74 -0.25 30.72
N SER A 68 24.01 -0.07 30.35
CA SER A 68 24.92 -1.20 30.18
C SER A 68 26.18 -1.00 31.02
N ILE A 69 26.17 -1.56 32.22
CA ILE A 69 27.30 -1.44 33.13
C ILE A 69 28.49 -2.30 32.71
N SER A 70 29.62 -1.66 32.49
CA SER A 70 30.84 -2.37 32.08
C SER A 70 31.15 -3.49 33.07
N PRO A 71 31.82 -4.56 32.62
CA PRO A 71 32.17 -5.69 33.48
C PRO A 71 33.14 -5.24 34.57
N ASP A 72 33.44 -3.95 34.55
CA ASP A 72 34.34 -3.31 35.51
C ASP A 72 33.55 -2.88 36.72
N GLY A 73 32.44 -2.21 36.45
CA GLY A 73 31.60 -1.69 37.52
C GLY A 73 31.95 -0.23 37.69
N GLN A 74 33.03 0.19 37.02
CA GLN A 74 33.50 1.56 37.09
C GLN A 74 32.65 2.50 36.24
N PHE A 75 32.31 2.05 35.04
CA PHE A 75 31.53 2.87 34.12
C PHE A 75 30.14 2.31 33.84
N ILE A 76 29.27 3.20 33.39
CA ILE A 76 27.91 2.83 33.02
C ILE A 76 27.66 3.43 31.66
N LEU A 77 27.11 2.64 30.74
CA LEU A 77 26.81 3.13 29.42
C LEU A 77 25.35 3.53 29.42
N LEU A 78 25.06 4.78 29.06
CA LEU A 78 23.69 5.27 29.03
C LEU A 78 23.18 5.36 27.60
N GLU A 79 22.13 4.61 27.33
CA GLU A 79 21.53 4.59 25.99
C GLU A 79 20.20 5.33 25.92
N TYR A 80 20.13 6.30 25.01
CA TYR A 80 18.91 7.09 24.81
C TYR A 80 18.74 7.45 23.33
N ASN A 81 17.68 8.19 23.02
CA ASN A 81 17.39 8.56 21.64
C ASN A 81 17.26 7.27 20.83
N TYR A 82 16.68 6.26 21.46
CA TYR A 82 16.47 4.97 20.84
C TYR A 82 15.50 5.03 19.64
N VAL A 83 15.98 4.66 18.45
CA VAL A 83 15.15 4.64 17.25
C VAL A 83 15.21 3.25 16.61
N LYS A 84 14.10 2.52 16.70
CA LYS A 84 14.01 1.16 16.15
C LYS A 84 14.18 1.04 14.65
N GLN A 85 14.81 -0.05 14.22
CA GLN A 85 14.99 -0.30 12.80
C GLN A 85 14.30 -1.63 12.49
N TRP A 86 15.07 -2.72 12.29
CA TRP A 86 14.47 -4.01 11.98
C TRP A 86 14.06 -4.75 13.27
N ARG A 87 14.16 -6.09 13.32
CA ARG A 87 13.75 -6.82 14.51
C ARG A 87 14.69 -6.65 15.69
N HIS A 88 15.98 -6.52 15.42
CA HIS A 88 16.96 -6.38 16.50
C HIS A 88 17.72 -5.07 16.39
N SER A 89 17.95 -4.62 15.17
CA SER A 89 18.71 -3.39 14.95
C SER A 89 18.03 -2.12 15.42
N TYR A 90 18.84 -1.06 15.56
CA TYR A 90 18.39 0.25 15.99
C TYR A 90 19.57 1.19 16.23
N THR A 91 19.32 2.49 16.23
CA THR A 91 20.35 3.49 16.48
C THR A 91 19.97 4.31 17.70
N ALA A 92 20.97 4.80 18.41
CA ALA A 92 20.72 5.58 19.61
C ALA A 92 21.93 6.41 20.00
N SER A 93 21.76 7.20 21.05
CA SER A 93 22.84 8.05 21.56
C SER A 93 23.29 7.46 22.89
N TYR A 94 24.57 7.58 23.18
CA TYR A 94 25.12 7.04 24.43
C TYR A 94 26.00 8.02 25.19
N ASP A 95 25.94 7.90 26.50
CA ASP A 95 26.77 8.71 27.37
C ASP A 95 27.41 7.75 28.35
N ILE A 96 28.63 8.05 28.75
CA ILE A 96 29.34 7.21 29.69
C ILE A 96 29.41 7.91 31.03
N TYR A 97 28.82 7.28 32.05
CA TYR A 97 28.82 7.83 33.39
C TYR A 97 29.97 7.16 34.15
N ASP A 98 30.83 7.97 34.74
CA ASP A 98 31.95 7.46 35.52
C ASP A 98 31.41 7.25 36.92
N LEU A 99 31.49 6.02 37.42
CA LEU A 99 30.96 5.72 38.76
C LEU A 99 31.97 6.06 39.84
N ASN A 100 33.23 6.24 39.45
CA ASN A 100 34.28 6.58 40.39
C ASN A 100 34.11 8.06 40.73
N LYS A 101 34.53 8.93 39.82
CA LYS A 101 34.42 10.36 40.03
C LYS A 101 32.94 10.75 40.06
N ARG A 102 32.08 9.84 39.62
CA ARG A 102 30.64 10.05 39.59
C ARG A 102 30.20 11.10 38.59
N GLN A 103 31.08 11.40 37.63
CA GLN A 103 30.79 12.39 36.59
C GLN A 103 30.42 11.72 35.28
N LEU A 104 30.00 12.53 34.31
CA LEU A 104 29.64 12.04 32.99
C LEU A 104 30.78 12.37 32.04
N ILE A 105 31.44 11.34 31.51
CA ILE A 105 32.55 11.57 30.59
C ILE A 105 32.07 12.56 29.52
N THR A 106 32.92 13.54 29.19
CA THR A 106 32.56 14.55 28.22
C THR A 106 33.49 14.68 27.02
N GLU A 107 34.67 14.05 27.06
CA GLU A 107 35.59 14.13 25.93
C GLU A 107 35.53 12.90 25.05
N GLU A 108 35.86 13.08 23.77
CA GLU A 108 35.84 11.98 22.80
C GLU A 108 34.56 11.15 22.91
N ARG A 109 33.45 11.80 23.25
CA ARG A 109 32.16 11.12 23.39
C ARG A 109 31.76 10.27 22.19
N ILE A 110 30.85 9.34 22.45
CA ILE A 110 30.34 8.44 21.42
C ILE A 110 29.37 9.14 20.48
N PRO A 111 29.61 8.99 19.16
CA PRO A 111 28.80 9.58 18.10
C PRO A 111 27.30 9.35 18.22
N ASN A 112 26.52 10.35 17.83
CA ASN A 112 25.07 10.19 17.84
C ASN A 112 24.83 9.18 16.72
N ASN A 113 23.61 8.65 16.62
CA ASN A 113 23.31 7.69 15.56
C ASN A 113 24.19 6.45 15.60
N THR A 114 24.62 6.04 16.79
CA THR A 114 25.45 4.83 16.89
C THR A 114 24.59 3.61 16.59
N GLN A 115 25.12 2.75 15.73
CA GLN A 115 24.41 1.55 15.31
C GLN A 115 24.52 0.38 16.29
N TRP A 116 25.69 0.26 16.93
CA TRP A 116 25.90 -0.80 17.90
C TRP A 116 27.05 -0.44 18.83
N VAL A 117 26.97 -0.88 20.09
CA VAL A 117 28.01 -0.60 21.08
C VAL A 117 28.13 -1.76 22.05
N THR A 118 29.35 -2.08 22.45
CA THR A 118 29.54 -3.18 23.39
C THR A 118 30.83 -3.11 24.20
N TRP A 119 30.70 -3.30 25.51
CA TRP A 119 31.85 -3.31 26.39
C TRP A 119 32.64 -4.56 26.05
N SER A 120 33.91 -4.58 26.43
CA SER A 120 34.73 -5.76 26.21
C SER A 120 34.24 -6.72 27.30
N PRO A 121 34.68 -7.98 27.27
CA PRO A 121 34.25 -8.97 28.27
C PRO A 121 34.85 -8.79 29.67
N VAL A 122 35.79 -7.88 29.85
CA VAL A 122 36.39 -7.70 31.18
C VAL A 122 36.69 -6.30 31.69
N GLY A 123 37.45 -5.53 30.93
CA GLY A 123 37.78 -4.20 31.42
C GLY A 123 36.70 -3.16 31.24
N HIS A 124 37.08 -2.08 30.59
CA HIS A 124 36.18 -0.97 30.29
C HIS A 124 36.43 -0.56 28.85
N LYS A 125 36.86 -1.51 28.03
CA LYS A 125 37.10 -1.25 26.62
C LYS A 125 35.75 -1.09 25.92
N LEU A 126 35.76 -0.45 24.77
CA LEU A 126 34.53 -0.23 24.03
C LEU A 126 34.73 -0.40 22.55
N ALA A 127 33.73 -1.00 21.91
CA ALA A 127 33.76 -1.20 20.48
C ALA A 127 32.38 -0.76 20.06
N TYR A 128 32.30 0.04 19.01
CA TYR A 128 31.01 0.48 18.54
C TYR A 128 31.04 0.71 17.05
N VAL A 129 29.87 0.75 16.44
CA VAL A 129 29.78 0.95 15.01
C VAL A 129 28.96 2.20 14.74
N TRP A 130 29.50 3.05 13.88
CA TRP A 130 28.89 4.32 13.49
C TRP A 130 29.12 4.48 12.00
N ASN A 131 28.07 4.77 11.24
CA ASN A 131 28.19 4.92 9.80
C ASN A 131 28.78 3.66 9.15
N ASN A 132 28.42 2.51 9.70
CA ASN A 132 28.86 1.21 9.19
C ASN A 132 30.34 0.90 9.37
N ASP A 133 31.06 1.72 10.12
CA ASP A 133 32.47 1.43 10.37
C ASP A 133 32.69 1.17 11.84
N ILE A 134 33.71 0.40 12.15
CA ILE A 134 34.04 0.00 13.52
C ILE A 134 35.05 0.94 14.19
N TYR A 135 34.78 1.28 15.45
CA TYR A 135 35.63 2.16 16.23
C TYR A 135 35.91 1.51 17.59
N VAL A 136 37.04 1.83 18.18
CA VAL A 136 37.39 1.26 19.49
C VAL A 136 37.93 2.28 20.48
N LYS A 137 37.45 2.20 21.71
CA LYS A 137 37.89 3.07 22.80
C LYS A 137 38.45 2.20 23.92
N ILE A 138 39.76 2.24 24.11
CA ILE A 138 40.45 1.44 25.13
C ILE A 138 40.05 1.94 26.51
N GLU A 139 39.75 3.24 26.59
CA GLU A 139 39.33 3.88 27.83
C GLU A 139 38.23 4.87 27.42
N PRO A 140 37.19 5.02 28.25
CA PRO A 140 36.06 5.91 28.02
C PRO A 140 36.34 7.33 27.49
N ASN A 141 37.39 7.97 27.99
CA ASN A 141 37.69 9.34 27.58
C ASN A 141 38.79 9.48 26.54
N LEU A 142 39.32 8.36 26.08
CA LEU A 142 40.37 8.41 25.07
C LEU A 142 39.73 8.37 23.70
N PRO A 143 40.38 8.99 22.70
CA PRO A 143 39.87 9.03 21.32
C PRO A 143 39.56 7.63 20.76
N SER A 144 38.59 7.57 19.86
CA SER A 144 38.20 6.30 19.25
C SER A 144 39.19 5.94 18.15
N TYR A 145 39.41 4.65 17.95
CA TYR A 145 40.33 4.19 16.92
C TYR A 145 39.61 3.62 15.71
N ARG A 146 39.63 4.36 14.60
CA ARG A 146 39.00 3.89 13.38
C ARG A 146 39.61 2.56 13.00
N ILE A 147 38.83 1.49 13.11
CA ILE A 147 39.33 0.18 12.77
C ILE A 147 39.12 -0.06 11.29
N THR A 148 37.92 0.27 10.81
CA THR A 148 37.57 0.09 9.41
C THR A 148 37.22 1.40 8.68
N TRP A 149 37.50 1.44 7.38
CA TRP A 149 37.24 2.63 6.57
C TRP A 149 36.45 2.31 5.30
N THR A 150 35.83 1.14 5.25
CA THR A 150 35.08 0.76 4.05
C THR A 150 33.57 0.85 4.19
N GLY A 151 33.12 1.19 5.39
CA GLY A 151 31.69 1.29 5.64
C GLY A 151 31.01 2.15 4.60
N LYS A 152 29.81 1.75 4.21
CA LYS A 152 29.04 2.49 3.23
C LYS A 152 27.60 2.02 3.24
N GLU A 153 26.70 2.92 3.67
CA GLU A 153 25.28 2.64 3.76
C GLU A 153 24.72 1.73 2.66
N ASP A 154 24.05 0.67 3.09
CA ASP A 154 23.42 -0.32 2.21
C ASP A 154 24.37 -1.06 1.26
N ILE A 155 25.67 -0.84 1.39
CA ILE A 155 26.64 -1.50 0.53
C ILE A 155 27.63 -2.38 1.30
N ILE A 156 28.31 -1.77 2.28
CA ILE A 156 29.28 -2.49 3.09
C ILE A 156 29.03 -2.32 4.58
N TYR A 157 28.88 -3.42 5.29
CA TYR A 157 28.63 -3.38 6.72
C TYR A 157 29.81 -3.96 7.49
N ASN A 158 30.38 -3.16 8.38
CA ASN A 158 31.50 -3.63 9.20
C ASN A 158 31.04 -3.69 10.66
N GLY A 159 31.10 -4.87 11.26
CA GLY A 159 30.71 -5.00 12.65
C GLY A 159 29.23 -5.13 12.95
N ILE A 160 28.40 -4.96 11.93
CA ILE A 160 26.95 -5.08 12.04
C ILE A 160 26.44 -5.92 10.88
N THR A 161 25.26 -6.51 11.04
CA THR A 161 24.71 -7.34 9.97
C THR A 161 23.84 -6.56 9.00
N ASP A 162 23.61 -7.15 7.83
CA ASP A 162 22.76 -6.56 6.83
C ASP A 162 21.37 -7.12 7.19
N TRP A 163 20.35 -6.82 6.39
CA TRP A 163 19.02 -7.31 6.72
C TRP A 163 18.86 -8.82 6.93
N VAL A 164 19.28 -9.61 5.95
CA VAL A 164 19.10 -11.05 6.03
C VAL A 164 19.97 -11.74 7.10
N TYR A 165 21.17 -11.23 7.35
CA TYR A 165 21.99 -11.83 8.40
C TYR A 165 21.42 -11.46 9.78
N GLU A 166 20.77 -10.30 9.85
CA GLU A 166 20.17 -9.86 11.11
C GLU A 166 18.99 -10.76 11.48
N GLU A 167 18.07 -10.87 10.55
CA GLU A 167 16.87 -11.66 10.74
C GLU A 167 17.04 -13.16 10.78
N GLU A 168 17.70 -13.70 9.76
CA GLU A 168 17.83 -15.15 9.61
C GLU A 168 19.01 -15.96 10.13
N VAL A 169 20.17 -15.34 10.34
CA VAL A 169 21.28 -16.14 10.83
C VAL A 169 21.88 -15.76 12.17
N PHE A 170 22.20 -14.48 12.39
CA PHE A 170 22.77 -14.06 13.68
C PHE A 170 21.67 -13.75 14.68
N SER A 171 20.48 -13.46 14.18
CA SER A 171 19.36 -13.11 15.03
C SER A 171 19.85 -11.97 15.92
N ALA A 172 20.64 -11.09 15.33
CA ALA A 172 21.20 -9.95 16.05
C ALA A 172 21.75 -8.95 15.03
N TYR A 173 21.92 -7.71 15.46
CA TYR A 173 22.45 -6.67 14.58
C TYR A 173 23.95 -6.66 14.71
N SER A 174 24.42 -7.03 15.90
CA SER A 174 25.82 -7.06 16.23
C SER A 174 26.60 -8.05 15.37
N ALA A 175 27.82 -7.68 15.01
CA ALA A 175 28.65 -8.55 14.21
C ALA A 175 30.11 -8.44 14.68
N LEU A 176 30.29 -8.28 15.98
CA LEU A 176 31.64 -8.25 16.53
C LEU A 176 31.66 -9.08 17.80
N TRP A 177 32.80 -9.74 18.03
CA TRP A 177 32.94 -10.60 19.17
C TRP A 177 34.29 -10.41 19.84
N TRP A 178 34.26 -9.84 21.03
CA TRP A 178 35.48 -9.62 21.80
C TRP A 178 36.03 -10.97 22.23
N SER A 179 37.36 -11.08 22.31
CA SER A 179 37.97 -12.32 22.77
C SER A 179 37.66 -12.35 24.27
N PRO A 180 37.79 -13.52 24.91
CA PRO A 180 37.52 -13.63 26.35
C PRO A 180 38.12 -12.56 27.25
N ASN A 181 39.41 -12.23 27.09
CA ASN A 181 40.00 -11.22 27.95
C ASN A 181 40.02 -9.81 27.35
N GLY A 182 39.50 -9.67 26.14
CA GLY A 182 39.44 -8.37 25.51
C GLY A 182 40.60 -7.98 24.61
N THR A 183 41.58 -8.86 24.47
CA THR A 183 42.72 -8.55 23.62
C THR A 183 42.32 -8.39 22.17
N PHE A 184 41.67 -9.43 21.63
CA PHE A 184 41.23 -9.46 20.24
C PHE A 184 39.77 -9.04 20.08
N LEU A 185 39.49 -8.37 18.96
CA LEU A 185 38.14 -7.95 18.61
C LEU A 185 37.90 -8.55 17.24
N ALA A 186 37.02 -9.53 17.16
CA ALA A 186 36.71 -10.20 15.90
C ALA A 186 35.45 -9.59 15.31
N TYR A 187 35.38 -9.56 13.98
CA TYR A 187 34.19 -9.00 13.34
C TYR A 187 33.99 -9.52 11.93
N ALA A 188 32.74 -9.42 11.47
CA ALA A 188 32.39 -9.85 10.14
C ALA A 188 32.17 -8.60 9.31
N GLN A 189 32.33 -8.74 8.01
CA GLN A 189 32.09 -7.65 7.08
C GLN A 189 31.14 -8.19 6.03
N PHE A 190 30.03 -7.48 5.84
CA PHE A 190 29.05 -7.88 4.87
C PHE A 190 29.04 -6.96 3.66
N ASN A 191 28.99 -7.55 2.48
CA ASN A 191 28.98 -6.80 1.24
C ASN A 191 27.70 -7.10 0.45
N ASP A 192 26.83 -6.09 0.35
CA ASP A 192 25.55 -6.22 -0.36
C ASP A 192 25.53 -5.56 -1.73
N THR A 193 26.71 -5.15 -2.20
CA THR A 193 26.83 -4.49 -3.50
C THR A 193 25.81 -4.89 -4.56
N GLU A 194 25.75 -6.17 -4.89
CA GLU A 194 24.84 -6.64 -5.93
C GLU A 194 23.52 -7.23 -5.46
N VAL A 195 23.20 -7.04 -4.19
CA VAL A 195 21.96 -7.56 -3.63
C VAL A 195 20.80 -6.66 -4.01
N PRO A 196 19.74 -7.22 -4.60
CA PRO A 196 18.57 -6.41 -5.00
C PRO A 196 17.93 -5.68 -3.83
N LEU A 197 17.25 -4.59 -4.12
CA LEU A 197 16.61 -3.79 -3.10
C LEU A 197 15.10 -3.98 -3.07
N ILE A 198 14.52 -4.06 -1.89
CA ILE A 198 13.07 -4.17 -1.78
C ILE A 198 12.67 -2.72 -1.55
N GLU A 199 11.60 -2.29 -2.19
CA GLU A 199 11.16 -0.92 -2.04
C GLU A 199 9.69 -0.82 -1.66
N TYR A 200 9.41 0.00 -0.65
CA TYR A 200 8.05 0.23 -0.20
C TYR A 200 7.92 1.67 0.27
N SER A 201 6.68 2.16 0.29
CA SER A 201 6.40 3.53 0.70
C SER A 201 6.21 3.60 2.21
N PHE A 202 6.71 4.69 2.79
CA PHE A 202 6.55 4.94 4.21
C PHE A 202 5.91 6.33 4.26
N TYR A 203 4.70 6.39 4.79
CA TYR A 203 3.93 7.62 4.83
C TYR A 203 4.26 8.58 5.95
N SER A 204 4.78 8.05 7.05
CA SER A 204 5.18 8.89 8.18
C SER A 204 4.03 9.76 8.67
N ASP A 205 4.38 10.77 9.45
CA ASP A 205 3.38 11.68 9.99
C ASP A 205 2.59 12.37 8.91
N GLU A 206 1.40 12.81 9.31
CA GLU A 206 0.46 13.51 8.44
C GLU A 206 1.18 14.67 7.75
N SER A 207 2.02 15.35 8.52
CA SER A 207 2.77 16.50 8.03
C SER A 207 3.63 16.24 6.79
N LEU A 208 4.04 15.00 6.55
CA LEU A 208 4.86 14.68 5.38
C LEU A 208 4.00 14.81 4.12
N GLN A 209 4.36 15.72 3.23
CA GLN A 209 3.59 15.94 2.02
C GLN A 209 3.77 14.84 0.99
N TYR A 210 5.02 14.41 0.81
CA TYR A 210 5.31 13.32 -0.12
C TYR A 210 5.77 12.06 0.60
N PRO A 211 5.17 10.91 0.26
CA PRO A 211 5.55 9.65 0.89
C PRO A 211 7.03 9.37 0.57
N LYS A 212 7.74 8.71 1.47
CA LYS A 212 9.12 8.38 1.19
C LYS A 212 9.23 6.90 0.85
N THR A 213 10.13 6.58 -0.06
CA THR A 213 10.34 5.20 -0.49
C THR A 213 11.49 4.59 0.32
N VAL A 214 11.21 3.53 1.07
CA VAL A 214 12.24 2.88 1.86
C VAL A 214 12.90 1.79 1.02
N ARG A 215 14.22 1.84 0.89
CA ARG A 215 14.92 0.82 0.12
C ARG A 215 15.98 0.13 0.95
N VAL A 216 15.84 -1.20 1.07
CA VAL A 216 16.79 -1.98 1.83
C VAL A 216 17.22 -3.23 1.08
N PRO A 217 18.55 -3.47 0.99
CA PRO A 217 19.11 -4.62 0.30
C PRO A 217 18.51 -5.87 0.96
N TYR A 218 17.82 -6.67 0.15
CA TYR A 218 17.13 -7.85 0.67
C TYR A 218 17.08 -8.95 -0.39
N PRO A 219 17.81 -10.04 -0.17
CA PRO A 219 17.81 -11.12 -1.16
C PRO A 219 16.55 -11.99 -1.03
N LYS A 220 15.73 -12.01 -2.06
CA LYS A 220 14.55 -12.85 -2.03
C LYS A 220 15.01 -14.24 -2.52
N ALA A 221 14.19 -15.27 -2.31
CA ALA A 221 14.55 -16.63 -2.71
C ALA A 221 15.27 -16.73 -4.05
N GLY A 222 16.52 -17.20 -4.04
CA GLY A 222 17.28 -17.37 -5.27
C GLY A 222 17.99 -16.15 -5.84
N ALA A 223 17.93 -15.02 -5.16
CA ALA A 223 18.59 -13.82 -5.66
C ALA A 223 20.06 -13.77 -5.26
N VAL A 224 20.74 -12.70 -5.64
CA VAL A 224 22.15 -12.54 -5.27
C VAL A 224 22.18 -12.25 -3.79
N ASN A 225 22.98 -13.04 -3.06
CA ASN A 225 23.12 -12.92 -1.62
C ASN A 225 24.30 -12.03 -1.24
N PRO A 226 24.29 -11.47 -0.03
CA PRO A 226 25.42 -10.63 0.36
C PRO A 226 26.61 -11.60 0.51
N THR A 227 27.83 -11.07 0.50
CA THR A 227 29.00 -11.91 0.70
C THR A 227 29.56 -11.52 2.06
N VAL A 228 30.38 -12.38 2.64
CA VAL A 228 30.90 -12.11 3.97
C VAL A 228 32.39 -12.36 4.13
N LYS A 229 33.00 -11.60 5.04
CA LYS A 229 34.42 -11.76 5.34
C LYS A 229 34.53 -11.66 6.86
N PHE A 230 35.53 -12.33 7.41
CA PHE A 230 35.74 -12.32 8.85
C PHE A 230 37.13 -11.77 9.15
N PHE A 231 37.25 -11.00 10.22
CA PHE A 231 38.54 -10.41 10.57
C PHE A 231 38.81 -10.39 12.06
N VAL A 232 40.09 -10.30 12.42
CA VAL A 232 40.49 -10.23 13.82
C VAL A 232 41.46 -9.07 14.02
N VAL A 233 41.21 -8.24 15.03
CA VAL A 233 42.07 -7.10 15.31
C VAL A 233 42.64 -7.21 16.73
N ASN A 234 43.92 -6.87 16.87
CA ASN A 234 44.59 -6.92 18.16
C ASN A 234 44.49 -5.55 18.83
N THR A 235 43.46 -5.36 19.65
CA THR A 235 43.24 -4.07 20.30
C THR A 235 44.40 -3.64 21.20
N ASP A 236 45.22 -4.57 21.65
CA ASP A 236 46.35 -4.19 22.50
C ASP A 236 47.47 -3.64 21.65
N SER A 237 47.41 -3.90 20.34
CA SER A 237 48.46 -3.46 19.44
C SER A 237 48.15 -2.30 18.51
N LEU A 238 47.11 -1.52 18.77
CA LEU A 238 46.82 -0.41 17.88
C LEU A 238 47.23 0.93 18.48
N SER A 239 47.90 1.74 17.67
CA SER A 239 48.37 3.05 18.11
C SER A 239 47.39 4.14 17.73
N SER A 240 47.92 5.33 17.51
CA SER A 240 47.15 6.50 17.11
C SER A 240 47.95 7.11 15.96
N VAL A 241 49.12 6.51 15.72
CA VAL A 241 50.02 6.95 14.66
C VAL A 241 49.71 6.20 13.37
N THR A 242 49.39 4.91 13.47
CA THR A 242 49.09 4.11 12.29
C THR A 242 47.71 3.43 12.37
N ASN A 243 47.14 3.13 11.20
CA ASN A 243 45.85 2.46 11.14
C ASN A 243 45.92 1.03 11.68
N ALA A 244 44.77 0.52 12.14
CA ALA A 244 44.71 -0.82 12.68
C ALA A 244 44.80 -1.88 11.59
N THR A 245 45.48 -2.97 11.90
CA THR A 245 45.64 -4.06 10.94
C THR A 245 44.64 -5.18 11.22
N SER A 246 43.75 -5.42 10.25
CA SER A 246 42.75 -6.46 10.39
C SER A 246 43.24 -7.76 9.76
N ILE A 247 43.37 -8.79 10.58
CA ILE A 247 43.82 -10.08 10.07
C ILE A 247 42.60 -10.88 9.68
N GLN A 248 42.54 -11.24 8.40
CA GLN A 248 41.42 -11.98 7.89
C GLN A 248 41.55 -13.49 7.98
N ILE A 249 40.46 -14.13 8.37
CA ILE A 249 40.40 -15.58 8.43
C ILE A 249 39.45 -15.91 7.30
N THR A 250 39.95 -16.62 6.29
CA THR A 250 39.13 -16.95 5.13
C THR A 250 38.69 -18.40 5.05
N ALA A 251 38.24 -18.78 3.86
CA ALA A 251 37.83 -20.14 3.55
C ALA A 251 36.78 -20.65 4.53
N PRO A 252 36.63 -21.98 4.67
CA PRO A 252 37.30 -23.15 4.05
C PRO A 252 37.06 -23.29 2.55
N ALA A 253 38.01 -23.89 1.85
CA ALA A 253 37.91 -24.09 0.41
C ALA A 253 36.60 -24.75 0.02
N SER A 254 36.22 -25.79 0.74
CA SER A 254 34.99 -26.51 0.46
C SER A 254 33.81 -25.55 0.49
N MET A 255 34.02 -24.40 1.14
CA MET A 255 32.99 -23.38 1.27
C MET A 255 33.15 -22.29 0.19
N LEU A 256 34.39 -21.84 -0.02
CA LEU A 256 34.66 -20.80 -1.02
C LEU A 256 34.25 -21.19 -2.44
N ILE A 257 34.02 -22.48 -2.68
CA ILE A 257 33.63 -22.95 -4.01
C ILE A 257 32.35 -22.31 -4.52
N GLY A 258 31.51 -21.82 -3.61
CA GLY A 258 30.27 -21.20 -4.01
C GLY A 258 29.69 -20.30 -2.93
N ASP A 259 28.40 -20.02 -3.04
CA ASP A 259 27.74 -19.17 -2.06
C ASP A 259 27.78 -19.84 -0.70
N HIS A 260 28.01 -19.05 0.35
CA HIS A 260 28.06 -19.59 1.70
C HIS A 260 27.72 -18.52 2.72
N TYR A 261 27.61 -18.93 3.98
CA TYR A 261 27.31 -18.03 5.08
C TYR A 261 28.24 -18.30 6.25
N LEU A 262 28.31 -17.33 7.14
CA LEU A 262 29.07 -17.44 8.38
C LEU A 262 27.91 -17.60 9.34
N CYS A 263 27.73 -18.79 9.90
CA CYS A 263 26.59 -19.02 10.78
C CYS A 263 26.88 -18.95 12.28
N ASP A 264 28.15 -19.07 12.68
CA ASP A 264 28.46 -18.99 14.09
C ASP A 264 29.93 -18.67 14.36
N VAL A 265 30.18 -17.95 15.45
CA VAL A 265 31.53 -17.59 15.86
C VAL A 265 31.54 -17.58 17.38
N THR A 266 32.34 -18.47 17.95
CA THR A 266 32.47 -18.60 19.40
C THR A 266 33.95 -18.64 19.75
N TRP A 267 34.35 -17.89 20.78
CA TRP A 267 35.75 -17.91 21.21
C TRP A 267 35.99 -19.14 22.06
N ALA A 268 37.10 -19.83 21.81
CA ALA A 268 37.44 -21.03 22.58
C ALA A 268 38.32 -20.63 23.76
N THR A 269 39.41 -19.95 23.45
CA THR A 269 40.34 -19.49 24.47
C THR A 269 40.82 -18.08 24.11
N GLN A 270 41.72 -17.55 24.92
CA GLN A 270 42.26 -16.22 24.68
C GLN A 270 42.86 -16.15 23.27
N GLU A 271 43.29 -17.29 22.75
CA GLU A 271 43.93 -17.33 21.43
C GLU A 271 43.34 -18.32 20.45
N ARG A 272 42.11 -18.76 20.71
CA ARG A 272 41.47 -19.72 19.83
C ARG A 272 40.01 -19.33 19.56
N ILE A 273 39.65 -19.26 18.30
CA ILE A 273 38.30 -18.88 17.92
C ILE A 273 37.71 -19.92 16.97
N SER A 274 36.44 -20.24 17.17
CA SER A 274 35.84 -21.22 16.29
C SER A 274 34.83 -20.49 15.40
N LEU A 275 34.80 -20.88 14.14
CA LEU A 275 33.91 -20.31 13.13
C LEU A 275 33.16 -21.46 12.48
N GLN A 276 31.88 -21.25 12.22
CA GLN A 276 31.09 -22.28 11.56
C GLN A 276 30.55 -21.64 10.28
N TRP A 277 30.78 -22.29 9.15
CA TRP A 277 30.32 -21.80 7.86
C TRP A 277 29.20 -22.70 7.34
N LEU A 278 28.34 -22.14 6.51
CA LEU A 278 27.21 -22.88 5.94
C LEU A 278 27.08 -22.63 4.43
N ARG A 279 26.94 -23.70 3.65
CA ARG A 279 26.78 -23.54 2.21
C ARG A 279 25.41 -22.94 1.95
N ARG A 280 25.21 -22.32 0.80
CA ARG A 280 23.90 -21.75 0.53
C ARG A 280 22.90 -22.90 0.55
N ILE A 281 23.31 -24.06 0.05
CA ILE A 281 22.46 -25.25 0.15
C ILE A 281 22.82 -25.72 1.56
N GLN A 282 22.01 -25.29 2.52
CA GLN A 282 22.22 -25.55 3.94
C GLN A 282 22.24 -26.99 4.39
N ASN A 283 22.85 -27.81 3.54
CA ASN A 283 23.02 -29.24 3.70
C ASN A 283 24.32 -29.55 4.42
N TYR A 284 25.32 -28.73 4.12
CA TYR A 284 26.68 -28.91 4.59
C TYR A 284 27.21 -27.69 5.35
N SER A 285 27.85 -27.93 6.48
CA SER A 285 28.43 -26.87 7.30
C SER A 285 29.76 -27.36 7.84
N VAL A 286 30.72 -26.45 7.95
CA VAL A 286 32.04 -26.78 8.42
C VAL A 286 32.49 -25.88 9.56
N MET A 287 32.95 -26.47 10.65
CA MET A 287 33.43 -25.66 11.77
C MET A 287 34.96 -25.62 11.72
N ASP A 288 35.51 -24.41 11.81
CA ASP A 288 36.95 -24.21 11.80
C ASP A 288 37.37 -23.78 13.20
N ILE A 289 38.55 -24.21 13.62
CA ILE A 289 39.08 -23.83 14.93
C ILE A 289 40.44 -23.23 14.63
N CYS A 290 40.52 -21.91 14.66
CA CYS A 290 41.76 -21.22 14.32
C CYS A 290 42.51 -20.71 15.54
N ASP A 291 43.83 -20.83 15.48
CA ASP A 291 44.70 -20.38 16.55
C ASP A 291 45.53 -19.18 16.11
N TYR A 292 45.89 -18.35 17.10
CA TYR A 292 46.69 -17.16 16.84
C TYR A 292 48.16 -17.58 16.77
N ASP A 293 48.87 -17.13 15.73
CA ASP A 293 50.29 -17.46 15.59
C ASP A 293 51.13 -16.35 16.21
N GLU A 294 51.94 -16.73 17.20
CA GLU A 294 52.80 -15.80 17.93
C GLU A 294 53.80 -15.06 17.05
N SER A 295 54.77 -15.78 16.51
CA SER A 295 55.80 -15.18 15.67
C SER A 295 55.38 -15.03 14.21
N SER A 296 54.19 -14.47 14.00
CA SER A 296 53.66 -14.27 12.66
C SER A 296 52.47 -13.31 12.72
N GLY A 297 51.77 -13.34 13.84
CA GLY A 297 50.63 -12.47 14.03
C GLY A 297 49.37 -12.81 13.25
N ARG A 298 49.36 -13.95 12.57
CA ARG A 298 48.20 -14.36 11.78
C ARG A 298 47.39 -15.38 12.56
N TRP A 299 46.29 -15.82 11.95
CA TRP A 299 45.43 -16.84 12.56
C TRP A 299 45.40 -18.05 11.63
N ASN A 300 45.74 -19.22 12.16
CA ASN A 300 45.77 -20.43 11.36
C ASN A 300 44.66 -21.40 11.73
N CYS A 301 43.94 -21.88 10.72
CA CYS A 301 42.85 -22.82 10.92
C CYS A 301 43.31 -24.16 10.38
N LEU A 302 43.85 -24.99 11.26
CA LEU A 302 44.35 -26.29 10.87
C LEU A 302 43.22 -27.24 10.50
N VAL A 303 43.35 -27.91 9.35
CA VAL A 303 42.35 -28.89 8.98
C VAL A 303 42.67 -29.94 10.04
N ALA A 304 41.84 -30.96 10.19
CA ALA A 304 42.09 -31.97 11.22
C ALA A 304 41.60 -31.38 12.52
N ARG A 305 41.49 -30.06 12.54
CA ARG A 305 40.97 -29.38 13.71
C ARG A 305 39.56 -28.92 13.36
N GLN A 306 39.20 -29.05 12.08
CA GLN A 306 37.87 -28.66 11.63
C GLN A 306 36.88 -29.83 11.65
N HIS A 307 35.62 -29.52 11.97
CA HIS A 307 34.60 -30.55 12.02
C HIS A 307 33.49 -30.33 11.01
N ILE A 308 33.13 -31.41 10.33
CA ILE A 308 32.09 -31.38 9.31
C ILE A 308 30.74 -31.81 9.90
N GLU A 309 29.70 -31.07 9.55
CA GLU A 309 28.37 -31.40 10.02
C GLU A 309 27.42 -31.27 8.84
N MET A 310 26.75 -32.37 8.51
CA MET A 310 25.82 -32.38 7.41
C MET A 310 24.54 -33.08 7.80
N SER A 311 23.61 -33.12 6.84
CA SER A 311 22.33 -33.78 7.03
C SER A 311 21.95 -34.35 5.68
N THR A 312 21.44 -35.57 5.68
CA THR A 312 21.02 -36.23 4.46
C THR A 312 19.52 -36.12 4.28
N THR A 313 18.81 -35.86 5.38
CA THR A 313 17.35 -35.76 5.35
C THR A 313 16.81 -34.34 5.32
N GLY A 314 17.67 -33.36 5.51
CA GLY A 314 17.23 -31.97 5.51
C GLY A 314 18.34 -30.95 5.61
N TRP A 315 18.15 -29.96 6.48
CA TRP A 315 19.13 -28.92 6.69
C TRP A 315 19.89 -29.16 8.00
N VAL A 316 20.88 -28.32 8.28
CA VAL A 316 21.70 -28.48 9.48
C VAL A 316 21.17 -27.66 10.65
N GLY A 317 20.95 -28.30 11.79
CA GLY A 317 20.43 -27.60 12.94
C GLY A 317 18.93 -27.34 12.84
N ARG A 318 18.35 -26.78 13.89
CA ARG A 318 16.93 -26.49 13.88
C ARG A 318 16.71 -25.31 12.95
N PHE A 319 17.48 -24.24 13.16
CA PHE A 319 17.41 -23.04 12.34
C PHE A 319 18.79 -22.73 11.79
N ARG A 320 19.80 -23.37 12.38
CA ARG A 320 21.18 -23.17 11.99
C ARG A 320 22.02 -24.11 12.85
N PRO A 321 23.24 -24.45 12.43
CA PRO A 321 24.06 -25.34 13.26
C PRO A 321 24.23 -24.78 14.68
N SER A 322 24.22 -25.67 15.66
CA SER A 322 24.35 -25.26 17.05
C SER A 322 25.68 -24.63 17.43
N GLU A 323 25.70 -24.08 18.63
CA GLU A 323 26.87 -23.41 19.18
C GLU A 323 27.70 -24.37 20.03
N PRO A 324 29.03 -24.45 19.77
CA PRO A 324 29.85 -25.34 20.58
C PRO A 324 30.16 -24.67 21.91
N HIS A 325 30.43 -25.48 22.93
CA HIS A 325 30.77 -24.97 24.26
C HIS A 325 32.09 -25.61 24.65
N PHE A 326 33.18 -24.85 24.54
CA PHE A 326 34.50 -25.36 24.85
C PHE A 326 34.82 -25.54 26.32
N THR A 327 35.72 -26.49 26.59
CA THR A 327 36.18 -26.77 27.93
C THR A 327 37.25 -25.75 28.31
N LEU A 328 37.69 -25.81 29.55
CA LEU A 328 38.71 -24.91 30.08
C LEU A 328 39.85 -24.62 29.11
N ASP A 329 40.61 -25.67 28.79
CA ASP A 329 41.76 -25.54 27.90
C ASP A 329 41.34 -25.41 26.44
N GLY A 330 40.04 -25.40 26.18
CA GLY A 330 39.56 -25.28 24.81
C GLY A 330 40.07 -26.35 23.87
N ASN A 331 40.33 -27.54 24.40
CA ASN A 331 40.82 -28.65 23.58
C ASN A 331 39.69 -29.65 23.25
N SER A 332 38.52 -29.42 23.83
CA SER A 332 37.37 -30.28 23.56
C SER A 332 36.12 -29.39 23.72
N PHE A 333 34.98 -29.85 23.24
CA PHE A 333 33.77 -29.05 23.34
C PHE A 333 32.49 -29.86 23.24
N TYR A 334 31.41 -29.29 23.74
CA TYR A 334 30.12 -29.96 23.66
C TYR A 334 29.20 -29.16 22.77
N LYS A 335 28.36 -29.86 22.01
CA LYS A 335 27.40 -29.18 21.16
C LYS A 335 26.32 -30.13 20.71
N ILE A 336 25.11 -29.60 20.61
CA ILE A 336 23.97 -30.36 20.20
C ILE A 336 23.96 -30.67 18.71
N ILE A 337 23.79 -31.94 18.36
CA ILE A 337 23.73 -32.33 16.97
C ILE A 337 22.74 -33.47 16.87
N SER A 338 22.30 -33.74 15.65
CA SER A 338 21.33 -34.78 15.40
C SER A 338 21.87 -36.21 15.48
N ASN A 339 21.13 -37.04 16.19
CA ASN A 339 21.42 -38.46 16.39
C ASN A 339 21.42 -39.27 15.10
N GLU A 340 21.81 -40.54 15.25
CA GLU A 340 21.81 -41.50 14.17
C GLU A 340 20.32 -41.85 14.04
N GLU A 341 19.56 -41.50 15.07
CA GLU A 341 18.13 -41.76 15.10
C GLU A 341 17.34 -40.48 14.82
N GLY A 342 18.03 -39.42 14.45
CA GLY A 342 17.34 -38.17 14.16
C GLY A 342 17.01 -37.28 15.34
N TYR A 343 17.40 -37.68 16.55
CA TYR A 343 17.11 -36.85 17.72
C TYR A 343 18.33 -36.03 18.11
N ARG A 344 18.10 -34.77 18.49
CA ARG A 344 19.16 -33.85 18.88
C ARG A 344 19.61 -34.02 20.32
N HIS A 345 20.89 -34.36 20.46
CA HIS A 345 21.47 -34.58 21.77
C HIS A 345 22.84 -33.96 21.84
N ILE A 346 23.44 -33.98 23.03
CA ILE A 346 24.75 -33.38 23.21
C ILE A 346 25.85 -34.33 22.80
N CYS A 347 26.82 -33.85 22.04
CA CYS A 347 27.90 -34.71 21.64
C CYS A 347 29.20 -34.10 22.20
N TYR A 348 30.12 -34.96 22.59
CA TYR A 348 31.39 -34.55 23.17
C TYR A 348 32.53 -34.67 22.16
N PHE A 349 33.21 -33.55 21.88
CA PHE A 349 34.31 -33.53 20.92
C PHE A 349 35.68 -33.19 21.49
N GLN A 350 36.72 -33.61 20.77
CA GLN A 350 38.11 -33.30 21.06
C GLN A 350 38.41 -32.51 19.80
N ILE A 351 38.90 -31.28 19.93
CA ILE A 351 39.15 -30.45 18.76
C ILE A 351 39.93 -31.11 17.61
N ASP A 352 40.68 -32.16 17.90
CA ASP A 352 41.44 -32.84 16.86
C ASP A 352 40.97 -34.26 16.57
N LYS A 353 39.78 -34.59 17.06
CA LYS A 353 39.18 -35.91 16.86
C LYS A 353 37.85 -35.79 16.10
N LYS A 354 37.73 -36.52 15.01
CA LYS A 354 36.52 -36.48 14.18
C LYS A 354 35.25 -36.98 14.86
N ASP A 355 35.23 -38.26 15.24
CA ASP A 355 34.06 -38.86 15.87
C ASP A 355 33.81 -38.41 17.29
N CYS A 356 32.62 -37.86 17.52
CA CYS A 356 32.25 -37.39 18.85
C CYS A 356 31.51 -38.48 19.59
N THR A 357 31.31 -38.25 20.88
CA THR A 357 30.63 -39.21 21.72
C THR A 357 29.39 -38.54 22.30
N PHE A 358 28.23 -39.11 22.02
CA PHE A 358 26.99 -38.56 22.53
C PHE A 358 26.93 -38.79 24.04
N ILE A 359 26.59 -37.76 24.80
CA ILE A 359 26.52 -37.93 26.25
C ILE A 359 25.07 -38.11 26.69
N THR A 360 24.14 -37.79 25.81
CA THR A 360 22.73 -37.99 26.10
C THR A 360 22.15 -38.74 24.91
N LYS A 361 21.00 -39.36 25.12
CA LYS A 361 20.31 -40.11 24.08
C LYS A 361 18.92 -40.48 24.60
N GLY A 362 17.98 -40.59 23.68
CA GLY A 362 16.62 -40.93 24.06
C GLY A 362 15.67 -40.40 23.01
N THR A 363 14.38 -40.65 23.17
CA THR A 363 13.40 -40.18 22.20
C THR A 363 12.79 -38.91 22.75
N TRP A 364 13.66 -37.90 22.81
CA TRP A 364 13.34 -36.57 23.27
C TRP A 364 14.56 -35.77 22.77
N GLU A 365 14.60 -34.48 23.00
CA GLU A 365 15.75 -33.71 22.53
C GLU A 365 16.26 -32.71 23.54
N VAL A 366 17.54 -32.40 23.43
CA VAL A 366 18.12 -31.40 24.30
C VAL A 366 17.76 -30.11 23.60
N ILE A 367 17.09 -29.20 24.31
CA ILE A 367 16.72 -27.92 23.72
C ILE A 367 17.97 -27.03 23.63
N GLY A 368 18.73 -26.95 24.72
CA GLY A 368 19.92 -26.11 24.69
C GLY A 368 20.89 -26.40 25.82
N ILE A 369 22.16 -26.12 25.57
CA ILE A 369 23.21 -26.28 26.57
C ILE A 369 23.20 -24.94 27.31
N GLU A 370 22.90 -24.97 28.60
CA GLU A 370 22.78 -23.74 29.38
C GLU A 370 24.03 -23.30 30.14
N ALA A 371 24.87 -24.25 30.54
CA ALA A 371 26.08 -23.90 31.28
C ALA A 371 27.04 -25.07 31.33
N LEU A 372 28.32 -24.77 31.22
CA LEU A 372 29.34 -25.81 31.24
C LEU A 372 30.41 -25.51 32.29
N THR A 373 30.59 -26.44 33.23
CA THR A 373 31.61 -26.31 34.25
C THR A 373 32.55 -27.48 33.98
N SER A 374 33.69 -27.54 34.68
CA SER A 374 34.62 -28.65 34.46
C SER A 374 34.00 -29.93 35.01
N ASP A 375 33.00 -29.74 35.86
CA ASP A 375 32.30 -30.80 36.56
C ASP A 375 31.06 -31.33 35.83
N TYR A 376 30.06 -30.46 35.70
CA TYR A 376 28.80 -30.82 35.08
C TYR A 376 28.46 -30.00 33.83
N LEU A 377 27.50 -30.53 33.08
CA LEU A 377 26.97 -29.88 31.88
C LEU A 377 25.50 -29.67 32.23
N TYR A 378 25.05 -28.41 32.21
CA TYR A 378 23.65 -28.11 32.51
C TYR A 378 22.92 -27.91 31.18
N TYR A 379 21.72 -28.48 31.07
CA TYR A 379 20.94 -28.34 29.85
C TYR A 379 19.45 -28.45 30.08
N ILE A 380 18.69 -27.92 29.12
CA ILE A 380 17.24 -27.99 29.18
C ILE A 380 16.80 -28.97 28.11
N SER A 381 15.78 -29.76 28.43
CA SER A 381 15.27 -30.73 27.49
C SER A 381 13.83 -31.02 27.81
N ASN A 382 13.19 -31.79 26.93
CA ASN A 382 11.80 -32.16 27.13
C ASN A 382 11.65 -33.64 27.44
N GLU A 383 12.69 -34.25 28.02
CA GLU A 383 12.64 -35.67 28.34
C GLU A 383 11.53 -36.03 29.32
N TYR A 384 11.35 -35.16 30.32
CA TYR A 384 10.37 -35.40 31.37
C TYR A 384 8.96 -35.79 30.92
N LYS A 385 8.54 -36.96 31.37
CA LYS A 385 7.22 -37.52 31.07
C LYS A 385 6.91 -37.62 29.59
N GLY A 386 7.95 -37.67 28.78
CA GLY A 386 7.76 -37.78 27.34
C GLY A 386 6.94 -36.67 26.70
N MET A 387 6.85 -35.52 27.37
CA MET A 387 6.10 -34.38 26.85
C MET A 387 7.01 -33.43 26.09
N PRO A 388 6.92 -33.46 24.75
CA PRO A 388 7.76 -32.59 23.93
C PRO A 388 7.48 -31.11 24.17
N GLY A 389 6.33 -30.82 24.76
CA GLY A 389 5.96 -29.44 25.03
C GLY A 389 6.40 -28.92 26.38
N GLY A 390 7.15 -29.74 27.11
CA GLY A 390 7.64 -29.34 28.42
C GLY A 390 9.11 -28.98 28.38
N ARG A 391 9.61 -28.39 29.45
CA ARG A 391 11.01 -27.98 29.55
C ARG A 391 11.52 -28.12 30.98
N ASN A 392 12.65 -28.79 31.14
CA ASN A 392 13.23 -28.93 32.47
C ASN A 392 14.73 -28.79 32.42
N LEU A 393 15.31 -28.26 33.49
CA LEU A 393 16.76 -28.08 33.59
C LEU A 393 17.38 -29.32 34.18
N TYR A 394 18.42 -29.83 33.52
CA TYR A 394 19.12 -31.02 33.99
C TYR A 394 20.60 -30.74 34.05
N LYS A 395 21.30 -31.57 34.81
CA LYS A 395 22.75 -31.45 34.91
C LYS A 395 23.28 -32.87 34.79
N ILE A 396 24.25 -33.06 33.92
CA ILE A 396 24.83 -34.36 33.71
C ILE A 396 26.28 -34.33 34.20
N GLN A 397 26.71 -35.35 34.94
CA GLN A 397 28.07 -35.39 35.41
C GLN A 397 28.95 -35.76 34.22
N LEU A 398 29.94 -34.94 33.92
CA LEU A 398 30.82 -35.19 32.78
C LEU A 398 31.72 -36.41 32.88
N SER A 399 31.87 -36.96 34.08
CA SER A 399 32.70 -38.16 34.32
C SER A 399 31.89 -39.44 34.11
N ASP A 400 30.58 -39.34 34.30
CA ASP A 400 29.69 -40.49 34.21
C ASP A 400 28.33 -40.09 33.63
N TYR A 401 28.16 -40.26 32.32
CA TYR A 401 26.92 -39.89 31.64
C TYR A 401 25.68 -40.59 32.19
N THR A 402 25.90 -41.48 33.15
CA THR A 402 24.83 -42.23 33.80
C THR A 402 24.28 -41.38 34.94
N LYS A 403 25.11 -40.46 35.43
CA LYS A 403 24.70 -39.58 36.53
C LYS A 403 24.10 -38.27 35.99
N VAL A 404 22.80 -38.31 35.71
CA VAL A 404 22.10 -37.15 35.21
C VAL A 404 21.02 -36.78 36.20
N THR A 405 20.96 -35.51 36.58
CA THR A 405 19.97 -35.08 37.55
C THR A 405 19.05 -33.98 37.03
N CYS A 406 17.75 -34.18 37.22
CA CYS A 406 16.80 -33.15 36.79
C CYS A 406 16.68 -32.21 37.96
N LEU A 407 17.09 -30.97 37.75
CA LEU A 407 17.06 -29.95 38.78
C LEU A 407 15.71 -29.24 38.92
N SER A 408 14.81 -29.39 37.96
CA SER A 408 13.52 -28.70 38.02
C SER A 408 12.28 -29.57 37.99
N CYS A 409 12.34 -30.71 37.32
CA CYS A 409 11.20 -31.61 37.19
C CYS A 409 10.25 -31.65 38.39
N GLU A 410 10.80 -32.02 39.54
CA GLU A 410 10.04 -32.19 40.77
C GLU A 410 9.84 -31.00 41.72
N LEU A 411 10.37 -29.81 41.40
CA LEU A 411 10.20 -28.67 42.30
C LEU A 411 8.74 -28.35 42.65
N ASN A 412 7.84 -28.58 41.69
CA ASN A 412 6.40 -28.35 41.86
C ASN A 412 5.80 -28.76 40.53
N PRO A 413 5.70 -30.06 40.30
CA PRO A 413 5.18 -30.70 39.08
C PRO A 413 3.82 -30.23 38.59
N GLU A 414 2.95 -29.82 39.50
CA GLU A 414 1.62 -29.37 39.12
C GLU A 414 1.73 -28.06 38.36
N ARG A 415 2.31 -27.08 39.04
CA ARG A 415 2.45 -25.74 38.52
C ARG A 415 3.54 -25.50 37.48
N CYS A 416 4.61 -26.30 37.52
CA CYS A 416 5.72 -26.08 36.60
C CYS A 416 6.21 -27.23 35.74
N GLN A 417 6.11 -27.03 34.44
CA GLN A 417 6.52 -28.04 33.45
C GLN A 417 7.26 -27.39 32.28
N TYR A 418 7.55 -26.11 32.40
CA TYR A 418 8.24 -25.38 31.35
C TYR A 418 9.22 -24.39 31.99
N TYR A 419 10.49 -24.79 32.07
CA TYR A 419 11.52 -23.95 32.68
C TYR A 419 12.56 -23.42 31.71
N SER A 420 13.16 -22.30 32.11
CA SER A 420 14.24 -21.65 31.39
C SER A 420 15.18 -21.30 32.54
N VAL A 421 16.43 -20.93 32.25
CA VAL A 421 17.35 -20.65 33.34
C VAL A 421 18.39 -19.57 33.03
N SER A 422 18.83 -18.88 34.08
CA SER A 422 19.87 -17.86 33.97
C SER A 422 20.93 -18.13 35.04
N PHE A 423 22.11 -18.57 34.61
CA PHE A 423 23.21 -18.89 35.52
C PHE A 423 24.16 -17.70 35.73
N SER A 424 24.82 -17.68 36.88
CA SER A 424 25.78 -16.62 37.20
C SER A 424 27.03 -16.87 36.36
N LYS A 425 28.01 -15.95 36.42
CA LYS A 425 29.24 -16.08 35.64
C LYS A 425 29.93 -17.44 35.65
N GLU A 426 30.02 -18.06 36.82
CA GLU A 426 30.66 -19.36 36.93
C GLU A 426 29.62 -20.39 37.32
N ALA A 427 28.37 -20.10 37.02
CA ALA A 427 27.28 -21.00 37.32
C ALA A 427 27.27 -21.45 38.78
N LYS A 428 27.56 -20.54 39.69
CA LYS A 428 27.57 -20.87 41.11
C LYS A 428 26.13 -20.83 41.61
N TYR A 429 25.31 -20.07 40.90
CA TYR A 429 23.90 -19.93 41.23
C TYR A 429 23.15 -19.90 39.91
N TYR A 430 21.83 -20.03 40.01
CA TYR A 430 20.99 -19.96 38.83
C TYR A 430 19.58 -19.62 39.21
N GLN A 431 18.94 -18.83 38.35
CA GLN A 431 17.56 -18.44 38.55
C GLN A 431 16.71 -19.34 37.67
N LEU A 432 15.78 -20.06 38.28
CA LEU A 432 14.89 -20.92 37.50
C LEU A 432 13.67 -20.07 37.20
N ARG A 433 13.19 -20.16 35.97
CA ARG A 433 12.03 -19.39 35.54
C ARG A 433 10.95 -20.35 35.03
N CYS A 434 9.95 -20.59 35.86
CA CYS A 434 8.83 -21.46 35.52
C CYS A 434 7.78 -20.59 34.86
N SER A 435 7.43 -20.90 33.61
CA SER A 435 6.45 -20.10 32.91
C SER A 435 5.10 -20.78 32.64
N GLY A 436 4.88 -21.94 33.25
CA GLY A 436 3.61 -22.63 33.04
C GLY A 436 3.69 -24.06 33.55
N PRO A 437 2.58 -24.81 33.59
CA PRO A 437 1.23 -24.42 33.16
C PRO A 437 0.55 -23.50 34.17
N GLY A 438 1.05 -23.48 35.40
CA GLY A 438 0.49 -22.61 36.41
C GLY A 438 1.09 -21.23 36.23
N LEU A 439 0.90 -20.34 37.19
CA LEU A 439 1.43 -18.99 37.08
C LEU A 439 2.94 -18.96 37.17
N PRO A 440 3.59 -18.10 36.38
CA PRO A 440 5.04 -17.97 36.37
C PRO A 440 5.65 -17.83 37.75
N LEU A 441 6.69 -18.62 38.01
CA LEU A 441 7.39 -18.62 39.28
C LEU A 441 8.89 -18.49 39.08
N TYR A 442 9.51 -17.52 39.75
CA TYR A 442 10.95 -17.30 39.63
C TYR A 442 11.63 -17.61 40.95
N THR A 443 12.58 -18.53 40.91
CA THR A 443 13.31 -18.93 42.11
C THR A 443 14.83 -18.78 41.93
N LEU A 444 15.55 -18.80 43.06
CA LEU A 444 17.01 -18.68 43.03
C LEU A 444 17.60 -19.90 43.69
N HIS A 445 18.61 -20.49 43.04
CA HIS A 445 19.24 -21.68 43.58
C HIS A 445 20.76 -21.59 43.57
N SER A 446 21.40 -22.35 44.46
CA SER A 446 22.84 -22.41 44.54
C SER A 446 23.23 -23.76 43.93
N SER A 447 24.21 -23.76 43.03
CA SER A 447 24.64 -24.99 42.37
C SER A 447 25.34 -26.04 43.24
N VAL A 448 26.06 -25.61 44.27
CA VAL A 448 26.77 -26.57 45.12
C VAL A 448 25.91 -27.75 45.55
N ASN A 449 24.76 -27.48 46.16
CA ASN A 449 23.87 -28.55 46.61
C ASN A 449 22.51 -28.49 45.92
N ASP A 450 22.38 -27.60 44.94
CA ASP A 450 21.12 -27.47 44.23
C ASP A 450 19.97 -27.18 45.20
N LYS A 451 20.23 -26.31 46.17
CA LYS A 451 19.22 -25.95 47.14
C LYS A 451 18.46 -24.74 46.64
N GLY A 452 17.22 -24.62 47.05
CA GLY A 452 16.41 -23.49 46.67
C GLY A 452 16.70 -22.45 47.73
N LEU A 453 17.23 -21.30 47.33
CA LEU A 453 17.55 -20.25 48.28
C LEU A 453 16.32 -19.44 48.67
N ARG A 454 15.58 -18.95 47.67
CA ARG A 454 14.38 -18.19 47.93
C ARG A 454 13.59 -17.88 46.68
N VAL A 455 12.30 -17.63 46.88
CA VAL A 455 11.42 -17.28 45.77
C VAL A 455 11.66 -15.82 45.45
N LEU A 456 11.78 -15.51 44.16
CA LEU A 456 12.02 -14.15 43.71
C LEU A 456 10.75 -13.44 43.28
N GLU A 457 9.77 -14.22 42.80
CA GLU A 457 8.49 -13.69 42.37
C GLU A 457 7.55 -14.86 42.13
N ASP A 458 6.51 -14.96 42.93
CA ASP A 458 5.54 -16.04 42.80
C ASP A 458 4.21 -15.60 42.19
N ASN A 459 4.16 -14.36 41.69
CA ASN A 459 2.95 -13.82 41.09
C ASN A 459 1.71 -13.99 41.98
N SER A 460 1.86 -13.70 43.27
CA SER A 460 0.76 -13.82 44.20
C SER A 460 -0.27 -12.71 43.95
N ALA A 461 0.19 -11.58 43.42
CA ALA A 461 -0.70 -10.47 43.12
C ALA A 461 -1.69 -10.90 42.04
N LEU A 462 -1.17 -11.47 40.96
CA LEU A 462 -2.01 -11.94 39.87
C LEU A 462 -3.00 -13.00 40.35
N ASP A 463 -2.52 -13.90 41.20
CA ASP A 463 -3.37 -14.97 41.72
C ASP A 463 -4.57 -14.43 42.48
N LYS A 464 -4.40 -13.31 43.16
CA LYS A 464 -5.51 -12.71 43.87
C LYS A 464 -6.39 -11.98 42.86
N MET A 465 -5.78 -11.48 41.79
CA MET A 465 -6.53 -10.79 40.73
C MET A 465 -7.47 -11.72 39.95
N LEU A 466 -6.92 -12.84 39.49
CA LEU A 466 -7.67 -13.80 38.68
C LEU A 466 -8.73 -14.65 39.38
N GLN A 467 -8.62 -14.83 40.69
CA GLN A 467 -9.60 -15.64 41.42
C GLN A 467 -10.96 -14.97 41.28
N ASN A 468 -10.89 -13.73 40.84
CA ASN A 468 -12.05 -12.88 40.63
C ASN A 468 -12.70 -13.16 39.28
N VAL A 469 -11.89 -13.62 38.32
CA VAL A 469 -12.39 -13.88 36.98
C VAL A 469 -12.63 -15.35 36.65
N GLN A 470 -13.41 -15.57 35.59
CA GLN A 470 -13.73 -16.91 35.12
C GLN A 470 -12.70 -17.29 34.06
N MET A 471 -11.60 -17.86 34.51
CA MET A 471 -10.52 -18.27 33.61
C MET A 471 -10.79 -19.56 32.88
N PRO A 472 -10.26 -19.69 31.67
CA PRO A 472 -10.43 -20.88 30.85
C PRO A 472 -9.39 -21.90 31.29
N SER A 473 -9.60 -23.16 30.94
CA SER A 473 -8.64 -24.19 31.31
C SER A 473 -7.86 -24.59 30.07
N LYS A 474 -6.84 -25.42 30.25
CA LYS A 474 -6.03 -25.84 29.12
C LYS A 474 -5.79 -27.34 29.14
N LYS A 475 -6.02 -27.98 28.01
CA LYS A 475 -5.80 -29.41 27.88
C LYS A 475 -4.65 -29.60 26.89
N LEU A 476 -3.66 -30.38 27.28
CA LEU A 476 -2.50 -30.65 26.43
C LEU A 476 -2.46 -32.17 26.20
N ASP A 477 -2.79 -32.62 25.00
CA ASP A 477 -2.80 -34.05 24.72
C ASP A 477 -2.31 -34.37 23.32
N PHE A 478 -2.54 -35.60 22.86
CA PHE A 478 -2.12 -36.01 21.53
C PHE A 478 -3.07 -37.00 20.89
N ILE A 479 -2.99 -37.13 19.58
CA ILE A 479 -3.79 -38.06 18.82
C ILE A 479 -2.75 -38.89 18.06
N ILE A 480 -3.09 -40.12 17.71
CA ILE A 480 -2.15 -41.00 17.00
C ILE A 480 -2.48 -41.16 15.52
N LEU A 481 -1.56 -40.70 14.68
CA LEU A 481 -1.70 -40.79 13.23
C LEU A 481 -0.55 -41.64 12.70
N ASN A 482 -0.87 -42.58 11.80
CA ASN A 482 0.13 -43.45 11.21
C ASN A 482 1.37 -43.68 12.08
N GLU A 483 1.19 -44.40 13.20
CA GLU A 483 2.30 -44.73 14.11
C GLU A 483 2.88 -43.62 14.97
N THR A 484 2.64 -42.36 14.61
CA THR A 484 3.19 -41.24 15.37
C THR A 484 2.16 -40.51 16.20
N LYS A 485 2.60 -39.98 17.34
CA LYS A 485 1.68 -39.23 18.18
C LYS A 485 1.97 -37.75 17.93
N PHE A 486 0.91 -36.97 17.74
CA PHE A 486 1.06 -35.55 17.48
C PHE A 486 0.33 -34.77 18.55
N TRP A 487 1.04 -33.86 19.20
CA TRP A 487 0.45 -33.09 20.27
C TRP A 487 -0.35 -31.88 19.80
N TYR A 488 -1.30 -31.50 20.65
CA TYR A 488 -2.16 -30.35 20.40
C TYR A 488 -2.55 -29.85 21.77
N GLN A 489 -3.05 -28.62 21.84
CA GLN A 489 -3.51 -28.05 23.09
C GLN A 489 -4.84 -27.37 22.80
N MET A 490 -5.63 -27.15 23.84
CA MET A 490 -6.92 -26.51 23.69
C MET A 490 -7.15 -25.54 24.84
N ILE A 491 -7.52 -24.32 24.50
CA ILE A 491 -7.85 -23.33 25.50
C ILE A 491 -9.36 -23.56 25.59
N LEU A 492 -9.80 -24.10 26.72
CA LEU A 492 -11.20 -24.43 26.93
C LEU A 492 -11.97 -23.43 27.76
N PRO A 493 -13.17 -23.05 27.31
CA PRO A 493 -14.01 -22.09 28.04
C PRO A 493 -14.33 -22.58 29.46
N PRO A 494 -14.50 -21.64 30.39
CA PRO A 494 -14.82 -21.95 31.79
C PRO A 494 -16.06 -22.80 31.87
N HIS A 495 -16.17 -23.62 32.90
CA HIS A 495 -17.33 -24.49 33.06
C HIS A 495 -17.59 -25.24 31.77
N PHE A 496 -16.52 -25.79 31.22
CA PHE A 496 -16.59 -26.54 29.98
C PHE A 496 -17.48 -27.76 30.11
N ASP A 497 -18.56 -27.78 29.34
CA ASP A 497 -19.52 -28.87 29.35
C ASP A 497 -19.44 -29.64 28.03
N LYS A 498 -18.87 -30.84 28.06
CA LYS A 498 -18.73 -31.63 26.84
C LYS A 498 -20.09 -32.02 26.24
N SER A 499 -21.16 -31.58 26.88
CA SER A 499 -22.52 -31.87 26.42
C SER A 499 -22.94 -30.83 25.37
N LYS A 500 -22.37 -29.64 25.50
CA LYS A 500 -22.64 -28.52 24.61
C LYS A 500 -21.65 -28.53 23.45
N LYS A 501 -22.01 -27.86 22.35
CA LYS A 501 -21.14 -27.80 21.19
C LYS A 501 -20.53 -26.41 21.10
N TYR A 502 -19.22 -26.33 21.24
CA TYR A 502 -18.54 -25.04 21.19
C TYR A 502 -17.93 -24.73 19.84
N PRO A 503 -17.92 -23.45 19.46
CA PRO A 503 -17.31 -23.13 18.17
C PRO A 503 -15.80 -23.30 18.43
N LEU A 504 -15.02 -23.57 17.40
CA LEU A 504 -13.59 -23.75 17.62
C LEU A 504 -12.75 -22.96 16.65
N LEU A 505 -11.67 -22.39 17.18
CA LEU A 505 -10.74 -21.58 16.41
C LEU A 505 -9.37 -22.27 16.42
N LEU A 506 -8.85 -22.55 15.23
CA LEU A 506 -7.55 -23.20 15.14
C LEU A 506 -6.49 -22.10 15.03
N ASP A 507 -5.65 -22.03 16.05
CA ASP A 507 -4.55 -21.06 16.15
C ASP A 507 -3.29 -21.74 15.58
N VAL A 508 -2.84 -21.29 14.40
CA VAL A 508 -1.69 -21.93 13.77
C VAL A 508 -0.43 -21.11 13.49
N TYR A 509 0.69 -21.82 13.47
CA TYR A 509 2.02 -21.32 13.14
C TYR A 509 2.41 -22.41 12.16
N ALA A 510 2.83 -23.56 12.69
CA ALA A 510 3.16 -24.72 11.88
C ALA A 510 4.34 -24.65 10.93
N GLY A 511 5.21 -23.66 11.10
CA GLY A 511 6.39 -23.57 10.26
C GLY A 511 7.40 -24.63 10.70
N PRO A 512 8.51 -24.84 9.98
CA PRO A 512 9.49 -25.85 10.40
C PRO A 512 10.09 -25.58 11.77
N CYS A 513 10.10 -26.63 12.60
CA CYS A 513 10.61 -26.61 13.98
C CYS A 513 9.72 -25.76 14.88
N SER A 514 8.45 -25.65 14.51
CA SER A 514 7.49 -24.88 15.29
C SER A 514 6.90 -25.77 16.38
N GLN A 515 6.43 -25.14 17.46
CA GLN A 515 5.77 -25.88 18.54
C GLN A 515 4.68 -24.97 19.09
N LYS A 516 3.44 -25.41 18.99
CA LYS A 516 2.31 -24.63 19.48
C LYS A 516 1.55 -25.28 20.61
N ALA A 517 1.88 -26.53 20.90
CA ALA A 517 1.24 -27.24 21.99
C ALA A 517 2.31 -27.33 23.09
N ASP A 518 2.18 -26.48 24.11
CA ASP A 518 3.16 -26.48 25.19
C ASP A 518 2.47 -26.24 26.53
N THR A 519 3.26 -26.26 27.60
CA THR A 519 2.70 -26.08 28.93
C THR A 519 2.84 -24.65 29.48
N VAL A 520 3.10 -23.71 28.58
CA VAL A 520 3.27 -22.32 28.96
C VAL A 520 1.94 -21.66 29.37
N PHE A 521 2.00 -20.79 30.37
CA PHE A 521 0.80 -20.07 30.83
C PHE A 521 0.77 -18.73 30.11
N ARG A 522 -0.37 -18.41 29.51
CA ARG A 522 -0.48 -17.13 28.80
C ARG A 522 -1.80 -16.41 29.05
N LEU A 523 -1.77 -15.11 28.82
CA LEU A 523 -2.94 -14.23 28.94
C LEU A 523 -2.92 -13.51 27.59
N ASN A 524 -3.74 -13.98 26.66
CA ASN A 524 -3.77 -13.41 25.33
C ASN A 524 -5.15 -13.42 24.68
N TRP A 525 -5.17 -13.19 23.37
CA TRP A 525 -6.41 -13.15 22.62
C TRP A 525 -7.23 -14.42 22.88
N ALA A 526 -6.59 -15.57 22.72
CA ALA A 526 -7.26 -16.85 22.93
C ALA A 526 -7.86 -16.96 24.33
N THR A 527 -7.22 -16.33 25.31
CA THR A 527 -7.74 -16.38 26.67
C THR A 527 -9.13 -15.76 26.65
N TYR A 528 -9.22 -14.57 26.05
CA TYR A 528 -10.48 -13.85 25.94
C TYR A 528 -11.52 -14.62 25.12
N LEU A 529 -11.12 -15.12 23.95
CA LEU A 529 -12.04 -15.85 23.10
C LEU A 529 -12.70 -17.03 23.81
N ALA A 530 -11.96 -17.71 24.67
CA ALA A 530 -12.51 -18.84 25.42
C ALA A 530 -13.31 -18.37 26.62
N SER A 531 -12.74 -17.46 27.40
CA SER A 531 -13.38 -16.93 28.60
C SER A 531 -14.67 -16.16 28.30
N THR A 532 -14.55 -15.10 27.51
CA THR A 532 -15.70 -14.27 27.17
C THR A 532 -16.57 -14.77 26.02
N GLU A 533 -15.98 -15.20 24.92
CA GLU A 533 -16.77 -15.67 23.79
C GLU A 533 -17.14 -17.16 23.81
N ASN A 534 -16.59 -17.91 24.76
CA ASN A 534 -16.87 -19.34 24.86
C ASN A 534 -16.40 -20.10 23.63
N ILE A 535 -15.27 -19.68 23.09
CA ILE A 535 -14.71 -20.34 21.93
C ILE A 535 -13.54 -21.20 22.37
N ILE A 536 -13.42 -22.39 21.79
CA ILE A 536 -12.32 -23.28 22.11
C ILE A 536 -11.18 -22.89 21.16
N VAL A 537 -10.00 -22.56 21.70
CA VAL A 537 -8.89 -22.22 20.83
C VAL A 537 -7.88 -23.36 20.86
N ALA A 538 -7.68 -24.00 19.72
CA ALA A 538 -6.76 -25.12 19.64
C ALA A 538 -5.54 -24.89 18.73
N SER A 539 -4.48 -25.63 19.02
CA SER A 539 -3.25 -25.58 18.24
C SER A 539 -2.78 -27.01 18.07
N PHE A 540 -2.15 -27.29 16.94
CA PHE A 540 -1.69 -28.63 16.66
C PHE A 540 -0.29 -28.62 16.07
N ASP A 541 0.56 -29.52 16.57
CA ASP A 541 1.92 -29.64 16.05
C ASP A 541 2.00 -30.88 15.19
N GLY A 542 1.87 -30.70 13.88
CA GLY A 542 1.91 -31.82 12.95
C GLY A 542 3.27 -32.00 12.30
N ARG A 543 3.26 -32.52 11.06
CA ARG A 543 4.51 -32.73 10.32
C ARG A 543 5.28 -31.40 10.16
N GLY A 544 6.60 -31.46 10.29
CA GLY A 544 7.41 -30.27 10.18
C GLY A 544 7.64 -29.66 11.56
N SER A 545 6.82 -30.09 12.51
CA SER A 545 6.87 -29.64 13.90
C SER A 545 8.28 -29.88 14.50
N GLY A 546 8.62 -29.11 15.53
CA GLY A 546 9.95 -29.26 16.13
C GLY A 546 10.07 -29.95 17.49
N TYR A 547 11.33 -30.16 17.89
CA TYR A 547 11.66 -30.76 19.18
C TYR A 547 11.23 -32.22 19.38
N GLN A 548 10.94 -32.92 18.29
CA GLN A 548 10.51 -34.31 18.37
C GLN A 548 11.28 -35.20 17.40
N GLY A 549 12.48 -34.77 17.03
CA GLY A 549 13.29 -35.55 16.11
C GLY A 549 13.11 -35.14 14.68
N ASP A 550 14.10 -35.49 13.86
CA ASP A 550 14.10 -35.17 12.44
C ASP A 550 13.03 -35.87 11.60
N LYS A 551 12.62 -37.07 11.99
CA LYS A 551 11.60 -37.76 11.20
C LYS A 551 10.40 -36.85 11.05
N ILE A 552 10.07 -36.15 12.13
CA ILE A 552 8.95 -35.22 12.13
C ILE A 552 9.31 -33.90 11.45
N MET A 553 10.28 -33.21 12.03
CA MET A 553 10.73 -31.92 11.54
C MET A 553 11.16 -31.89 10.07
N HIS A 554 11.83 -32.94 9.62
CA HIS A 554 12.29 -32.96 8.22
C HIS A 554 11.26 -33.50 7.22
N ALA A 555 10.06 -33.81 7.71
CA ALA A 555 9.03 -34.33 6.83
C ALA A 555 8.63 -33.34 5.72
N ILE A 556 8.80 -32.05 5.97
CA ILE A 556 8.42 -31.07 4.96
C ILE A 556 9.63 -30.52 4.20
N ASN A 557 10.77 -31.18 4.34
CA ASN A 557 11.97 -30.73 3.63
C ASN A 557 11.69 -30.60 2.13
N ARG A 558 11.96 -29.42 1.59
CA ARG A 558 11.74 -29.16 0.17
C ARG A 558 10.27 -29.24 -0.21
N ARG A 559 9.39 -29.38 0.77
CA ARG A 559 7.96 -29.48 0.51
C ARG A 559 7.08 -28.61 1.40
N LEU A 560 7.46 -27.34 1.56
CA LEU A 560 6.67 -26.43 2.38
C LEU A 560 5.28 -26.25 1.76
N GLY A 561 4.28 -26.04 2.61
CA GLY A 561 2.94 -25.86 2.12
C GLY A 561 2.26 -27.16 1.75
N THR A 562 2.73 -28.28 2.30
CA THR A 562 2.12 -29.56 2.00
C THR A 562 1.61 -30.27 3.25
N PHE A 563 2.47 -31.08 3.87
CA PHE A 563 2.07 -31.85 5.04
C PHE A 563 1.68 -31.03 6.25
N GLU A 564 2.30 -29.88 6.45
CA GLU A 564 1.95 -29.09 7.62
C GLU A 564 0.56 -28.48 7.50
N VAL A 565 0.15 -28.11 6.28
CA VAL A 565 -1.18 -27.56 6.11
C VAL A 565 -2.22 -28.69 6.18
N GLU A 566 -1.88 -29.84 5.58
CA GLU A 566 -2.76 -31.02 5.60
C GLU A 566 -3.01 -31.52 7.02
N ASP A 567 -1.94 -31.58 7.82
CA ASP A 567 -2.08 -32.05 9.20
C ASP A 567 -2.91 -31.10 10.04
N GLN A 568 -2.89 -29.82 9.65
CA GLN A 568 -3.65 -28.80 10.33
C GLN A 568 -5.12 -29.08 10.04
N ILE A 569 -5.39 -29.41 8.79
CA ILE A 569 -6.74 -29.73 8.35
C ILE A 569 -7.18 -31.03 9.02
N GLU A 570 -6.36 -32.06 8.87
CA GLU A 570 -6.63 -33.37 9.44
C GLU A 570 -6.92 -33.27 10.93
N ALA A 571 -6.19 -32.40 11.62
CA ALA A 571 -6.38 -32.24 13.05
C ALA A 571 -7.71 -31.58 13.40
N ALA A 572 -8.14 -30.63 12.57
CA ALA A 572 -9.40 -29.95 12.79
C ALA A 572 -10.53 -30.98 12.60
N ARG A 573 -10.38 -31.86 11.63
CA ARG A 573 -11.40 -32.88 11.40
C ARG A 573 -11.57 -33.72 12.64
N GLN A 574 -10.44 -34.05 13.27
CA GLN A 574 -10.49 -34.85 14.47
C GLN A 574 -11.16 -34.09 15.61
N PHE A 575 -10.81 -32.82 15.79
CA PHE A 575 -11.43 -32.05 16.84
C PHE A 575 -12.92 -31.99 16.56
N SER A 576 -13.28 -31.78 15.30
CA SER A 576 -14.68 -31.69 14.90
C SER A 576 -15.44 -32.98 15.13
N LYS A 577 -14.71 -34.08 15.30
CA LYS A 577 -15.34 -35.38 15.56
C LYS A 577 -15.18 -35.78 17.02
N MET A 578 -15.04 -34.78 17.90
CA MET A 578 -14.88 -35.08 19.31
C MET A 578 -16.17 -34.92 20.11
N GLY A 579 -17.19 -34.33 19.49
CA GLY A 579 -18.47 -34.19 20.16
C GLY A 579 -18.82 -32.85 20.79
N PHE A 580 -17.82 -32.14 21.29
CA PHE A 580 -18.08 -30.85 21.92
C PHE A 580 -17.72 -29.70 20.98
N VAL A 581 -17.44 -30.03 19.72
CA VAL A 581 -17.08 -29.04 18.73
C VAL A 581 -18.19 -28.85 17.69
N ASP A 582 -18.65 -27.62 17.52
CA ASP A 582 -19.69 -27.30 16.54
C ASP A 582 -19.01 -27.29 15.18
N ASN A 583 -19.20 -28.36 14.42
CA ASN A 583 -18.58 -28.49 13.11
C ASN A 583 -18.92 -27.40 12.09
N LYS A 584 -20.00 -26.68 12.33
CA LYS A 584 -20.39 -25.62 11.40
C LYS A 584 -19.77 -24.30 11.82
N ARG A 585 -19.00 -24.33 12.90
CA ARG A 585 -18.35 -23.13 13.38
C ARG A 585 -16.90 -23.34 13.78
N ILE A 586 -16.09 -23.65 12.78
CA ILE A 586 -14.67 -23.87 12.99
C ILE A 586 -13.96 -22.83 12.14
N ALA A 587 -13.03 -22.11 12.76
CA ALA A 587 -12.28 -21.07 12.08
C ALA A 587 -10.79 -21.37 12.24
N ILE A 588 -9.97 -20.64 11.48
CA ILE A 588 -8.53 -20.82 11.52
C ILE A 588 -7.81 -19.48 11.36
N TRP A 589 -6.75 -19.27 12.11
CA TRP A 589 -6.02 -18.01 11.98
C TRP A 589 -4.54 -18.20 12.25
N GLY A 590 -3.75 -17.37 11.59
CA GLY A 590 -2.31 -17.47 11.72
C GLY A 590 -1.65 -16.18 11.34
N TRP A 591 -0.54 -15.91 12.02
CA TRP A 591 0.27 -14.72 11.80
C TRP A 591 1.57 -15.26 11.22
N SER A 592 2.19 -14.54 10.29
CA SER A 592 3.45 -15.00 9.71
C SER A 592 3.31 -16.30 8.94
N TYR A 593 4.07 -17.32 9.36
CA TYR A 593 4.00 -18.61 8.71
C TYR A 593 2.58 -19.15 8.96
N GLY A 594 2.03 -18.81 10.12
CA GLY A 594 0.69 -19.26 10.43
C GLY A 594 -0.27 -18.62 9.44
N GLY A 595 0.07 -17.41 9.01
CA GLY A 595 -0.75 -16.71 8.03
C GLY A 595 -0.74 -17.42 6.70
N TYR A 596 0.45 -17.90 6.30
CA TYR A 596 0.61 -18.63 5.06
C TYR A 596 -0.18 -19.94 5.11
N VAL A 597 0.03 -20.70 6.19
CA VAL A 597 -0.65 -21.98 6.37
C VAL A 597 -2.16 -21.80 6.45
N THR A 598 -2.59 -20.79 7.20
CA THR A 598 -4.02 -20.50 7.35
C THR A 598 -4.61 -20.26 5.97
N SER A 599 -3.82 -19.60 5.12
CA SER A 599 -4.23 -19.29 3.78
C SER A 599 -4.29 -20.51 2.87
N MET A 600 -3.24 -21.32 2.93
CA MET A 600 -3.18 -22.54 2.12
C MET A 600 -4.36 -23.43 2.48
N VAL A 601 -4.69 -23.46 3.77
CA VAL A 601 -5.80 -24.26 4.29
C VAL A 601 -7.13 -23.76 3.76
N LEU A 602 -7.37 -22.46 3.89
CA LEU A 602 -8.61 -21.88 3.40
C LEU A 602 -8.79 -22.10 1.90
N GLY A 603 -7.67 -22.17 1.18
CA GLY A 603 -7.75 -22.38 -0.25
C GLY A 603 -7.59 -23.84 -0.65
N SER A 604 -7.64 -24.72 0.34
CA SER A 604 -7.47 -26.15 0.10
C SER A 604 -8.76 -26.83 -0.36
N GLY A 605 -9.90 -26.18 -0.14
CA GLY A 605 -11.16 -26.80 -0.52
C GLY A 605 -11.56 -27.90 0.44
N SER A 606 -10.92 -27.93 1.60
CA SER A 606 -11.22 -28.95 2.62
C SER A 606 -12.71 -29.05 3.02
N GLY A 607 -13.36 -27.89 3.19
CA GLY A 607 -14.76 -27.89 3.59
C GLY A 607 -14.92 -27.88 5.10
N VAL A 608 -13.81 -27.81 5.82
CA VAL A 608 -13.85 -27.82 7.28
C VAL A 608 -14.06 -26.46 7.93
N PHE A 609 -13.42 -25.44 7.39
CA PHE A 609 -13.51 -24.10 7.98
C PHE A 609 -14.46 -23.13 7.32
N LYS A 610 -15.31 -22.52 8.15
CA LYS A 610 -16.27 -21.54 7.70
C LYS A 610 -15.51 -20.27 7.37
N CYS A 611 -14.55 -19.92 8.22
CA CYS A 611 -13.78 -18.70 8.05
C CYS A 611 -12.36 -18.79 8.60
N GLY A 612 -11.55 -17.79 8.29
CA GLY A 612 -10.18 -17.76 8.76
C GLY A 612 -9.56 -16.39 8.60
N ILE A 613 -8.57 -16.09 9.44
CA ILE A 613 -7.88 -14.80 9.41
C ILE A 613 -6.39 -15.03 9.19
N ALA A 614 -5.80 -14.29 8.27
CA ALA A 614 -4.38 -14.42 7.99
C ALA A 614 -3.71 -13.06 8.15
N VAL A 615 -2.74 -12.99 9.06
CA VAL A 615 -2.03 -11.75 9.32
C VAL A 615 -0.59 -11.79 8.77
N ALA A 616 -0.24 -10.81 7.93
CA ALA A 616 1.09 -10.70 7.34
C ALA A 616 1.63 -12.07 6.93
N PRO A 617 0.93 -12.75 6.02
CA PRO A 617 1.36 -14.08 5.58
C PRO A 617 2.27 -14.05 4.37
N VAL A 618 2.96 -15.16 4.15
CA VAL A 618 3.81 -15.34 2.98
C VAL A 618 2.80 -15.90 1.97
N SER A 619 2.92 -15.54 0.70
CA SER A 619 2.00 -16.03 -0.33
C SER A 619 2.73 -16.84 -1.41
N ARG A 620 4.02 -16.58 -1.59
CA ARG A 620 4.82 -17.34 -2.56
C ARG A 620 6.26 -17.28 -2.12
N TRP A 621 6.86 -18.44 -1.96
CA TRP A 621 8.21 -18.51 -1.48
C TRP A 621 9.27 -17.71 -2.23
N GLU A 622 8.99 -17.34 -3.48
CA GLU A 622 9.97 -16.54 -4.20
C GLU A 622 10.00 -15.08 -3.68
N TYR A 623 8.98 -14.68 -2.93
CA TYR A 623 8.91 -13.32 -2.38
C TYR A 623 9.62 -13.24 -1.03
N TYR A 624 9.81 -14.38 -0.37
CA TYR A 624 10.45 -14.35 0.93
C TYR A 624 11.97 -14.44 0.85
N ASP A 625 12.67 -14.14 1.95
CA ASP A 625 14.12 -14.13 1.92
C ASP A 625 14.79 -15.46 1.66
N SER A 626 15.95 -15.36 1.03
CA SER A 626 16.78 -16.49 0.65
C SER A 626 17.15 -17.41 1.80
N VAL A 627 17.87 -16.88 2.78
CA VAL A 627 18.34 -17.69 3.89
C VAL A 627 17.27 -18.56 4.54
N TYR A 628 16.09 -18.01 4.83
CA TYR A 628 15.05 -18.81 5.45
C TYR A 628 14.37 -19.76 4.48
N THR A 629 13.91 -19.22 3.35
CA THR A 629 13.22 -20.00 2.33
C THR A 629 14.04 -21.17 1.78
N GLU A 630 15.23 -20.85 1.29
CA GLU A 630 16.11 -21.84 0.70
C GLU A 630 16.54 -22.93 1.69
N ARG A 631 16.50 -22.62 2.97
CA ARG A 631 16.88 -23.60 3.98
C ARG A 631 15.91 -24.79 3.93
N TYR A 632 14.71 -24.56 3.44
CA TYR A 632 13.73 -25.63 3.38
C TYR A 632 13.34 -25.94 1.96
N MET A 633 13.41 -24.93 1.09
CA MET A 633 12.97 -25.08 -0.28
C MET A 633 14.04 -25.27 -1.34
N GLY A 634 15.31 -25.22 -0.94
CA GLY A 634 16.36 -25.35 -1.94
C GLY A 634 16.31 -24.09 -2.78
N LEU A 635 16.82 -24.16 -4.01
CA LEU A 635 16.84 -23.01 -4.91
C LEU A 635 15.65 -23.00 -5.90
N PRO A 636 15.06 -21.82 -6.16
CA PRO A 636 13.93 -21.71 -7.10
C PRO A 636 14.38 -21.78 -8.56
N THR A 637 14.98 -22.90 -8.91
CA THR A 637 15.46 -23.10 -10.27
C THR A 637 14.95 -24.42 -10.80
N PRO A 638 14.80 -24.54 -12.13
CA PRO A 638 14.31 -25.82 -12.65
C PRO A 638 15.22 -26.99 -12.30
N GLU A 639 16.52 -26.75 -12.20
CA GLU A 639 17.47 -27.81 -11.86
C GLU A 639 17.31 -28.25 -10.41
N ASP A 640 16.61 -27.44 -9.63
CA ASP A 640 16.44 -27.75 -8.23
C ASP A 640 15.01 -27.95 -7.78
N ASN A 641 14.39 -26.91 -7.26
CA ASN A 641 13.03 -27.03 -6.74
C ASN A 641 12.00 -26.01 -7.25
N LEU A 642 12.24 -25.43 -8.42
CA LEU A 642 11.32 -24.44 -8.97
C LEU A 642 9.86 -24.92 -9.04
N ASP A 643 9.65 -26.17 -9.46
CA ASP A 643 8.29 -26.71 -9.56
C ASP A 643 7.46 -26.61 -8.28
N HIS A 644 8.07 -26.92 -7.14
CA HIS A 644 7.32 -26.82 -5.90
C HIS A 644 7.18 -25.37 -5.44
N TYR A 645 8.17 -24.55 -5.76
CA TYR A 645 8.10 -23.12 -5.42
C TYR A 645 6.80 -22.61 -6.05
N ARG A 646 6.66 -22.90 -7.34
CA ARG A 646 5.49 -22.47 -8.12
C ARG A 646 4.20 -23.20 -7.77
N ASN A 647 4.32 -24.38 -7.18
CA ASN A 647 3.14 -25.16 -6.81
C ASN A 647 2.60 -24.88 -5.42
N SER A 648 3.34 -24.12 -4.63
CA SER A 648 2.94 -23.86 -3.25
C SER A 648 2.52 -22.42 -2.94
N THR A 649 2.01 -21.71 -3.94
CA THR A 649 1.60 -20.33 -3.72
C THR A 649 0.12 -20.30 -3.30
N VAL A 650 -0.26 -19.29 -2.53
CA VAL A 650 -1.63 -19.14 -2.10
C VAL A 650 -2.50 -18.72 -3.28
N MET A 651 -1.98 -17.81 -4.12
CA MET A 651 -2.77 -17.32 -5.26
C MET A 651 -3.31 -18.41 -6.19
N SER A 652 -2.59 -19.51 -6.35
CA SER A 652 -3.05 -20.57 -7.24
C SER A 652 -4.23 -21.31 -6.62
N ARG A 653 -4.52 -21.01 -5.36
CA ARG A 653 -5.63 -21.63 -4.64
C ARG A 653 -6.83 -20.69 -4.56
N ALA A 654 -6.68 -19.51 -5.15
CA ALA A 654 -7.71 -18.48 -5.16
C ALA A 654 -9.14 -18.93 -5.40
N GLU A 655 -9.35 -19.76 -6.41
CA GLU A 655 -10.72 -20.20 -6.73
C GLU A 655 -11.42 -20.83 -5.53
N ASN A 656 -10.66 -21.60 -4.74
CA ASN A 656 -11.22 -22.27 -3.57
C ASN A 656 -11.69 -21.34 -2.45
N PHE A 657 -11.23 -20.09 -2.45
CA PHE A 657 -11.67 -19.16 -1.40
C PHE A 657 -13.17 -18.80 -1.53
N LYS A 658 -13.77 -19.14 -2.67
CA LYS A 658 -15.21 -18.89 -2.90
C LYS A 658 -16.04 -19.57 -1.83
N GLN A 659 -15.46 -20.58 -1.17
CA GLN A 659 -16.16 -21.32 -0.14
C GLN A 659 -15.98 -20.81 1.29
N VAL A 660 -15.09 -19.86 1.50
CA VAL A 660 -14.86 -19.36 2.85
C VAL A 660 -14.95 -17.84 3.02
N GLU A 661 -15.00 -17.43 4.28
CA GLU A 661 -15.03 -16.01 4.65
C GLU A 661 -13.60 -15.75 5.11
N TYR A 662 -12.90 -14.90 4.37
CA TYR A 662 -11.49 -14.62 4.61
C TYR A 662 -11.18 -13.18 4.99
N LEU A 663 -10.30 -13.01 5.97
CA LEU A 663 -9.86 -11.70 6.43
C LEU A 663 -8.36 -11.68 6.20
N LEU A 664 -7.88 -10.66 5.47
CA LEU A 664 -6.47 -10.52 5.11
C LEU A 664 -5.87 -9.25 5.72
N ILE A 665 -4.84 -9.38 6.56
CA ILE A 665 -4.25 -8.22 7.21
C ILE A 665 -2.75 -8.09 6.98
N HIS A 666 -2.26 -6.85 6.87
CA HIS A 666 -0.85 -6.64 6.63
C HIS A 666 -0.40 -5.20 6.84
N GLY A 667 0.71 -5.02 7.55
CA GLY A 667 1.25 -3.69 7.77
C GLY A 667 1.93 -3.29 6.46
N THR A 668 1.78 -2.03 6.07
CA THR A 668 2.38 -1.53 4.81
C THR A 668 3.88 -1.33 4.86
N ALA A 669 4.42 -1.21 6.08
CA ALA A 669 5.85 -1.02 6.29
C ALA A 669 6.55 -2.32 6.72
N ASP A 670 5.95 -3.46 6.41
CA ASP A 670 6.55 -4.76 6.76
C ASP A 670 7.80 -4.95 5.92
N ASP A 671 8.97 -4.91 6.56
CA ASP A 671 10.25 -5.07 5.90
C ASP A 671 10.65 -6.54 5.77
N ASN A 672 9.92 -7.39 6.49
CA ASN A 672 10.18 -8.84 6.55
C ASN A 672 9.33 -9.59 5.53
N VAL A 673 8.04 -9.74 5.82
CA VAL A 673 7.15 -10.38 4.86
C VAL A 673 6.54 -9.14 4.20
N HIS A 674 7.00 -8.82 3.00
CA HIS A 674 6.56 -7.63 2.28
C HIS A 674 5.08 -7.55 1.98
N PHE A 675 4.53 -6.35 2.13
CA PHE A 675 3.12 -6.08 1.88
C PHE A 675 2.78 -6.73 0.54
N GLN A 676 3.76 -6.70 -0.37
CA GLN A 676 3.64 -7.28 -1.69
C GLN A 676 3.03 -8.68 -1.64
N GLN A 677 3.32 -9.44 -0.59
CA GLN A 677 2.80 -10.79 -0.48
C GLN A 677 1.26 -10.84 -0.38
N SER A 678 0.70 -9.94 0.46
CA SER A 678 -0.74 -9.88 0.61
C SER A 678 -1.38 -9.12 -0.56
N ALA A 679 -0.59 -8.24 -1.18
CA ALA A 679 -1.06 -7.48 -2.32
C ALA A 679 -1.33 -8.45 -3.48
N GLN A 680 -0.55 -9.52 -3.53
CA GLN A 680 -0.72 -10.51 -4.59
C GLN A 680 -1.84 -11.49 -4.27
N ILE A 681 -2.12 -11.71 -3.00
CA ILE A 681 -3.23 -12.59 -2.66
C ILE A 681 -4.52 -11.85 -3.02
N SER A 682 -4.65 -10.61 -2.55
CA SER A 682 -5.86 -9.82 -2.79
C SER A 682 -6.15 -9.73 -4.28
N LYS A 683 -5.12 -9.55 -5.08
CA LYS A 683 -5.31 -9.44 -6.53
C LYS A 683 -5.78 -10.75 -7.17
N ALA A 684 -5.28 -11.88 -6.67
CA ALA A 684 -5.68 -13.17 -7.22
C ALA A 684 -7.14 -13.42 -6.84
N LEU A 685 -7.48 -13.05 -5.62
CA LEU A 685 -8.85 -13.24 -5.16
C LEU A 685 -9.78 -12.37 -5.98
N VAL A 686 -9.34 -11.16 -6.30
CA VAL A 686 -10.18 -10.27 -7.09
C VAL A 686 -10.34 -10.77 -8.52
N ASP A 687 -9.24 -11.18 -9.15
CA ASP A 687 -9.30 -11.66 -10.52
C ASP A 687 -10.18 -12.89 -10.72
N VAL A 688 -10.36 -13.65 -9.65
CA VAL A 688 -11.17 -14.86 -9.73
C VAL A 688 -12.57 -14.62 -9.13
N GLY A 689 -12.82 -13.37 -8.73
CA GLY A 689 -14.11 -12.98 -8.20
C GLY A 689 -14.50 -13.43 -6.80
N VAL A 690 -13.56 -13.38 -5.87
CA VAL A 690 -13.83 -13.79 -4.49
C VAL A 690 -13.96 -12.62 -3.51
N ASP A 691 -15.12 -12.52 -2.87
CA ASP A 691 -15.27 -11.44 -1.91
C ASP A 691 -14.58 -11.89 -0.63
N PHE A 692 -13.99 -10.94 0.08
CA PHE A 692 -13.28 -11.22 1.33
C PHE A 692 -13.07 -9.90 2.06
N GLN A 693 -12.62 -9.98 3.31
CA GLN A 693 -12.38 -8.78 4.10
C GLN A 693 -10.89 -8.45 4.07
N ALA A 694 -10.57 -7.16 4.20
CA ALA A 694 -9.17 -6.77 4.17
C ALA A 694 -8.87 -5.60 5.09
N MET A 695 -7.63 -5.52 5.55
CA MET A 695 -7.21 -4.44 6.43
C MET A 695 -5.72 -4.22 6.37
N TRP A 696 -5.31 -3.02 5.99
CA TRP A 696 -3.90 -2.69 5.94
C TRP A 696 -3.64 -1.83 7.16
N TYR A 697 -2.39 -1.84 7.65
CA TYR A 697 -2.00 -1.01 8.80
C TYR A 697 -0.85 -0.16 8.33
N THR A 698 -1.13 1.08 7.96
CA THR A 698 -0.09 1.96 7.44
C THR A 698 1.06 2.21 8.41
N ASP A 699 2.27 2.06 7.86
CA ASP A 699 3.50 2.28 8.59
C ASP A 699 3.81 1.25 9.67
N GLU A 700 2.99 0.21 9.79
CA GLU A 700 3.27 -0.82 10.79
C GLU A 700 4.14 -1.90 10.13
N ASP A 701 4.95 -2.61 10.91
CA ASP A 701 5.77 -3.66 10.32
C ASP A 701 5.23 -5.04 10.66
N HIS A 702 6.02 -6.08 10.38
CA HIS A 702 5.60 -7.47 10.61
C HIS A 702 5.00 -7.73 11.98
N GLY A 703 5.34 -6.88 12.94
CA GLY A 703 4.81 -7.06 14.27
C GLY A 703 3.49 -6.35 14.52
N ILE A 704 3.16 -5.36 13.69
CA ILE A 704 1.95 -4.56 13.88
C ILE A 704 1.85 -4.41 15.39
N ALA A 705 2.95 -3.97 15.99
CA ALA A 705 3.02 -3.87 17.44
C ALA A 705 2.97 -2.49 18.09
N SER A 706 2.64 -1.44 17.34
CA SER A 706 2.55 -0.15 18.00
C SER A 706 1.34 -0.36 18.91
N SER A 707 1.29 0.37 20.02
CA SER A 707 0.19 0.23 20.98
C SER A 707 -1.21 0.36 20.36
N THR A 708 -1.45 1.42 19.61
CA THR A 708 -2.76 1.60 19.00
C THR A 708 -3.06 0.56 17.94
N ALA A 709 -2.07 0.25 17.10
CA ALA A 709 -2.26 -0.75 16.05
C ALA A 709 -2.59 -2.10 16.66
N HIS A 710 -1.88 -2.44 17.73
CA HIS A 710 -2.09 -3.70 18.44
C HIS A 710 -3.53 -3.80 18.97
N GLN A 711 -4.02 -2.73 19.56
CA GLN A 711 -5.38 -2.76 20.07
C GLN A 711 -6.37 -2.81 18.92
N HIS A 712 -6.05 -2.13 17.84
CA HIS A 712 -6.92 -2.06 16.67
C HIS A 712 -7.05 -3.39 15.92
N ILE A 713 -5.93 -4.06 15.67
CA ILE A 713 -5.98 -5.32 14.95
C ILE A 713 -6.72 -6.44 15.68
N TYR A 714 -6.56 -6.54 17.00
CA TYR A 714 -7.25 -7.60 17.76
C TYR A 714 -8.71 -7.28 17.99
N THR A 715 -9.04 -6.01 17.95
CA THR A 715 -10.42 -5.59 18.11
C THR A 715 -11.15 -5.95 16.82
N HIS A 716 -10.49 -5.69 15.69
CA HIS A 716 -11.04 -5.98 14.36
C HIS A 716 -11.23 -7.48 14.16
N MET A 717 -10.18 -8.24 14.47
CA MET A 717 -10.26 -9.69 14.32
C MET A 717 -11.37 -10.25 15.21
N SER A 718 -11.52 -9.67 16.40
CA SER A 718 -12.56 -10.12 17.33
C SER A 718 -13.93 -9.98 16.69
N HIS A 719 -14.19 -8.83 16.07
CA HIS A 719 -15.48 -8.62 15.43
C HIS A 719 -15.72 -9.63 14.31
N PHE A 720 -14.70 -9.86 13.49
CA PHE A 720 -14.80 -10.79 12.38
C PHE A 720 -15.21 -12.19 12.89
N ILE A 721 -14.48 -12.66 13.91
CA ILE A 721 -14.71 -13.98 14.48
C ILE A 721 -16.09 -14.17 15.08
N LYS A 722 -16.58 -13.17 15.81
CA LYS A 722 -17.90 -13.27 16.41
C LYS A 722 -18.99 -13.26 15.35
N GLN A 723 -18.78 -12.46 14.31
CA GLN A 723 -19.73 -12.39 13.22
C GLN A 723 -19.80 -13.74 12.53
N CYS A 724 -18.63 -14.34 12.29
CA CYS A 724 -18.56 -15.65 11.63
C CYS A 724 -19.15 -16.74 12.52
N PHE A 725 -19.07 -16.54 13.83
CA PHE A 725 -19.57 -17.54 14.77
C PHE A 725 -20.98 -17.37 15.34
N SER A 726 -21.57 -16.19 15.19
CA SER A 726 -22.92 -16.01 15.71
C SER A 726 -23.86 -15.98 14.52
N SER B 1 -43.90 -13.21 -10.10
CA SER B 1 -44.56 -12.20 -10.97
C SER B 1 -43.74 -10.91 -11.15
N ARG B 2 -42.95 -10.86 -12.22
CA ARG B 2 -42.08 -9.71 -12.56
C ARG B 2 -40.73 -9.75 -11.83
N LYS B 3 -39.69 -9.20 -12.45
CA LYS B 3 -38.35 -9.20 -11.86
C LYS B 3 -37.77 -7.81 -11.60
N THR B 4 -36.46 -7.73 -11.40
CA THR B 4 -35.80 -6.45 -11.12
C THR B 4 -34.44 -6.33 -11.81
N TYR B 5 -33.86 -5.13 -11.69
CA TYR B 5 -32.54 -4.84 -12.24
C TYR B 5 -31.63 -5.26 -11.08
N THR B 6 -30.82 -6.28 -11.30
CA THR B 6 -29.93 -6.81 -10.27
C THR B 6 -28.48 -6.36 -10.36
N LEU B 7 -27.72 -6.71 -9.32
CA LEU B 7 -26.31 -6.37 -9.29
C LEU B 7 -25.65 -7.02 -10.50
N THR B 8 -26.05 -8.26 -10.78
CA THR B 8 -25.51 -9.00 -11.92
C THR B 8 -25.80 -8.28 -13.23
N ASP B 9 -27.02 -7.75 -13.37
CA ASP B 9 -27.42 -7.02 -14.57
C ASP B 9 -26.51 -5.81 -14.77
N TYR B 10 -26.12 -5.18 -13.68
CA TYR B 10 -25.25 -4.02 -13.78
C TYR B 10 -23.83 -4.44 -14.13
N LEU B 11 -23.30 -5.40 -13.38
CA LEU B 11 -21.95 -5.89 -13.61
C LEU B 11 -21.76 -6.61 -14.94
N LYS B 12 -22.78 -7.32 -15.40
CA LYS B 12 -22.66 -8.03 -16.67
C LYS B 12 -23.17 -7.20 -17.85
N ASN B 13 -23.71 -6.02 -17.56
CA ASN B 13 -24.21 -5.12 -18.60
C ASN B 13 -25.26 -5.83 -19.46
N THR B 14 -26.18 -6.52 -18.80
CA THR B 14 -27.24 -7.25 -19.46
C THR B 14 -28.17 -6.35 -20.27
N TYR B 15 -28.41 -5.15 -19.76
CA TYR B 15 -29.27 -4.18 -20.45
C TYR B 15 -28.35 -3.09 -20.94
N ARG B 16 -28.27 -2.93 -22.25
CA ARG B 16 -27.36 -1.96 -22.83
C ARG B 16 -28.00 -0.79 -23.55
N LEU B 17 -27.49 0.41 -23.24
CA LEU B 17 -27.97 1.63 -23.85
C LEU B 17 -27.34 1.74 -25.22
N LYS B 18 -28.15 1.75 -26.26
CA LYS B 18 -27.62 1.87 -27.61
C LYS B 18 -27.26 3.33 -27.85
N LEU B 19 -26.17 3.53 -28.59
CA LEU B 19 -25.72 4.87 -28.91
C LEU B 19 -25.73 5.00 -30.43
N TYR B 20 -25.41 6.20 -30.91
CA TYR B 20 -25.33 6.44 -32.33
C TYR B 20 -24.18 7.42 -32.53
N SER B 21 -23.00 6.86 -32.70
CA SER B 21 -21.80 7.65 -32.90
C SER B 21 -21.54 8.04 -34.34
N LEU B 22 -21.66 9.32 -34.62
CA LEU B 22 -21.41 9.83 -35.96
C LEU B 22 -20.06 10.49 -35.95
N ARG B 23 -19.47 10.57 -37.14
CA ARG B 23 -18.20 11.21 -37.33
C ARG B 23 -18.33 11.97 -38.65
N TRP B 24 -18.73 13.23 -38.57
CA TRP B 24 -18.89 14.05 -39.77
C TRP B 24 -17.59 14.10 -40.56
N ILE B 25 -17.69 13.99 -41.88
CA ILE B 25 -16.52 14.04 -42.74
C ILE B 25 -16.65 15.21 -43.71
N SER B 26 -17.82 15.84 -43.67
CA SER B 26 -18.11 16.98 -44.54
C SER B 26 -19.25 17.81 -43.95
N ASP B 27 -19.96 18.53 -44.81
CA ASP B 27 -21.05 19.37 -44.35
C ASP B 27 -22.37 18.64 -44.41
N HIS B 28 -22.40 17.53 -45.17
CA HIS B 28 -23.62 16.76 -45.31
C HIS B 28 -23.39 15.25 -45.15
N GLU B 29 -22.16 14.86 -44.81
CA GLU B 29 -21.88 13.44 -44.63
C GLU B 29 -21.15 13.07 -43.35
N TYR B 30 -21.43 11.86 -42.88
CA TYR B 30 -20.82 11.33 -41.66
C TYR B 30 -20.62 9.82 -41.80
N LEU B 31 -19.71 9.27 -40.99
CA LEU B 31 -19.43 7.85 -41.02
C LEU B 31 -20.07 7.20 -39.81
N TYR B 32 -20.61 6.00 -40.00
CA TYR B 32 -21.25 5.27 -38.91
C TYR B 32 -20.66 3.88 -38.81
N LYS B 33 -20.01 3.60 -37.69
CA LYS B 33 -19.38 2.31 -37.46
C LYS B 33 -20.43 1.25 -37.17
N GLN B 34 -20.40 0.19 -37.95
CA GLN B 34 -21.34 -0.92 -37.82
C GLN B 34 -20.65 -2.11 -37.14
N GLU B 35 -19.70 -1.81 -36.27
CA GLU B 35 -18.92 -2.81 -35.54
C GLU B 35 -18.13 -3.74 -36.47
N ASN B 36 -18.47 -3.72 -37.75
CA ASN B 36 -17.79 -4.58 -38.72
C ASN B 36 -17.37 -3.78 -39.96
N ASN B 37 -18.27 -2.93 -40.45
CA ASN B 37 -17.99 -2.13 -41.63
C ASN B 37 -18.49 -0.69 -41.52
N ILE B 38 -17.58 0.26 -41.70
CA ILE B 38 -17.91 1.68 -41.62
C ILE B 38 -18.65 2.16 -42.86
N LEU B 39 -19.75 2.90 -42.65
CA LEU B 39 -20.54 3.41 -43.76
C LEU B 39 -20.60 4.93 -43.77
N VAL B 40 -20.80 5.50 -44.96
CA VAL B 40 -20.89 6.95 -45.10
C VAL B 40 -22.33 7.36 -45.43
N PHE B 41 -23.04 7.92 -44.46
CA PHE B 41 -24.41 8.35 -44.68
C PHE B 41 -24.51 9.77 -45.21
N ASN B 42 -25.51 10.02 -46.05
CA ASN B 42 -25.75 11.35 -46.59
C ASN B 42 -26.90 11.95 -45.80
N ALA B 43 -26.56 12.87 -44.90
CA ALA B 43 -27.54 13.54 -44.05
C ALA B 43 -28.84 13.89 -44.76
N GLU B 44 -28.73 14.35 -45.99
CA GLU B 44 -29.90 14.75 -46.76
C GLU B 44 -30.98 13.68 -46.85
N TYR B 45 -30.58 12.44 -47.14
CA TYR B 45 -31.55 11.36 -47.26
C TYR B 45 -31.35 10.24 -46.26
N GLY B 46 -30.13 9.71 -46.19
CA GLY B 46 -29.84 8.62 -45.27
C GLY B 46 -29.35 7.41 -46.05
N ASN B 47 -28.59 7.68 -47.10
CA ASN B 47 -28.03 6.66 -47.97
C ASN B 47 -27.01 5.78 -47.26
N SER B 48 -26.73 4.64 -47.86
CA SER B 48 -25.77 3.69 -47.29
C SER B 48 -24.37 4.04 -47.80
N SER B 49 -23.88 3.22 -48.73
CA SER B 49 -22.56 3.43 -49.33
C SER B 49 -21.42 3.06 -48.38
N VAL B 50 -21.03 1.79 -48.39
CA VAL B 50 -19.94 1.32 -47.53
C VAL B 50 -18.67 2.10 -47.85
N PHE B 51 -17.82 2.28 -46.85
CA PHE B 51 -16.56 2.99 -47.02
C PHE B 51 -15.44 1.98 -46.83
N LEU B 52 -15.59 1.15 -45.81
CA LEU B 52 -14.63 0.08 -45.49
C LEU B 52 -15.50 -1.09 -45.08
N GLU B 53 -15.33 -2.22 -45.74
CA GLU B 53 -16.15 -3.39 -45.46
C GLU B 53 -15.83 -4.16 -44.19
N ASN B 54 -16.76 -5.04 -43.85
CA ASN B 54 -16.70 -5.91 -42.68
C ASN B 54 -15.28 -6.42 -42.39
N SER B 55 -14.77 -7.25 -43.28
CA SER B 55 -13.46 -7.85 -43.10
C SER B 55 -12.36 -7.29 -44.00
N THR B 56 -12.04 -6.02 -43.84
CA THR B 56 -10.99 -5.41 -44.66
C THR B 56 -9.65 -5.59 -43.97
N PHE B 57 -9.68 -5.80 -42.66
CA PHE B 57 -8.44 -5.95 -41.91
C PHE B 57 -8.24 -7.30 -41.24
N ASP B 58 -8.27 -8.35 -42.04
CA ASP B 58 -8.03 -9.69 -41.55
C ASP B 58 -6.59 -9.96 -41.93
N GLU B 59 -5.99 -11.01 -41.39
CA GLU B 59 -4.60 -11.31 -41.70
C GLU B 59 -3.75 -10.13 -41.24
N PHE B 60 -4.31 -9.38 -40.28
CA PHE B 60 -3.63 -8.22 -39.72
C PHE B 60 -2.95 -8.68 -38.43
N GLY B 61 -3.31 -9.87 -37.98
CA GLY B 61 -2.74 -10.44 -36.78
C GLY B 61 -2.70 -9.50 -35.59
N HIS B 62 -3.44 -8.40 -35.66
CA HIS B 62 -3.49 -7.43 -34.59
C HIS B 62 -4.91 -6.93 -34.37
N SER B 63 -5.26 -6.68 -33.13
CA SER B 63 -6.60 -6.20 -32.79
C SER B 63 -6.61 -4.68 -32.87
N ILE B 64 -7.32 -4.16 -33.87
CA ILE B 64 -7.42 -2.72 -34.06
C ILE B 64 -8.27 -2.05 -32.99
N ASN B 65 -7.64 -1.32 -32.09
CA ASN B 65 -8.38 -0.64 -31.03
C ASN B 65 -9.23 0.50 -31.60
N ASP B 66 -8.63 1.33 -32.44
CA ASP B 66 -9.36 2.44 -33.03
C ASP B 66 -8.84 2.78 -34.43
N TYR B 67 -9.57 3.65 -35.10
CA TYR B 67 -9.20 4.07 -36.45
C TYR B 67 -9.38 5.57 -36.58
N SER B 68 -8.68 6.18 -37.52
CA SER B 68 -8.76 7.61 -37.76
C SER B 68 -8.51 7.85 -39.25
N ILE B 69 -9.51 8.36 -39.96
CA ILE B 69 -9.36 8.61 -41.39
C ILE B 69 -8.94 10.05 -41.69
N SER B 70 -8.00 10.20 -42.61
CA SER B 70 -7.50 11.52 -42.99
C SER B 70 -8.64 12.38 -43.51
N PRO B 71 -8.56 13.69 -43.29
CA PRO B 71 -9.61 14.60 -43.75
C PRO B 71 -9.93 14.40 -45.24
N ASP B 72 -8.91 14.31 -46.08
CA ASP B 72 -9.11 14.10 -47.50
C ASP B 72 -9.47 12.65 -47.80
N GLY B 73 -9.78 11.89 -46.75
CA GLY B 73 -10.16 10.51 -46.90
C GLY B 73 -9.33 9.58 -47.77
N GLN B 74 -8.05 9.90 -47.97
CA GLN B 74 -7.18 9.05 -48.78
C GLN B 74 -6.42 8.01 -47.94
N PHE B 75 -6.31 8.28 -46.64
CA PHE B 75 -5.60 7.38 -45.75
C PHE B 75 -6.36 7.10 -44.48
N ILE B 76 -6.03 5.98 -43.84
CA ILE B 76 -6.67 5.62 -42.58
C ILE B 76 -5.59 5.16 -41.61
N LEU B 77 -5.57 5.79 -40.44
CA LEU B 77 -4.61 5.47 -39.40
C LEU B 77 -5.20 4.34 -38.54
N LEU B 78 -4.40 3.32 -38.28
CA LEU B 78 -4.86 2.20 -37.46
C LEU B 78 -4.11 2.19 -36.14
N GLU B 79 -4.87 2.08 -35.05
CA GLU B 79 -4.31 2.08 -33.70
C GLU B 79 -4.54 0.75 -32.98
N TYR B 80 -3.46 0.18 -32.45
CA TYR B 80 -3.54 -1.08 -31.71
C TYR B 80 -2.41 -1.16 -30.68
N ASN B 81 -2.33 -2.28 -29.97
CA ASN B 81 -1.31 -2.44 -28.94
C ASN B 81 -1.48 -1.32 -27.93
N TYR B 82 -2.75 -0.98 -27.69
CA TYR B 82 -3.11 0.08 -26.76
C TYR B 82 -2.55 -0.22 -25.38
N VAL B 83 -2.09 0.83 -24.68
CA VAL B 83 -1.54 0.70 -23.33
C VAL B 83 -1.87 1.97 -22.55
N LYS B 84 -2.89 1.90 -21.69
CA LYS B 84 -3.31 3.05 -20.91
C LYS B 84 -2.25 3.62 -19.99
N GLN B 85 -2.21 4.95 -19.90
CA GLN B 85 -1.27 5.60 -19.01
C GLN B 85 -2.12 6.26 -17.95
N TRP B 86 -2.34 7.57 -18.05
CA TRP B 86 -3.16 8.25 -17.06
C TRP B 86 -4.61 8.27 -17.51
N ARG B 87 -5.37 9.27 -17.09
CA ARG B 87 -6.78 9.38 -17.44
C ARG B 87 -7.03 9.57 -18.94
N HIS B 88 -6.14 10.26 -19.64
CA HIS B 88 -6.32 10.48 -21.07
C HIS B 88 -5.15 9.94 -21.90
N SER B 89 -3.96 9.93 -21.30
CA SER B 89 -2.76 9.48 -22.00
C SER B 89 -2.69 7.98 -22.22
N TYR B 90 -1.95 7.58 -23.25
CA TYR B 90 -1.75 6.18 -23.55
C TYR B 90 -0.73 6.07 -24.67
N THR B 91 -0.04 4.93 -24.71
CA THR B 91 0.96 4.65 -25.71
C THR B 91 0.33 3.62 -26.64
N ALA B 92 0.68 3.67 -27.93
CA ALA B 92 0.09 2.72 -28.87
C ALA B 92 0.90 2.47 -30.15
N SER B 93 0.45 1.47 -30.90
CA SER B 93 1.07 1.10 -32.18
C SER B 93 0.20 1.69 -33.28
N TYR B 94 0.85 2.12 -34.37
CA TYR B 94 0.11 2.68 -35.48
C TYR B 94 0.61 2.16 -36.80
N ASP B 95 -0.29 2.16 -37.77
CA ASP B 95 -0.02 1.74 -39.13
C ASP B 95 -0.96 2.56 -39.98
N ILE B 96 -0.55 2.83 -41.21
CA ILE B 96 -1.35 3.61 -42.11
C ILE B 96 -1.71 2.76 -43.32
N TYR B 97 -2.98 2.83 -43.71
CA TYR B 97 -3.48 2.07 -44.84
C TYR B 97 -3.87 3.04 -45.95
N ASP B 98 -3.29 2.82 -47.13
CA ASP B 98 -3.57 3.67 -48.29
C ASP B 98 -4.87 3.17 -48.93
N LEU B 99 -5.91 4.00 -48.92
CA LEU B 99 -7.20 3.65 -49.50
C LEU B 99 -7.13 3.67 -51.01
N ASN B 100 -6.33 4.56 -51.58
CA ASN B 100 -6.20 4.67 -53.03
C ASN B 100 -5.73 3.37 -53.67
N LYS B 101 -4.64 2.80 -53.13
CA LYS B 101 -4.07 1.57 -53.65
C LYS B 101 -4.38 0.35 -52.79
N ARG B 102 -5.31 0.50 -51.85
CA ARG B 102 -5.72 -0.58 -50.96
C ARG B 102 -4.51 -1.35 -50.43
N GLN B 103 -3.46 -0.62 -50.11
CA GLN B 103 -2.24 -1.22 -49.57
C GLN B 103 -1.92 -0.68 -48.18
N LEU B 104 -1.06 -1.40 -47.46
CA LEU B 104 -0.66 -0.99 -46.13
C LEU B 104 0.75 -0.41 -46.24
N ILE B 105 0.95 0.80 -45.73
CA ILE B 105 2.26 1.44 -45.81
C ILE B 105 3.25 0.76 -44.87
N THR B 106 4.30 0.19 -45.44
CA THR B 106 5.31 -0.52 -44.64
C THR B 106 6.59 0.27 -44.46
N GLU B 107 6.79 1.28 -45.28
CA GLU B 107 8.00 2.09 -45.20
C GLU B 107 7.83 3.28 -44.27
N GLU B 108 8.91 3.65 -43.58
CA GLU B 108 8.91 4.80 -42.68
C GLU B 108 7.80 4.77 -41.61
N ARG B 109 7.36 3.57 -41.25
CA ARG B 109 6.29 3.43 -40.26
C ARG B 109 6.53 4.26 -38.99
N ILE B 110 5.43 4.61 -38.33
CA ILE B 110 5.49 5.37 -37.09
C ILE B 110 6.00 4.39 -36.02
N PRO B 111 6.86 4.87 -35.11
CA PRO B 111 7.41 4.05 -34.04
C PRO B 111 6.37 3.45 -33.11
N ASN B 112 6.69 2.31 -32.51
CA ASN B 112 5.81 1.68 -31.55
C ASN B 112 5.94 2.50 -30.28
N ASN B 113 4.92 2.48 -29.44
CA ASN B 113 4.92 3.25 -28.19
C ASN B 113 4.76 4.74 -28.49
N THR B 114 4.01 5.09 -29.54
CA THR B 114 3.80 6.48 -29.86
C THR B 114 2.85 7.05 -28.82
N GLN B 115 3.16 8.25 -28.34
CA GLN B 115 2.34 8.88 -27.32
C GLN B 115 1.12 9.62 -27.85
N TRP B 116 1.16 10.06 -29.11
CA TRP B 116 0.04 10.81 -29.69
C TRP B 116 0.23 11.05 -31.20
N VAL B 117 -0.87 10.93 -31.95
CA VAL B 117 -0.85 11.11 -33.40
C VAL B 117 -2.07 11.88 -33.90
N THR B 118 -1.87 12.81 -34.82
CA THR B 118 -3.00 13.56 -35.37
C THR B 118 -2.82 13.95 -36.83
N TRP B 119 -3.88 13.75 -37.60
CA TRP B 119 -3.89 14.15 -39.00
C TRP B 119 -4.03 15.67 -38.94
N SER B 120 -3.62 16.36 -39.99
CA SER B 120 -3.77 17.81 -40.04
C SER B 120 -5.26 17.98 -40.38
N PRO B 121 -5.87 19.13 -40.04
CA PRO B 121 -7.30 19.32 -40.33
C PRO B 121 -7.71 19.19 -41.80
N VAL B 122 -6.75 19.33 -42.71
CA VAL B 122 -7.02 19.20 -44.13
C VAL B 122 -5.95 18.34 -44.80
N GLY B 123 -6.34 17.65 -45.87
CA GLY B 123 -5.38 16.81 -46.57
C GLY B 123 -5.04 15.54 -45.82
N HIS B 124 -3.75 15.25 -45.71
CA HIS B 124 -3.32 14.04 -45.02
C HIS B 124 -2.02 14.16 -44.24
N LYS B 125 -1.64 15.38 -43.87
CA LYS B 125 -0.42 15.56 -43.10
C LYS B 125 -0.55 14.84 -41.76
N LEU B 126 0.57 14.52 -41.13
CA LEU B 126 0.57 13.82 -39.85
C LEU B 126 1.57 14.39 -38.86
N ALA B 127 1.18 14.41 -37.59
CA ALA B 127 2.08 14.88 -36.56
C ALA B 127 1.94 13.90 -35.40
N TYR B 128 3.06 13.45 -34.86
CA TYR B 128 2.99 12.53 -33.75
C TYR B 128 4.10 12.80 -32.77
N VAL B 129 3.88 12.43 -31.52
CA VAL B 129 4.87 12.61 -30.49
C VAL B 129 5.38 11.25 -30.07
N TRP B 130 6.70 11.09 -30.07
CA TRP B 130 7.30 9.83 -29.70
C TRP B 130 8.54 10.15 -28.85
N ASN B 131 8.64 9.50 -27.69
CA ASN B 131 9.75 9.73 -26.78
C ASN B 131 9.82 11.20 -26.38
N ASN B 132 8.65 11.83 -26.25
CA ASN B 132 8.51 13.22 -25.85
C ASN B 132 8.98 14.25 -26.88
N ASP B 133 9.16 13.80 -28.12
CA ASP B 133 9.58 14.69 -29.19
C ASP B 133 8.57 14.63 -30.34
N ILE B 134 8.40 15.76 -31.00
CA ILE B 134 7.44 15.93 -32.10
C ILE B 134 7.99 15.57 -33.49
N TYR B 135 7.17 14.88 -34.27
CA TYR B 135 7.55 14.48 -35.62
C TYR B 135 6.44 14.84 -36.60
N VAL B 136 6.82 15.16 -37.83
CA VAL B 136 5.83 15.47 -38.85
C VAL B 136 6.10 14.72 -40.13
N LYS B 137 5.05 14.18 -40.71
CA LYS B 137 5.12 13.44 -41.95
C LYS B 137 4.24 14.17 -42.96
N ILE B 138 4.85 14.71 -44.00
CA ILE B 138 4.08 15.41 -45.03
C ILE B 138 3.23 14.41 -45.80
N GLU B 139 3.78 13.22 -46.00
CA GLU B 139 3.09 12.14 -46.71
C GLU B 139 3.29 10.88 -45.86
N PRO B 140 2.25 10.07 -45.71
CA PRO B 140 2.34 8.84 -44.90
C PRO B 140 3.51 7.88 -45.21
N ASN B 141 3.92 7.81 -46.48
CA ASN B 141 5.00 6.91 -46.87
C ASN B 141 6.37 7.57 -46.87
N LEU B 142 6.41 8.88 -46.63
CA LEU B 142 7.69 9.60 -46.61
C LEU B 142 8.30 9.71 -45.20
N PRO B 143 9.63 9.88 -45.13
CA PRO B 143 10.29 9.99 -43.82
C PRO B 143 9.83 11.22 -43.03
N SER B 144 9.73 11.07 -41.72
CA SER B 144 9.25 12.16 -40.87
C SER B 144 10.33 13.13 -40.41
N TYR B 145 9.96 14.40 -40.30
CA TYR B 145 10.89 15.41 -39.84
C TYR B 145 10.76 15.48 -38.33
N ARG B 146 11.87 15.39 -37.61
CA ARG B 146 11.80 15.51 -36.16
C ARG B 146 11.75 17.02 -35.91
N ILE B 147 10.76 17.47 -35.16
CA ILE B 147 10.61 18.91 -34.90
C ILE B 147 11.38 19.38 -33.67
N THR B 148 11.38 18.57 -32.60
CA THR B 148 12.09 18.94 -31.38
C THR B 148 13.12 17.87 -31.03
N TRP B 149 14.15 18.27 -30.29
CA TRP B 149 15.22 17.37 -29.88
C TRP B 149 15.47 17.36 -28.38
N THR B 150 14.55 17.92 -27.61
CA THR B 150 14.75 17.99 -26.17
C THR B 150 13.89 17.06 -25.33
N GLY B 151 12.97 16.34 -25.97
CA GLY B 151 12.11 15.41 -25.26
C GLY B 151 12.89 14.50 -24.33
N LYS B 152 12.45 14.39 -23.08
CA LYS B 152 13.15 13.55 -22.12
C LYS B 152 12.14 13.04 -21.10
N GLU B 153 11.88 11.74 -21.16
CA GLU B 153 10.93 11.07 -20.29
C GLU B 153 10.97 11.64 -18.88
N ASP B 154 9.78 11.93 -18.34
CA ASP B 154 9.62 12.49 -17.00
C ASP B 154 10.28 13.85 -16.78
N ILE B 155 10.86 14.43 -17.83
CA ILE B 155 11.56 15.71 -17.72
C ILE B 155 11.05 16.81 -18.65
N ILE B 156 11.22 16.59 -19.95
CA ILE B 156 10.79 17.53 -20.98
C ILE B 156 9.73 16.89 -21.87
N TYR B 157 8.61 17.60 -22.04
CA TYR B 157 7.53 17.08 -22.87
C TYR B 157 7.25 18.03 -24.02
N ASN B 158 7.36 17.54 -25.25
CA ASN B 158 7.08 18.36 -26.43
C ASN B 158 5.86 17.81 -27.14
N GLY B 159 4.81 18.62 -27.26
CA GLY B 159 3.62 18.16 -27.96
C GLY B 159 2.69 17.34 -27.10
N ILE B 160 3.11 17.05 -25.87
CA ILE B 160 2.26 16.30 -24.96
C ILE B 160 2.38 16.92 -23.58
N THR B 161 1.34 16.76 -22.77
CA THR B 161 1.27 17.28 -21.42
C THR B 161 1.96 16.43 -20.35
N ASP B 162 2.33 17.07 -19.25
CA ASP B 162 2.92 16.36 -18.13
C ASP B 162 1.71 15.90 -17.33
N TRP B 163 1.91 15.18 -16.23
CA TRP B 163 0.75 14.67 -15.48
C TRP B 163 -0.29 15.70 -15.05
N VAL B 164 0.18 16.81 -14.48
CA VAL B 164 -0.75 17.84 -13.98
C VAL B 164 -1.50 18.60 -15.06
N TYR B 165 -0.88 18.83 -16.20
CA TYR B 165 -1.54 19.55 -17.27
C TYR B 165 -2.57 18.67 -17.96
N GLU B 166 -2.29 17.36 -18.02
CA GLU B 166 -3.20 16.41 -18.64
C GLU B 166 -4.47 16.33 -17.79
N GLU B 167 -4.26 16.13 -16.50
CA GLU B 167 -5.38 15.98 -15.57
C GLU B 167 -6.19 17.22 -15.26
N GLU B 168 -5.50 18.31 -14.95
CA GLU B 168 -6.18 19.53 -14.53
C GLU B 168 -6.32 20.74 -15.44
N VAL B 169 -5.70 20.74 -16.62
CA VAL B 169 -5.84 21.91 -17.47
C VAL B 169 -6.39 21.62 -18.86
N PHE B 170 -5.74 20.71 -19.59
CA PHE B 170 -6.19 20.38 -20.94
C PHE B 170 -7.08 19.14 -21.03
N SER B 171 -7.28 18.43 -19.93
CA SER B 171 -8.10 17.22 -19.98
C SER B 171 -7.76 16.43 -21.23
N ALA B 172 -6.48 16.41 -21.56
CA ALA B 172 -5.99 15.70 -22.73
C ALA B 172 -4.49 15.51 -22.62
N TYR B 173 -3.95 14.56 -23.38
CA TYR B 173 -2.53 14.26 -23.37
C TYR B 173 -1.85 15.08 -24.45
N SER B 174 -2.59 15.35 -25.51
CA SER B 174 -2.12 16.13 -26.64
C SER B 174 -1.78 17.58 -26.24
N ALA B 175 -0.71 18.11 -26.82
CA ALA B 175 -0.29 19.48 -26.55
C ALA B 175 0.19 20.09 -27.86
N LEU B 176 -0.51 19.76 -28.94
CA LEU B 176 -0.19 20.32 -30.23
C LEU B 176 -1.48 20.68 -30.94
N TRP B 177 -1.44 21.79 -31.68
CA TRP B 177 -2.60 22.29 -32.36
C TRP B 177 -2.29 22.71 -33.78
N TRP B 178 -2.87 21.98 -34.74
CA TRP B 178 -2.69 22.28 -36.15
C TRP B 178 -3.45 23.55 -36.50
N SER B 179 -2.87 24.40 -37.34
CA SER B 179 -3.60 25.60 -37.75
C SER B 179 -4.70 25.05 -38.66
N PRO B 180 -5.83 25.75 -38.77
CA PRO B 180 -6.94 25.29 -39.62
C PRO B 180 -6.56 24.98 -41.07
N ASN B 181 -5.40 25.49 -41.47
CA ASN B 181 -4.86 25.32 -42.83
C ASN B 181 -3.96 24.07 -42.90
N GLY B 182 -3.29 23.77 -41.81
CA GLY B 182 -2.39 22.65 -41.80
C GLY B 182 -1.00 23.22 -42.08
N THR B 183 -0.94 24.53 -42.25
CA THR B 183 0.32 25.19 -42.50
C THR B 183 1.20 25.23 -41.26
N PHE B 184 0.59 25.60 -40.14
CA PHE B 184 1.32 25.71 -38.89
C PHE B 184 0.98 24.63 -37.88
N LEU B 185 1.99 24.24 -37.12
CA LEU B 185 1.82 23.27 -36.06
C LEU B 185 2.25 24.01 -34.82
N ALA B 186 1.32 24.22 -33.89
CA ALA B 186 1.66 24.91 -32.66
C ALA B 186 1.78 23.88 -31.56
N TYR B 187 2.65 24.11 -30.59
CA TYR B 187 2.78 23.16 -29.52
C TYR B 187 3.33 23.77 -28.24
N ALA B 188 3.09 23.07 -27.14
CA ALA B 188 3.57 23.52 -25.85
C ALA B 188 4.71 22.62 -25.44
N GLN B 189 5.55 23.13 -24.54
CA GLN B 189 6.68 22.38 -24.02
C GLN B 189 6.61 22.54 -22.51
N PHE B 190 6.61 21.43 -21.79
CA PHE B 190 6.55 21.47 -20.33
C PHE B 190 7.86 20.97 -19.73
N ASN B 191 8.34 21.66 -18.72
CA ASN B 191 9.59 21.31 -18.05
C ASN B 191 9.26 20.88 -16.61
N ASP B 192 9.55 19.62 -16.28
CA ASP B 192 9.28 19.10 -14.94
C ASP B 192 10.53 18.88 -14.08
N THR B 193 11.68 19.29 -14.60
CA THR B 193 12.95 19.16 -13.92
C THR B 193 12.93 19.33 -12.40
N GLU B 194 12.27 20.38 -11.92
CA GLU B 194 12.25 20.68 -10.49
C GLU B 194 11.00 20.21 -9.72
N VAL B 195 10.11 19.53 -10.42
CA VAL B 195 8.88 19.04 -9.81
C VAL B 195 9.13 17.76 -9.00
N PRO B 196 8.61 17.70 -7.77
CA PRO B 196 8.80 16.53 -6.92
C PRO B 196 8.17 15.29 -7.58
N LEU B 197 8.62 14.12 -7.14
CA LEU B 197 8.11 12.87 -7.66
C LEU B 197 7.19 12.15 -6.68
N ILE B 198 6.02 11.73 -7.13
CA ILE B 198 5.17 10.96 -6.24
C ILE B 198 5.73 9.56 -6.51
N GLU B 199 5.96 8.80 -5.44
CA GLU B 199 6.50 7.46 -5.59
C GLU B 199 5.60 6.47 -4.90
N TYR B 200 5.32 5.36 -5.57
CA TYR B 200 4.46 4.33 -5.02
C TYR B 200 4.79 2.99 -5.70
N SER B 201 4.42 1.90 -5.03
CA SER B 201 4.71 0.56 -5.55
C SER B 201 3.72 -0.02 -6.55
N PHE B 202 4.24 -0.73 -7.53
CA PHE B 202 3.42 -1.42 -8.52
C PHE B 202 3.94 -2.85 -8.42
N TYR B 203 3.06 -3.78 -8.06
CA TYR B 203 3.46 -5.16 -7.86
C TYR B 203 3.51 -6.01 -9.14
N SER B 204 2.74 -5.60 -10.14
CA SER B 204 2.70 -6.30 -11.43
C SER B 204 2.14 -7.70 -11.25
N ASP B 205 2.47 -8.61 -12.17
CA ASP B 205 2.00 -9.98 -12.08
C ASP B 205 2.80 -10.76 -11.06
N GLU B 206 2.22 -11.87 -10.61
CA GLU B 206 2.82 -12.77 -9.63
C GLU B 206 4.31 -13.03 -9.90
N SER B 207 4.62 -13.26 -11.17
CA SER B 207 5.99 -13.55 -11.59
C SER B 207 7.04 -12.52 -11.16
N LEU B 208 6.65 -11.25 -11.03
CA LEU B 208 7.59 -10.21 -10.62
C LEU B 208 8.07 -10.46 -9.20
N GLN B 209 9.34 -10.83 -9.05
CA GLN B 209 9.88 -11.10 -7.72
C GLN B 209 9.98 -9.85 -6.83
N TYR B 210 10.48 -8.75 -7.37
CA TYR B 210 10.61 -7.51 -6.61
C TYR B 210 9.63 -6.46 -7.12
N PRO B 211 8.86 -5.84 -6.23
CA PRO B 211 7.90 -4.82 -6.62
C PRO B 211 8.59 -3.67 -7.34
N LYS B 212 7.85 -2.95 -8.17
CA LYS B 212 8.38 -1.82 -8.89
C LYS B 212 7.92 -0.54 -8.21
N THR B 213 8.75 0.49 -8.29
CA THR B 213 8.42 1.79 -7.70
C THR B 213 8.15 2.75 -8.86
N VAL B 214 6.90 3.15 -9.01
CA VAL B 214 6.54 4.09 -10.08
C VAL B 214 6.86 5.49 -9.57
N ARG B 215 7.56 6.29 -10.38
CA ARG B 215 7.94 7.65 -10.01
C ARG B 215 7.39 8.63 -11.04
N VAL B 216 6.57 9.57 -10.59
CA VAL B 216 5.95 10.51 -11.51
C VAL B 216 6.06 11.96 -11.06
N PRO B 217 6.53 12.87 -11.94
CA PRO B 217 6.61 14.28 -11.53
C PRO B 217 5.18 14.69 -11.24
N TYR B 218 4.91 15.08 -10.00
CA TYR B 218 3.56 15.43 -9.56
C TYR B 218 3.64 16.51 -8.49
N PRO B 219 3.28 17.76 -8.83
CA PRO B 219 3.32 18.83 -7.85
C PRO B 219 2.07 18.84 -6.96
N LYS B 220 2.29 18.66 -5.66
CA LYS B 220 1.19 18.69 -4.69
C LYS B 220 1.04 20.18 -4.34
N ALA B 221 0.04 20.53 -3.54
CA ALA B 221 -0.19 21.93 -3.18
C ALA B 221 1.02 22.71 -2.65
N GLY B 222 1.35 23.80 -3.32
CA GLY B 222 2.45 24.65 -2.90
C GLY B 222 3.84 24.22 -3.35
N ALA B 223 3.96 23.04 -3.95
CA ALA B 223 5.26 22.55 -4.40
C ALA B 223 5.69 23.22 -5.69
N VAL B 224 6.91 22.96 -6.13
CA VAL B 224 7.37 23.57 -7.36
C VAL B 224 6.56 23.03 -8.52
N ASN B 225 6.06 23.94 -9.36
CA ASN B 225 5.26 23.58 -10.52
C ASN B 225 6.10 23.46 -11.79
N PRO B 226 5.56 22.76 -12.81
CA PRO B 226 6.31 22.62 -14.07
C PRO B 226 6.24 23.97 -14.80
N THR B 227 7.20 24.23 -15.69
CA THR B 227 7.19 25.49 -16.43
C THR B 227 6.73 25.16 -17.84
N VAL B 228 6.25 26.16 -18.56
CA VAL B 228 5.76 25.96 -19.91
C VAL B 228 6.30 26.97 -20.92
N LYS B 229 6.38 26.54 -22.18
CA LYS B 229 6.83 27.37 -23.29
C LYS B 229 5.90 27.06 -24.46
N PHE B 230 5.72 28.02 -25.36
CA PHE B 230 4.85 27.81 -26.51
C PHE B 230 5.56 28.13 -27.83
N PHE B 231 5.43 27.25 -28.80
CA PHE B 231 6.08 27.44 -30.08
C PHE B 231 5.12 27.19 -31.24
N VAL B 232 5.56 27.61 -32.42
CA VAL B 232 4.80 27.43 -33.63
C VAL B 232 5.79 27.14 -34.76
N VAL B 233 5.49 26.12 -35.57
CA VAL B 233 6.35 25.75 -36.67
C VAL B 233 5.53 25.73 -37.97
N ASN B 234 6.18 26.09 -39.07
CA ASN B 234 5.55 26.09 -40.38
C ASN B 234 5.97 24.81 -41.09
N THR B 235 5.03 23.87 -41.22
CA THR B 235 5.31 22.58 -41.84
C THR B 235 5.53 22.62 -43.34
N ASP B 236 5.08 23.68 -44.01
CA ASP B 236 5.28 23.75 -45.46
C ASP B 236 6.69 24.22 -45.80
N SER B 237 7.49 24.53 -44.77
CA SER B 237 8.86 24.99 -44.99
C SER B 237 9.87 23.96 -44.49
N LEU B 238 9.37 22.81 -44.06
CA LEU B 238 10.22 21.74 -43.56
C LEU B 238 11.12 21.17 -44.66
N SER B 239 10.63 21.23 -45.90
CA SER B 239 11.35 20.70 -47.05
C SER B 239 12.19 21.72 -47.81
N SER B 240 12.59 22.80 -47.14
CA SER B 240 13.40 23.84 -47.77
C SER B 240 14.63 24.20 -46.94
N VAL B 241 14.56 23.94 -45.63
CA VAL B 241 15.66 24.25 -44.72
C VAL B 241 16.58 23.06 -44.41
N THR B 242 16.41 22.50 -43.22
CA THR B 242 17.20 21.35 -42.76
C THR B 242 16.73 20.99 -41.37
N ASN B 243 16.80 21.96 -40.47
CA ASN B 243 16.41 21.78 -39.08
C ASN B 243 15.37 22.85 -38.75
N ALA B 244 14.10 22.44 -38.85
CA ALA B 244 12.96 23.32 -38.59
C ALA B 244 13.13 24.23 -37.38
N THR B 245 12.76 25.49 -37.54
CA THR B 245 12.86 26.46 -36.46
C THR B 245 11.49 26.78 -35.88
N SER B 246 11.31 26.47 -34.60
CA SER B 246 10.05 26.71 -33.92
C SER B 246 10.05 28.12 -33.33
N ILE B 247 9.17 28.98 -33.84
CA ILE B 247 9.09 30.34 -33.34
C ILE B 247 8.43 30.33 -31.98
N GLN B 248 9.08 30.90 -30.98
CA GLN B 248 8.51 30.91 -29.65
C GLN B 248 7.61 32.10 -29.42
N ILE B 249 6.56 31.89 -28.64
CA ILE B 249 5.63 32.96 -28.28
C ILE B 249 5.69 33.02 -26.76
N THR B 250 6.31 34.07 -26.24
CA THR B 250 6.51 34.25 -24.81
C THR B 250 5.38 34.98 -24.09
N ALA B 251 5.79 35.77 -23.09
CA ALA B 251 4.88 36.58 -22.26
C ALA B 251 3.59 35.82 -22.01
N PRO B 252 2.50 36.54 -21.63
CA PRO B 252 2.32 37.98 -21.41
C PRO B 252 3.12 38.50 -20.21
N ALA B 253 3.59 39.75 -20.30
CA ALA B 253 4.39 40.36 -19.23
C ALA B 253 3.79 40.18 -17.83
N SER B 254 2.47 40.33 -17.71
CA SER B 254 1.83 40.20 -16.40
C SER B 254 1.78 38.76 -15.92
N MET B 255 2.26 37.84 -16.75
CA MET B 255 2.26 36.44 -16.41
C MET B 255 3.68 36.02 -16.02
N LEU B 256 4.65 36.42 -16.84
CA LEU B 256 6.07 36.11 -16.64
C LEU B 256 6.64 36.59 -15.31
N ILE B 257 5.96 37.54 -14.68
CA ILE B 257 6.41 38.09 -13.42
C ILE B 257 6.37 37.04 -12.30
N GLY B 258 5.75 35.89 -12.59
CA GLY B 258 5.65 34.83 -11.60
C GLY B 258 5.17 33.51 -12.15
N ASP B 259 4.76 32.60 -11.28
CA ASP B 259 4.27 31.30 -11.70
C ASP B 259 2.97 31.43 -12.49
N HIS B 260 2.89 30.71 -13.61
CA HIS B 260 1.70 30.74 -14.45
C HIS B 260 1.44 29.42 -15.17
N TYR B 261 0.37 29.39 -15.97
CA TYR B 261 -0.03 28.21 -16.72
C TYR B 261 -0.47 28.56 -18.13
N LEU B 262 -0.25 27.65 -19.09
CA LEU B 262 -0.73 27.84 -20.45
C LEU B 262 -2.14 27.29 -20.28
N CYS B 263 -3.10 28.21 -20.45
CA CYS B 263 -4.53 27.97 -20.26
C CYS B 263 -5.34 27.42 -21.41
N ASP B 264 -5.21 28.03 -22.58
CA ASP B 264 -5.99 27.60 -23.73
C ASP B 264 -5.39 28.07 -25.03
N VAL B 265 -5.58 27.28 -26.08
CA VAL B 265 -5.06 27.67 -27.37
C VAL B 265 -6.09 27.36 -28.44
N THR B 266 -6.45 28.38 -29.19
CA THR B 266 -7.42 28.21 -30.26
C THR B 266 -7.02 29.09 -31.43
N TRP B 267 -6.91 28.49 -32.60
CA TRP B 267 -6.57 29.24 -33.79
C TRP B 267 -7.80 30.04 -34.18
N ALA B 268 -7.59 31.29 -34.52
CA ALA B 268 -8.71 32.16 -34.92
C ALA B 268 -8.84 32.07 -36.43
N THR B 269 -7.75 32.33 -37.13
CA THR B 269 -7.74 32.29 -38.58
C THR B 269 -6.57 31.47 -39.04
N GLN B 270 -6.27 31.56 -40.33
CA GLN B 270 -5.16 30.85 -40.95
C GLN B 270 -3.82 31.30 -40.41
N GLU B 271 -3.77 32.52 -39.89
CA GLU B 271 -2.53 33.03 -39.34
C GLU B 271 -2.75 33.91 -38.13
N ARG B 272 -3.75 33.54 -37.33
CA ARG B 272 -4.05 34.25 -36.10
C ARG B 272 -4.32 33.21 -35.02
N ILE B 273 -3.52 33.21 -33.96
CA ILE B 273 -3.69 32.27 -32.87
C ILE B 273 -3.99 32.98 -31.57
N SER B 274 -4.83 32.38 -30.73
CA SER B 274 -5.17 32.95 -29.43
C SER B 274 -4.72 32.02 -28.30
N LEU B 275 -4.07 32.60 -27.31
CA LEU B 275 -3.61 31.84 -26.16
C LEU B 275 -4.15 32.47 -24.90
N GLN B 276 -4.57 31.62 -23.96
CA GLN B 276 -5.03 32.13 -22.70
C GLN B 276 -4.02 31.62 -21.67
N TRP B 277 -3.61 32.51 -20.76
CA TRP B 277 -2.65 32.18 -19.72
C TRP B 277 -3.29 32.51 -18.38
N LEU B 278 -2.91 31.75 -17.36
CA LEU B 278 -3.45 31.90 -16.02
C LEU B 278 -2.35 31.92 -14.95
N ARG B 279 -2.49 32.81 -13.96
CA ARG B 279 -1.52 32.92 -12.87
C ARG B 279 -1.72 31.76 -11.91
N ARG B 280 -0.69 31.40 -11.14
CA ARG B 280 -0.87 30.28 -10.21
C ARG B 280 -2.01 30.66 -9.29
N ILE B 281 -2.08 31.95 -8.96
CA ILE B 281 -3.19 32.44 -8.17
C ILE B 281 -4.19 32.58 -9.31
N GLN B 282 -5.09 31.60 -9.39
CA GLN B 282 -6.06 31.51 -10.47
C GLN B 282 -7.26 32.46 -10.55
N ASN B 283 -7.12 33.68 -10.04
CA ASN B 283 -8.23 34.62 -10.15
C ASN B 283 -7.91 35.69 -11.21
N TYR B 284 -6.76 35.55 -11.88
CA TYR B 284 -6.33 36.50 -12.92
C TYR B 284 -5.93 35.75 -14.18
N SER B 285 -6.46 36.17 -15.32
CA SER B 285 -6.19 35.49 -16.59
C SER B 285 -6.02 36.44 -17.77
N VAL B 286 -5.19 36.07 -18.72
CA VAL B 286 -4.95 36.92 -19.88
C VAL B 286 -4.98 36.18 -21.21
N MET B 287 -5.69 36.74 -22.17
CA MET B 287 -5.76 36.15 -23.50
C MET B 287 -4.80 36.96 -24.37
N ASP B 288 -4.06 36.27 -25.23
CA ASP B 288 -3.10 36.90 -26.11
C ASP B 288 -3.41 36.50 -27.54
N ILE B 289 -3.51 37.50 -28.42
CA ILE B 289 -3.82 37.29 -29.82
C ILE B 289 -2.61 37.60 -30.69
N CYS B 290 -2.13 36.59 -31.42
CA CYS B 290 -0.95 36.75 -32.26
C CYS B 290 -1.15 36.50 -33.76
N ASP B 291 -0.62 37.40 -34.57
CA ASP B 291 -0.71 37.30 -36.02
C ASP B 291 0.66 36.92 -36.58
N TYR B 292 0.66 36.16 -37.67
CA TYR B 292 1.91 35.74 -38.29
C TYR B 292 2.52 36.81 -39.18
N ASP B 293 3.65 37.37 -38.74
CA ASP B 293 4.33 38.40 -39.53
C ASP B 293 5.06 37.69 -40.67
N GLU B 294 4.42 37.63 -41.83
CA GLU B 294 4.99 36.98 -43.01
C GLU B 294 6.30 37.61 -43.47
N SER B 295 6.62 38.76 -42.91
CA SER B 295 7.85 39.44 -43.27
C SER B 295 8.99 38.90 -42.43
N SER B 296 8.85 39.03 -41.12
CA SER B 296 9.84 38.56 -40.17
C SER B 296 9.69 37.06 -39.97
N GLY B 297 8.55 36.53 -40.41
CA GLY B 297 8.29 35.11 -40.27
C GLY B 297 8.00 34.77 -38.81
N ARG B 298 7.97 35.80 -37.97
CA ARG B 298 7.71 35.63 -36.56
C ARG B 298 6.21 35.76 -36.32
N TRP B 299 5.84 35.83 -35.04
CA TRP B 299 4.44 36.00 -34.67
C TRP B 299 4.37 37.23 -33.79
N ASN B 300 3.73 38.28 -34.27
CA ASN B 300 3.64 39.48 -33.45
C ASN B 300 2.33 39.54 -32.68
N CYS B 301 2.45 39.57 -31.36
CA CYS B 301 1.30 39.61 -30.46
C CYS B 301 1.14 41.01 -29.87
N LEU B 302 0.34 41.84 -30.50
CA LEU B 302 0.11 43.21 -30.04
C LEU B 302 -0.38 43.23 -28.59
N VAL B 303 0.43 43.80 -27.69
CA VAL B 303 0.05 43.86 -26.28
C VAL B 303 -1.25 44.64 -26.08
N ALA B 304 -1.53 45.57 -26.98
CA ALA B 304 -2.77 46.34 -26.89
C ALA B 304 -3.95 45.40 -27.12
N ARG B 305 -3.73 44.31 -27.85
CA ARG B 305 -4.81 43.35 -28.10
C ARG B 305 -5.11 42.39 -26.95
N GLN B 306 -4.36 42.49 -25.84
CA GLN B 306 -4.58 41.59 -24.72
C GLN B 306 -5.94 41.73 -24.05
N HIS B 307 -6.45 40.62 -23.53
CA HIS B 307 -7.73 40.60 -22.84
C HIS B 307 -7.61 39.97 -21.45
N ILE B 308 -7.92 40.76 -20.43
CA ILE B 308 -7.86 40.25 -19.07
C ILE B 308 -9.23 39.71 -18.70
N GLU B 309 -9.24 38.73 -17.82
CA GLU B 309 -10.47 38.12 -17.32
C GLU B 309 -10.12 37.74 -15.90
N MET B 310 -10.78 38.37 -14.94
CA MET B 310 -10.50 38.08 -13.54
C MET B 310 -11.75 37.88 -12.72
N SER B 311 -11.56 37.42 -11.50
CA SER B 311 -12.66 37.19 -10.59
C SER B 311 -12.32 37.77 -9.23
N THR B 312 -13.25 38.54 -8.68
CA THR B 312 -13.08 39.18 -7.39
C THR B 312 -13.62 38.27 -6.29
N THR B 313 -14.47 37.34 -6.67
CA THR B 313 -15.10 36.44 -5.70
C THR B 313 -14.56 35.01 -5.67
N GLY B 314 -13.76 34.63 -6.66
CA GLY B 314 -13.20 33.29 -6.69
C GLY B 314 -12.15 33.12 -7.76
N TRP B 315 -12.15 31.98 -8.44
CA TRP B 315 -11.20 31.70 -9.50
C TRP B 315 -11.83 32.08 -10.84
N VAL B 316 -11.12 31.88 -11.93
CA VAL B 316 -11.64 32.21 -13.25
C VAL B 316 -12.13 31.00 -14.01
N GLY B 317 -13.36 31.08 -14.53
CA GLY B 317 -13.93 29.97 -15.27
C GLY B 317 -14.48 28.92 -14.33
N ARG B 318 -15.11 27.88 -14.88
CA ARG B 318 -15.66 26.82 -14.07
C ARG B 318 -14.51 25.99 -13.51
N PHE B 319 -13.65 25.52 -14.41
CA PHE B 319 -12.49 24.75 -14.01
C PHE B 319 -11.26 25.45 -14.61
N ARG B 320 -11.53 26.39 -15.52
CA ARG B 320 -10.49 27.17 -16.18
C ARG B 320 -11.15 28.20 -17.10
N PRO B 321 -10.40 29.24 -17.49
CA PRO B 321 -10.99 30.25 -18.39
C PRO B 321 -11.64 29.54 -19.57
N SER B 322 -12.78 30.04 -20.05
CA SER B 322 -13.46 29.39 -21.17
C SER B 322 -12.78 29.61 -22.53
N GLU B 323 -13.17 28.77 -23.48
CA GLU B 323 -12.65 28.79 -24.84
C GLU B 323 -13.36 29.84 -25.69
N PRO B 324 -12.59 30.57 -26.52
CA PRO B 324 -13.15 31.60 -27.39
C PRO B 324 -13.55 31.03 -28.74
N HIS B 325 -14.65 31.52 -29.28
CA HIS B 325 -15.12 31.07 -30.58
C HIS B 325 -15.08 32.27 -31.53
N PHE B 326 -14.09 32.25 -32.42
CA PHE B 326 -13.90 33.35 -33.36
C PHE B 326 -14.80 33.32 -34.57
N THR B 327 -15.14 34.52 -35.06
CA THR B 327 -15.95 34.66 -36.25
C THR B 327 -15.01 34.28 -37.39
N LEU B 328 -15.57 34.18 -38.59
CA LEU B 328 -14.79 33.77 -39.75
C LEU B 328 -13.51 34.59 -40.03
N ASP B 329 -13.54 35.91 -39.82
CA ASP B 329 -12.38 36.74 -40.10
C ASP B 329 -11.45 36.92 -38.91
N GLY B 330 -11.80 36.30 -37.78
CA GLY B 330 -10.96 36.38 -36.60
C GLY B 330 -10.91 37.71 -35.88
N ASN B 331 -11.73 38.68 -36.31
CA ASN B 331 -11.71 39.99 -35.66
C ASN B 331 -12.65 40.07 -34.46
N SER B 332 -13.45 39.05 -34.27
CA SER B 332 -14.36 39.04 -33.13
C SER B 332 -14.57 37.60 -32.64
N PHE B 333 -15.04 37.46 -31.41
CA PHE B 333 -15.26 36.16 -30.84
C PHE B 333 -16.26 36.15 -29.71
N TYR B 334 -16.83 34.98 -29.49
CA TYR B 334 -17.81 34.78 -28.43
C TYR B 334 -17.16 33.88 -27.39
N LYS B 335 -17.34 34.22 -26.13
CA LYS B 335 -16.73 33.50 -25.02
C LYS B 335 -17.65 33.62 -23.79
N ILE B 336 -17.82 32.53 -23.05
CA ILE B 336 -18.66 32.52 -21.86
C ILE B 336 -17.89 33.01 -20.64
N ILE B 337 -18.41 34.02 -19.96
CA ILE B 337 -17.78 34.56 -18.77
C ILE B 337 -18.89 34.92 -17.82
N SER B 338 -18.62 34.98 -16.52
CA SER B 338 -19.68 35.31 -15.57
C SER B 338 -19.92 36.81 -15.54
N ASN B 339 -21.19 37.21 -15.61
CA ASN B 339 -21.55 38.62 -15.61
C ASN B 339 -21.51 39.22 -14.21
N GLU B 340 -21.94 40.48 -14.11
CA GLU B 340 -21.96 41.23 -12.85
C GLU B 340 -22.85 40.57 -11.80
N GLU B 341 -23.79 39.75 -12.26
CA GLU B 341 -24.70 39.04 -11.37
C GLU B 341 -24.12 37.69 -10.95
N GLY B 342 -22.97 37.33 -11.53
CA GLY B 342 -22.32 36.08 -11.20
C GLY B 342 -22.79 34.88 -12.01
N TYR B 343 -23.60 35.13 -13.05
CA TYR B 343 -24.09 34.07 -13.91
C TYR B 343 -23.32 34.01 -15.21
N ARG B 344 -22.92 32.82 -15.62
CA ARG B 344 -22.16 32.65 -16.85
C ARG B 344 -23.02 32.76 -18.10
N HIS B 345 -22.70 33.75 -18.91
CA HIS B 345 -23.40 34.03 -20.15
C HIS B 345 -22.44 34.38 -21.26
N ILE B 346 -22.95 34.39 -22.48
CA ILE B 346 -22.11 34.69 -23.64
C ILE B 346 -21.96 36.18 -23.88
N CYS B 347 -20.74 36.64 -24.13
CA CYS B 347 -20.56 38.03 -24.47
C CYS B 347 -19.66 38.11 -25.68
N TYR B 348 -19.99 39.06 -26.54
CA TYR B 348 -19.31 39.32 -27.80
C TYR B 348 -18.10 40.24 -27.61
N PHE B 349 -16.98 39.86 -28.22
CA PHE B 349 -15.74 40.62 -28.14
C PHE B 349 -15.21 40.96 -29.53
N GLN B 350 -14.49 42.07 -29.62
CA GLN B 350 -13.83 42.48 -30.87
C GLN B 350 -12.35 42.37 -30.47
N ILE B 351 -11.49 41.83 -31.32
CA ILE B 351 -10.09 41.71 -30.91
C ILE B 351 -9.55 43.06 -30.46
N ASP B 352 -10.10 44.14 -31.02
CA ASP B 352 -9.69 45.48 -30.66
C ASP B 352 -10.82 46.13 -29.86
N LYS B 353 -10.95 45.71 -28.60
CA LYS B 353 -11.98 46.24 -27.70
C LYS B 353 -11.99 45.39 -26.44
N LYS B 354 -11.58 45.97 -25.32
CA LYS B 354 -11.55 45.22 -24.06
C LYS B 354 -12.93 45.01 -23.47
N ASP B 355 -13.87 45.91 -23.77
CA ASP B 355 -15.21 45.79 -23.23
C ASP B 355 -16.06 44.89 -24.13
N CYS B 356 -16.68 43.87 -23.55
CA CYS B 356 -17.50 42.96 -24.33
C CYS B 356 -18.98 43.22 -24.06
N THR B 357 -19.83 42.70 -24.95
CA THR B 357 -21.26 42.86 -24.82
C THR B 357 -21.93 41.51 -24.58
N PHE B 358 -22.71 41.42 -23.51
CA PHE B 358 -23.41 40.18 -23.20
C PHE B 358 -24.61 39.97 -24.11
N ILE B 359 -24.79 38.75 -24.60
CA ILE B 359 -25.92 38.47 -25.47
C ILE B 359 -26.97 37.53 -24.89
N THR B 360 -26.70 36.97 -23.71
CA THR B 360 -27.67 36.07 -23.08
C THR B 360 -28.10 36.43 -21.64
N LYS B 361 -29.38 36.16 -21.39
CA LYS B 361 -30.15 36.42 -20.15
C LYS B 361 -29.59 36.44 -18.75
N GLY B 362 -30.39 35.92 -17.82
CA GLY B 362 -30.02 35.94 -16.41
C GLY B 362 -29.84 34.73 -15.52
N THR B 363 -30.84 34.46 -14.67
CA THR B 363 -30.79 33.38 -13.68
C THR B 363 -30.70 31.92 -14.14
N TRP B 364 -29.67 31.66 -14.92
CA TRP B 364 -29.39 30.33 -15.45
C TRP B 364 -28.04 30.53 -16.10
N GLU B 365 -27.47 29.49 -16.70
CA GLU B 365 -26.16 29.66 -17.32
C GLU B 365 -26.02 28.96 -18.65
N VAL B 366 -25.16 29.50 -19.50
CA VAL B 366 -24.88 28.87 -20.78
C VAL B 366 -23.81 27.80 -20.45
N ILE B 367 -24.06 26.55 -20.80
CA ILE B 367 -23.10 25.49 -20.53
C ILE B 367 -21.93 25.61 -21.52
N GLY B 368 -22.24 25.70 -22.80
CA GLY B 368 -21.21 25.86 -23.80
C GLY B 368 -21.69 26.36 -25.14
N ILE B 369 -20.79 26.99 -25.88
CA ILE B 369 -21.10 27.50 -27.20
C ILE B 369 -20.81 26.31 -28.13
N GLU B 370 -21.82 25.88 -28.89
CA GLU B 370 -21.67 24.72 -29.75
C GLU B 370 -21.36 24.99 -31.22
N ALA B 371 -21.84 26.10 -31.75
CA ALA B 371 -21.59 26.41 -33.16
C ALA B 371 -21.72 27.87 -33.53
N LEU B 372 -20.97 28.28 -34.54
CA LEU B 372 -20.97 29.66 -35.01
C LEU B 372 -21.07 29.72 -36.53
N THR B 373 -22.02 30.51 -37.02
CA THR B 373 -22.20 30.73 -38.44
C THR B 373 -22.35 32.24 -38.53
N SER B 374 -22.39 32.80 -39.73
CA SER B 374 -22.54 34.24 -39.84
C SER B 374 -23.93 34.63 -39.39
N ASP B 375 -24.84 33.66 -39.47
CA ASP B 375 -26.24 33.86 -39.12
C ASP B 375 -26.55 33.76 -37.64
N TYR B 376 -26.30 32.57 -37.09
CA TYR B 376 -26.60 32.30 -35.69
C TYR B 376 -25.50 31.67 -34.87
N LEU B 377 -25.66 31.77 -33.55
CA LEU B 377 -24.72 31.16 -32.63
C LEU B 377 -25.55 30.13 -31.89
N TYR B 378 -25.05 28.92 -31.81
CA TYR B 378 -25.74 27.84 -31.13
C TYR B 378 -25.05 27.58 -29.79
N TYR B 379 -25.83 27.34 -28.76
CA TYR B 379 -25.26 27.06 -27.46
C TYR B 379 -26.18 26.16 -26.67
N ILE B 380 -25.67 25.57 -25.60
CA ILE B 380 -26.46 24.71 -24.74
C ILE B 380 -26.57 25.42 -23.39
N SER B 381 -27.73 25.33 -22.75
CA SER B 381 -27.90 25.97 -21.45
C SER B 381 -28.95 25.24 -20.63
N ASN B 382 -29.10 25.66 -19.39
CA ASN B 382 -30.09 25.06 -18.49
C ASN B 382 -31.20 26.07 -18.18
N GLU B 383 -31.50 26.93 -19.15
CA GLU B 383 -32.55 27.92 -18.94
C GLU B 383 -33.97 27.33 -18.89
N TYR B 384 -34.23 26.27 -19.65
CA TYR B 384 -35.57 25.69 -19.70
C TYR B 384 -36.19 25.33 -18.35
N LYS B 385 -37.39 25.84 -18.10
CA LYS B 385 -38.11 25.60 -16.85
C LYS B 385 -37.25 25.85 -15.60
N GLY B 386 -36.22 26.68 -15.74
CA GLY B 386 -35.36 27.00 -14.62
C GLY B 386 -34.77 25.79 -13.90
N MET B 387 -34.53 24.71 -14.63
CA MET B 387 -33.95 23.51 -14.03
C MET B 387 -32.46 23.50 -14.36
N PRO B 388 -31.60 23.81 -13.38
CA PRO B 388 -30.16 23.81 -13.66
C PRO B 388 -29.62 22.46 -14.12
N GLY B 389 -30.41 21.41 -13.94
CA GLY B 389 -29.98 20.08 -14.32
C GLY B 389 -30.47 19.63 -15.68
N GLY B 390 -31.11 20.55 -16.40
CA GLY B 390 -31.61 20.23 -17.72
C GLY B 390 -30.61 20.77 -18.72
N ARG B 391 -30.73 20.36 -19.99
CA ARG B 391 -29.80 20.81 -21.00
C ARG B 391 -30.48 20.88 -22.38
N ASN B 392 -30.51 22.08 -22.97
CA ASN B 392 -31.14 22.26 -24.27
C ASN B 392 -30.32 23.06 -25.25
N LEU B 393 -30.59 22.83 -26.53
CA LEU B 393 -29.90 23.55 -27.60
C LEU B 393 -30.75 24.77 -27.96
N TYR B 394 -30.10 25.93 -27.98
CA TYR B 394 -30.75 27.19 -28.33
C TYR B 394 -29.94 27.84 -29.42
N LYS B 395 -30.56 28.71 -30.20
CA LYS B 395 -29.83 29.44 -31.22
C LYS B 395 -30.24 30.89 -31.10
N ILE B 396 -29.26 31.78 -31.11
CA ILE B 396 -29.51 33.20 -30.96
C ILE B 396 -29.09 33.99 -32.20
N GLN B 397 -29.90 34.97 -32.58
CA GLN B 397 -29.64 35.81 -33.74
C GLN B 397 -28.50 36.78 -33.45
N LEU B 398 -27.45 36.68 -34.26
CA LEU B 398 -26.27 37.54 -34.11
C LEU B 398 -26.55 39.03 -34.38
N SER B 399 -27.58 39.33 -35.17
CA SER B 399 -27.91 40.71 -35.48
C SER B 399 -28.96 41.31 -34.54
N ASP B 400 -29.62 40.45 -33.77
CA ASP B 400 -30.64 40.89 -32.82
C ASP B 400 -30.66 39.88 -31.68
N TYR B 401 -30.03 40.22 -30.57
CA TYR B 401 -29.95 39.32 -29.42
C TYR B 401 -31.27 38.96 -28.75
N THR B 402 -32.37 39.63 -29.08
CA THR B 402 -33.64 39.29 -28.44
C THR B 402 -34.33 38.15 -29.17
N LYS B 403 -33.75 37.73 -30.28
CA LYS B 403 -34.31 36.62 -31.05
C LYS B 403 -33.56 35.36 -30.64
N VAL B 404 -34.08 34.66 -29.63
CA VAL B 404 -33.45 33.43 -29.18
C VAL B 404 -34.43 32.27 -29.36
N THR B 405 -33.99 31.21 -30.03
CA THR B 405 -34.86 30.08 -30.28
C THR B 405 -34.37 28.79 -29.64
N CYS B 406 -35.22 28.12 -28.86
CA CYS B 406 -34.81 26.84 -28.28
C CYS B 406 -35.14 25.84 -29.37
N LEU B 407 -34.17 25.00 -29.72
CA LEU B 407 -34.35 24.00 -30.77
C LEU B 407 -34.76 22.62 -30.28
N SER B 408 -34.56 22.33 -29.00
CA SER B 408 -34.86 21.00 -28.50
C SER B 408 -35.87 20.92 -27.36
N CYS B 409 -36.18 22.05 -26.75
CA CYS B 409 -37.12 22.10 -25.64
C CYS B 409 -38.41 21.28 -25.84
N GLU B 410 -39.09 21.50 -26.95
CA GLU B 410 -40.37 20.84 -27.23
C GLU B 410 -40.37 19.63 -28.15
N LEU B 411 -39.21 19.10 -28.50
CA LEU B 411 -39.17 17.94 -29.38
C LEU B 411 -39.96 16.78 -28.78
N ASN B 412 -39.74 16.56 -27.50
CA ASN B 412 -40.41 15.52 -26.72
C ASN B 412 -40.10 15.85 -25.27
N PRO B 413 -40.72 16.93 -24.75
CA PRO B 413 -40.54 17.43 -23.38
C PRO B 413 -40.63 16.41 -22.24
N GLU B 414 -41.47 15.39 -22.40
CA GLU B 414 -41.62 14.39 -21.34
C GLU B 414 -40.48 13.36 -21.29
N ARG B 415 -39.84 13.12 -22.43
CA ARG B 415 -38.76 12.15 -22.51
C ARG B 415 -37.37 12.77 -22.62
N CYS B 416 -37.30 13.98 -23.16
CA CYS B 416 -36.02 14.62 -23.36
C CYS B 416 -35.83 16.00 -22.73
N GLN B 417 -34.92 16.07 -21.77
CA GLN B 417 -34.61 17.31 -21.08
C GLN B 417 -33.11 17.48 -20.88
N TYR B 418 -32.31 16.65 -21.56
CA TYR B 418 -30.87 16.72 -21.45
C TYR B 418 -30.24 16.38 -22.81
N TYR B 419 -29.92 17.42 -23.56
CA TYR B 419 -29.37 17.31 -24.90
C TYR B 419 -27.90 17.69 -25.05
N SER B 420 -27.28 17.08 -26.07
CA SER B 420 -25.91 17.36 -26.46
C SER B 420 -26.07 17.36 -27.99
N VAL B 421 -25.13 17.98 -28.71
CA VAL B 421 -25.28 18.07 -30.16
C VAL B 421 -23.98 17.86 -30.93
N SER B 422 -24.12 17.56 -32.21
CA SER B 422 -22.96 17.36 -33.08
C SER B 422 -23.27 17.90 -34.47
N PHE B 423 -22.75 19.09 -34.75
CA PHE B 423 -22.95 19.75 -36.05
C PHE B 423 -21.97 19.24 -37.10
N SER B 424 -22.39 19.34 -38.36
CA SER B 424 -21.55 18.92 -39.48
C SER B 424 -20.53 20.03 -39.76
N LYS B 425 -19.63 19.79 -40.72
CA LYS B 425 -18.58 20.75 -41.08
C LYS B 425 -18.96 22.24 -41.04
N GLU B 426 -20.03 22.62 -41.72
CA GLU B 426 -20.42 24.03 -41.72
C GLU B 426 -21.70 24.26 -40.92
N ALA B 427 -22.06 23.28 -40.09
CA ALA B 427 -23.25 23.36 -39.27
C ALA B 427 -24.50 23.34 -40.15
N LYS B 428 -24.39 22.69 -41.31
CA LYS B 428 -25.49 22.59 -42.24
C LYS B 428 -26.50 21.59 -41.70
N TYR B 429 -25.99 20.65 -40.92
CA TYR B 429 -26.81 19.61 -40.29
C TYR B 429 -26.31 19.43 -38.87
N TYR B 430 -27.07 18.72 -38.06
CA TYR B 430 -26.66 18.45 -36.69
C TYR B 430 -27.43 17.29 -36.10
N GLN B 431 -26.76 16.52 -35.25
CA GLN B 431 -27.38 15.40 -34.59
C GLN B 431 -27.69 15.78 -33.16
N LEU B 432 -28.90 15.50 -32.70
CA LEU B 432 -29.26 15.80 -31.32
C LEU B 432 -29.19 14.52 -30.53
N ARG B 433 -28.61 14.61 -29.35
CA ARG B 433 -28.45 13.47 -28.47
C ARG B 433 -29.21 13.73 -27.18
N CYS B 434 -30.35 13.05 -27.03
CA CYS B 434 -31.18 13.16 -25.83
C CYS B 434 -30.66 12.07 -24.89
N SER B 435 -30.24 12.46 -23.68
CA SER B 435 -29.70 11.50 -22.69
C SER B 435 -30.65 11.16 -21.55
N GLY B 436 -31.80 11.82 -21.51
CA GLY B 436 -32.76 11.54 -20.45
C GLY B 436 -33.80 12.62 -20.39
N PRO B 437 -34.77 12.56 -19.46
CA PRO B 437 -34.92 11.50 -18.45
C PRO B 437 -35.36 10.15 -19.01
N GLY B 438 -35.84 10.15 -20.25
CA GLY B 438 -36.28 8.90 -20.87
C GLY B 438 -35.10 8.21 -21.54
N LEU B 439 -35.35 7.06 -22.16
CA LEU B 439 -34.27 6.33 -22.81
C LEU B 439 -33.65 7.21 -23.88
N PRO B 440 -32.31 7.21 -23.99
CA PRO B 440 -31.63 8.03 -24.99
C PRO B 440 -32.30 7.98 -26.36
N LEU B 441 -32.27 9.11 -27.05
CA LEU B 441 -32.88 9.25 -28.36
C LEU B 441 -31.99 10.11 -29.24
N TYR B 442 -31.61 9.57 -30.39
CA TYR B 442 -30.75 10.30 -31.32
C TYR B 442 -31.49 10.67 -32.61
N THR B 443 -31.41 11.94 -32.98
CA THR B 443 -32.10 12.40 -34.18
C THR B 443 -31.23 13.32 -35.04
N LEU B 444 -31.50 13.32 -36.35
CA LEU B 444 -30.75 14.17 -37.28
C LEU B 444 -31.65 15.32 -37.72
N HIS B 445 -31.09 16.52 -37.77
CA HIS B 445 -31.84 17.72 -38.16
C HIS B 445 -31.04 18.52 -39.16
N SER B 446 -31.71 19.43 -39.87
CA SER B 446 -31.02 20.28 -40.85
C SER B 446 -31.18 21.70 -40.37
N SER B 447 -30.08 22.43 -40.33
CA SER B 447 -30.05 23.80 -39.82
C SER B 447 -30.88 24.90 -40.50
N VAL B 448 -31.21 24.73 -41.78
CA VAL B 448 -32.00 25.75 -42.50
C VAL B 448 -33.28 26.12 -41.76
N ASN B 449 -33.97 25.10 -41.26
CA ASN B 449 -35.22 25.32 -40.57
C ASN B 449 -35.32 24.48 -39.29
N ASP B 450 -34.19 23.85 -38.91
CA ASP B 450 -34.16 23.03 -37.71
C ASP B 450 -35.23 21.94 -37.81
N LYS B 451 -35.44 21.44 -39.02
CA LYS B 451 -36.44 20.41 -39.25
C LYS B 451 -35.89 19.02 -38.95
N GLY B 452 -36.67 18.23 -38.24
CA GLY B 452 -36.24 16.88 -37.91
C GLY B 452 -36.24 16.02 -39.15
N LEU B 453 -35.08 15.50 -39.52
CA LEU B 453 -34.95 14.66 -40.71
C LEU B 453 -35.37 13.22 -40.40
N ARG B 454 -34.92 12.68 -39.28
CA ARG B 454 -35.26 11.31 -38.91
C ARG B 454 -34.62 10.87 -37.61
N VAL B 455 -35.22 9.85 -37.01
CA VAL B 455 -34.75 9.26 -35.76
C VAL B 455 -33.61 8.30 -36.09
N LEU B 456 -32.44 8.51 -35.50
CA LEU B 456 -31.30 7.65 -35.78
C LEU B 456 -31.29 6.40 -34.92
N GLU B 457 -31.65 6.55 -33.66
CA GLU B 457 -31.70 5.44 -32.72
C GLU B 457 -32.68 5.85 -31.64
N ASP B 458 -33.61 4.97 -31.29
CA ASP B 458 -34.58 5.30 -30.25
C ASP B 458 -34.56 4.32 -29.09
N ASN B 459 -33.64 3.37 -29.14
CA ASN B 459 -33.52 2.38 -28.09
C ASN B 459 -34.80 1.60 -27.84
N SER B 460 -35.62 1.45 -28.88
CA SER B 460 -36.87 0.70 -28.75
C SER B 460 -36.56 -0.70 -28.22
N ALA B 461 -35.39 -1.22 -28.59
CA ALA B 461 -34.96 -2.53 -28.14
C ALA B 461 -34.87 -2.58 -26.61
N LEU B 462 -33.99 -1.77 -26.03
CA LEU B 462 -33.84 -1.74 -24.59
C LEU B 462 -35.20 -1.53 -23.95
N ASP B 463 -35.97 -0.61 -24.53
CA ASP B 463 -37.31 -0.31 -24.03
C ASP B 463 -38.12 -1.60 -23.84
N LYS B 464 -38.19 -2.41 -24.89
CA LYS B 464 -38.93 -3.66 -24.84
C LYS B 464 -38.46 -4.51 -23.67
N MET B 465 -37.15 -4.77 -23.61
CA MET B 465 -36.57 -5.57 -22.55
C MET B 465 -36.85 -5.05 -21.14
N LEU B 466 -37.08 -3.75 -21.01
CA LEU B 466 -37.31 -3.18 -19.69
C LEU B 466 -38.76 -3.12 -19.22
N GLN B 467 -39.71 -3.31 -20.12
CA GLN B 467 -41.10 -3.28 -19.72
C GLN B 467 -41.50 -4.50 -18.92
N ASN B 468 -40.60 -5.47 -18.85
CA ASN B 468 -40.85 -6.70 -18.12
C ASN B 468 -40.18 -6.70 -16.74
N VAL B 469 -39.31 -5.71 -16.50
CA VAL B 469 -38.61 -5.62 -15.22
C VAL B 469 -39.00 -4.38 -14.42
N GLN B 470 -39.06 -4.53 -13.10
CA GLN B 470 -39.45 -3.41 -12.23
C GLN B 470 -38.32 -2.40 -12.10
N MET B 471 -38.37 -1.41 -12.98
CA MET B 471 -37.37 -0.36 -13.01
C MET B 471 -37.76 0.77 -12.04
N PRO B 472 -36.76 1.44 -11.47
CA PRO B 472 -36.98 2.54 -10.53
C PRO B 472 -37.31 3.81 -11.30
N SER B 473 -37.84 4.82 -10.61
CA SER B 473 -38.17 6.10 -11.25
C SER B 473 -37.23 7.13 -10.66
N LYS B 474 -37.21 8.34 -11.24
CA LYS B 474 -36.32 9.39 -10.75
C LYS B 474 -37.05 10.69 -10.42
N LYS B 475 -37.02 11.07 -9.15
CA LYS B 475 -37.68 12.30 -8.71
C LYS B 475 -36.62 13.41 -8.78
N LEU B 476 -36.92 14.49 -9.48
CA LEU B 476 -35.97 15.60 -9.59
C LEU B 476 -36.66 16.86 -9.08
N ASP B 477 -36.21 17.38 -7.95
CA ASP B 477 -36.83 18.57 -7.38
C ASP B 477 -35.85 19.38 -6.55
N PHE B 478 -36.36 20.17 -5.61
CA PHE B 478 -35.50 20.99 -4.76
C PHE B 478 -36.04 21.19 -3.35
N ILE B 479 -35.14 21.55 -2.45
CA ILE B 479 -35.49 21.85 -1.08
C ILE B 479 -34.98 23.27 -0.89
N ILE B 480 -35.31 23.90 0.23
CA ILE B 480 -34.87 25.26 0.46
C ILE B 480 -33.87 25.40 1.59
N LEU B 481 -32.81 26.15 1.31
CA LEU B 481 -31.76 26.39 2.28
C LEU B 481 -31.36 27.86 2.36
N ASN B 482 -31.75 28.50 3.47
CA ASN B 482 -31.42 29.89 3.70
C ASN B 482 -31.90 30.82 2.58
N GLU B 483 -33.19 30.72 2.26
CA GLU B 483 -33.79 31.56 1.23
C GLU B 483 -33.46 31.15 -0.21
N THR B 484 -32.50 30.25 -0.41
CA THR B 484 -32.15 29.83 -1.76
C THR B 484 -32.47 28.35 -1.98
N LYS B 485 -33.08 28.03 -3.11
CA LYS B 485 -33.42 26.65 -3.40
C LYS B 485 -32.29 25.86 -4.05
N PHE B 486 -32.09 24.65 -3.56
CA PHE B 486 -31.05 23.77 -4.07
C PHE B 486 -31.69 22.49 -4.57
N TRP B 487 -31.24 22.05 -5.72
CA TRP B 487 -31.81 20.86 -6.32
C TRP B 487 -31.26 19.55 -5.84
N TYR B 488 -32.11 18.53 -5.93
CA TYR B 488 -31.71 17.20 -5.53
C TYR B 488 -32.41 16.21 -6.44
N GLN B 489 -31.94 14.96 -6.43
CA GLN B 489 -32.58 13.93 -7.22
C GLN B 489 -32.70 12.68 -6.37
N MET B 490 -33.74 11.92 -6.65
CA MET B 490 -33.97 10.68 -5.93
C MET B 490 -34.32 9.54 -6.86
N ILE B 491 -33.60 8.44 -6.73
CA ILE B 491 -33.88 7.27 -7.53
C ILE B 491 -34.81 6.45 -6.65
N LEU B 492 -36.07 6.40 -7.04
CA LEU B 492 -37.10 5.72 -6.27
C LEU B 492 -37.38 4.27 -6.66
N PRO B 493 -37.49 3.39 -5.66
CA PRO B 493 -37.77 1.96 -5.89
C PRO B 493 -39.14 1.81 -6.57
N PRO B 494 -39.33 0.72 -7.31
CA PRO B 494 -40.60 0.47 -8.02
C PRO B 494 -41.82 0.59 -7.11
N HIS B 495 -42.93 1.03 -7.71
CA HIS B 495 -44.19 1.17 -6.97
C HIS B 495 -43.94 1.78 -5.60
N PHE B 496 -43.22 2.88 -5.59
CA PHE B 496 -42.89 3.61 -4.39
C PHE B 496 -44.14 3.88 -3.55
N ASP B 497 -44.07 3.62 -2.26
CA ASP B 497 -45.19 3.87 -1.35
C ASP B 497 -44.82 4.89 -0.28
N LYS B 498 -45.35 6.10 -0.42
CA LYS B 498 -45.08 7.17 0.54
C LYS B 498 -45.39 6.81 2.00
N SER B 499 -46.17 5.76 2.22
CA SER B 499 -46.51 5.37 3.58
C SER B 499 -45.43 4.56 4.28
N LYS B 500 -44.69 3.77 3.51
CA LYS B 500 -43.64 2.95 4.10
C LYS B 500 -42.35 3.75 4.23
N LYS B 501 -41.52 3.38 5.20
CA LYS B 501 -40.25 4.04 5.42
C LYS B 501 -39.12 3.29 4.73
N TYR B 502 -38.49 3.93 3.76
CA TYR B 502 -37.40 3.34 3.00
C TYR B 502 -36.04 3.80 3.48
N PRO B 503 -35.05 2.89 3.44
CA PRO B 503 -33.72 3.32 3.89
C PRO B 503 -33.21 4.27 2.80
N LEU B 504 -32.31 5.19 3.14
CA LEU B 504 -31.80 6.13 2.16
C LEU B 504 -30.27 6.19 2.08
N LEU B 505 -29.77 6.29 0.84
CA LEU B 505 -28.34 6.38 0.58
C LEU B 505 -28.08 7.69 -0.16
N LEU B 506 -27.23 8.53 0.42
CA LEU B 506 -26.88 9.80 -0.21
C LEU B 506 -25.62 9.59 -1.05
N ASP B 507 -25.79 9.69 -2.38
CA ASP B 507 -24.71 9.54 -3.35
C ASP B 507 -24.17 10.94 -3.59
N VAL B 508 -22.96 11.20 -3.12
CA VAL B 508 -22.37 12.52 -3.22
C VAL B 508 -21.03 12.67 -3.96
N TYR B 509 -20.89 13.85 -4.58
CA TYR B 509 -19.71 14.30 -5.30
C TYR B 509 -19.46 15.63 -4.60
N ALA B 510 -20.33 16.61 -4.84
CA ALA B 510 -20.25 17.91 -4.18
C ALA B 510 -18.97 18.72 -4.25
N GLY B 511 -18.19 18.57 -5.32
CA GLY B 511 -16.98 19.35 -5.43
C GLY B 511 -17.30 20.65 -6.14
N PRO B 512 -16.35 21.61 -6.22
CA PRO B 512 -16.59 22.89 -6.90
C PRO B 512 -17.08 22.70 -8.34
N CYS B 513 -18.24 23.27 -8.62
CA CYS B 513 -18.90 23.21 -9.94
C CYS B 513 -19.44 21.82 -10.26
N SER B 514 -19.79 21.07 -9.22
CA SER B 514 -20.35 19.73 -9.41
C SER B 514 -21.86 19.78 -9.58
N GLN B 515 -22.42 18.72 -10.16
CA GLN B 515 -23.86 18.59 -10.36
C GLN B 515 -24.22 17.12 -10.34
N LYS B 516 -24.93 16.70 -9.29
CA LYS B 516 -25.34 15.31 -9.16
C LYS B 516 -26.85 15.14 -9.30
N ALA B 517 -27.55 16.25 -9.54
CA ALA B 517 -29.00 16.24 -9.71
C ALA B 517 -29.29 16.69 -11.14
N ASP B 518 -29.60 15.74 -12.01
CA ASP B 518 -29.87 16.08 -13.40
C ASP B 518 -30.96 15.22 -14.03
N THR B 519 -31.26 15.52 -15.30
CA THR B 519 -32.29 14.82 -16.05
C THR B 519 -31.78 13.63 -16.87
N VAL B 520 -30.55 13.20 -16.57
CA VAL B 520 -29.94 12.08 -17.26
C VAL B 520 -30.44 10.69 -16.82
N PHE B 521 -30.65 9.82 -17.79
CA PHE B 521 -31.10 8.45 -17.52
C PHE B 521 -29.84 7.59 -17.42
N ARG B 522 -29.78 6.74 -16.41
CA ARG B 522 -28.62 5.89 -16.22
C ARG B 522 -28.96 4.50 -15.77
N LEU B 523 -28.08 3.57 -16.06
CA LEU B 523 -28.21 2.19 -15.64
C LEU B 523 -26.90 1.96 -14.88
N ASN B 524 -26.93 2.26 -13.58
CA ASN B 524 -25.76 2.12 -12.71
C ASN B 524 -26.05 1.33 -11.44
N TRP B 525 -25.13 1.42 -10.49
CA TRP B 525 -25.27 0.72 -9.22
C TRP B 525 -26.51 1.18 -8.45
N ALA B 526 -26.83 2.47 -8.57
CA ALA B 526 -27.99 3.02 -7.88
C ALA B 526 -29.28 2.42 -8.44
N THR B 527 -29.25 2.07 -9.71
CA THR B 527 -30.42 1.48 -10.35
C THR B 527 -30.74 0.17 -9.62
N TYR B 528 -29.69 -0.63 -9.42
CA TYR B 528 -29.84 -1.91 -8.72
C TYR B 528 -30.27 -1.73 -7.27
N LEU B 529 -29.63 -0.79 -6.57
CA LEU B 529 -29.96 -0.54 -5.18
C LEU B 529 -31.46 -0.26 -5.04
N ALA B 530 -32.00 0.57 -5.93
CA ALA B 530 -33.41 0.92 -5.87
C ALA B 530 -34.35 -0.20 -6.37
N SER B 531 -34.07 -0.70 -7.57
CA SER B 531 -34.91 -1.74 -8.14
C SER B 531 -34.94 -3.06 -7.36
N THR B 532 -33.79 -3.49 -6.85
CA THR B 532 -33.72 -4.74 -6.14
C THR B 532 -33.73 -4.69 -4.61
N GLU B 533 -32.98 -3.75 -4.04
CA GLU B 533 -32.87 -3.64 -2.60
C GLU B 533 -33.84 -2.63 -1.99
N ASN B 534 -34.58 -1.94 -2.86
CA ASN B 534 -35.54 -0.95 -2.43
C ASN B 534 -34.93 0.16 -1.57
N ILE B 535 -33.79 0.65 -2.01
CA ILE B 535 -33.07 1.73 -1.32
C ILE B 535 -33.27 3.03 -2.12
N ILE B 536 -33.64 4.11 -1.45
CA ILE B 536 -33.79 5.38 -2.14
C ILE B 536 -32.39 5.94 -2.30
N VAL B 537 -31.98 6.27 -3.53
CA VAL B 537 -30.65 6.81 -3.74
C VAL B 537 -30.77 8.25 -4.15
N ALA B 538 -30.32 9.14 -3.28
CA ALA B 538 -30.40 10.57 -3.54
C ALA B 538 -29.05 11.26 -3.72
N SER B 539 -29.08 12.41 -4.40
CA SER B 539 -27.89 13.22 -4.60
C SER B 539 -28.36 14.66 -4.44
N PHE B 540 -27.53 15.49 -3.80
CA PHE B 540 -27.88 16.87 -3.56
C PHE B 540 -26.80 17.85 -4.02
N ASP B 541 -27.21 18.93 -4.67
CA ASP B 541 -26.28 19.96 -5.11
C ASP B 541 -26.43 21.19 -4.23
N GLY B 542 -25.52 21.33 -3.25
CA GLY B 542 -25.58 22.47 -2.35
C GLY B 542 -24.57 23.55 -2.72
N ARG B 543 -24.18 24.36 -1.73
CA ARG B 543 -23.23 25.43 -1.98
C ARG B 543 -21.95 24.87 -2.61
N GLY B 544 -21.41 25.58 -3.59
CA GLY B 544 -20.23 25.12 -4.28
C GLY B 544 -20.60 24.43 -5.58
N SER B 545 -21.81 23.89 -5.66
CA SER B 545 -22.25 23.20 -6.86
C SER B 545 -22.24 24.18 -8.03
N GLY B 546 -22.21 23.65 -9.25
CA GLY B 546 -22.13 24.53 -10.40
C GLY B 546 -23.37 24.76 -11.24
N TYR B 547 -23.16 25.48 -12.34
CA TYR B 547 -24.19 25.79 -13.33
C TYR B 547 -25.35 26.61 -12.77
N GLN B 548 -25.16 27.23 -11.62
CA GLN B 548 -26.21 28.02 -11.00
C GLN B 548 -25.75 29.41 -10.57
N GLY B 549 -24.65 29.88 -11.13
CA GLY B 549 -24.16 31.20 -10.76
C GLY B 549 -23.07 31.16 -9.71
N ASP B 550 -22.22 32.18 -9.70
CA ASP B 550 -21.10 32.29 -8.77
C ASP B 550 -21.47 32.43 -7.30
N LYS B 551 -22.61 33.02 -7.01
CA LYS B 551 -23.05 33.21 -5.62
C LYS B 551 -23.01 31.85 -4.93
N ILE B 552 -23.48 30.82 -5.64
CA ILE B 552 -23.49 29.45 -5.12
C ILE B 552 -22.17 28.71 -5.31
N MET B 553 -21.60 28.78 -6.51
CA MET B 553 -20.36 28.09 -6.79
C MET B 553 -19.14 28.63 -6.04
N HIS B 554 -19.10 29.93 -5.78
CA HIS B 554 -17.95 30.50 -5.08
C HIS B 554 -18.06 30.56 -3.56
N ALA B 555 -19.18 30.10 -3.02
CA ALA B 555 -19.39 30.10 -1.58
C ALA B 555 -18.29 29.35 -0.82
N ILE B 556 -17.69 28.34 -1.44
CA ILE B 556 -16.63 27.59 -0.76
C ILE B 556 -15.22 28.00 -1.22
N ASN B 557 -15.07 29.19 -1.78
CA ASN B 557 -13.77 29.66 -2.20
C ASN B 557 -12.87 29.80 -0.98
N ARG B 558 -11.66 29.23 -1.07
CA ARG B 558 -10.69 29.23 0.02
C ARG B 558 -11.22 28.50 1.26
N ARG B 559 -12.40 27.92 1.13
CA ARG B 559 -13.05 27.22 2.23
C ARG B 559 -13.47 25.79 1.91
N LEU B 560 -12.63 25.04 1.21
CA LEU B 560 -12.96 23.66 0.89
C LEU B 560 -13.24 22.84 2.16
N GLY B 561 -14.21 21.93 2.07
CA GLY B 561 -14.53 21.11 3.21
C GLY B 561 -15.41 21.77 4.26
N THR B 562 -16.19 22.78 3.90
CA THR B 562 -17.06 23.44 4.88
C THR B 562 -18.55 23.42 4.49
N PHE B 563 -19.03 24.48 3.84
CA PHE B 563 -20.46 24.59 3.44
C PHE B 563 -20.98 23.40 2.64
N GLU B 564 -20.16 22.92 1.72
CA GLU B 564 -20.48 21.78 0.86
C GLU B 564 -20.73 20.54 1.70
N VAL B 565 -19.99 20.41 2.81
CA VAL B 565 -20.14 19.25 3.68
C VAL B 565 -21.43 19.46 4.45
N GLU B 566 -21.54 20.62 5.08
CA GLU B 566 -22.71 21.00 5.85
C GLU B 566 -24.00 20.83 5.07
N ASP B 567 -24.05 21.31 3.83
CA ASP B 567 -25.26 21.19 3.03
C ASP B 567 -25.68 19.76 2.77
N GLN B 568 -24.69 18.91 2.54
CA GLN B 568 -24.95 17.50 2.30
C GLN B 568 -25.66 16.95 3.53
N ILE B 569 -25.21 17.39 4.71
CA ILE B 569 -25.80 16.98 5.98
C ILE B 569 -27.22 17.54 6.15
N GLU B 570 -27.37 18.84 5.90
CA GLU B 570 -28.66 19.51 6.03
C GLU B 570 -29.72 18.89 5.13
N ALA B 571 -29.31 18.46 3.95
CA ALA B 571 -30.24 17.87 3.01
C ALA B 571 -30.77 16.53 3.53
N ALA B 572 -29.89 15.75 4.16
CA ALA B 572 -30.27 14.46 4.71
C ALA B 572 -31.24 14.69 5.87
N ARG B 573 -31.00 15.72 6.68
CA ARG B 573 -31.89 16.03 7.78
C ARG B 573 -33.26 16.27 7.18
N GLN B 574 -33.31 17.00 6.07
CA GLN B 574 -34.57 17.27 5.41
C GLN B 574 -35.17 15.99 4.86
N PHE B 575 -34.33 15.16 4.24
CA PHE B 575 -34.82 13.90 3.69
C PHE B 575 -35.39 12.99 4.78
N SER B 576 -34.70 12.94 5.93
CA SER B 576 -35.15 12.10 7.04
C SER B 576 -36.51 12.53 7.57
N LYS B 577 -36.73 13.84 7.63
CA LYS B 577 -37.99 14.38 8.09
C LYS B 577 -39.09 14.13 7.07
N MET B 578 -38.71 13.86 5.83
CA MET B 578 -39.70 13.66 4.77
C MET B 578 -40.82 12.66 4.99
N GLY B 579 -40.69 11.80 6.00
CA GLY B 579 -41.78 10.86 6.26
C GLY B 579 -41.71 9.48 5.64
N PHE B 580 -41.19 9.36 4.42
CA PHE B 580 -41.09 8.06 3.78
C PHE B 580 -39.65 7.55 3.82
N VAL B 581 -38.82 8.23 4.59
CA VAL B 581 -37.43 7.84 4.73
C VAL B 581 -37.24 7.31 6.15
N ASP B 582 -36.48 6.23 6.28
CA ASP B 582 -36.23 5.67 7.59
C ASP B 582 -35.08 6.41 8.27
N ASN B 583 -35.43 7.22 9.28
CA ASN B 583 -34.48 8.01 10.06
C ASN B 583 -33.21 7.28 10.47
N LYS B 584 -33.38 6.04 10.92
CA LYS B 584 -32.26 5.25 11.40
C LYS B 584 -31.47 4.48 10.34
N ARG B 585 -31.76 4.73 9.07
CA ARG B 585 -31.05 4.02 8.02
C ARG B 585 -30.67 4.89 6.85
N ILE B 586 -29.85 5.89 7.11
CA ILE B 586 -29.38 6.79 6.07
C ILE B 586 -27.87 6.62 5.98
N ALA B 587 -27.42 6.27 4.78
CA ALA B 587 -26.02 6.07 4.52
C ALA B 587 -25.57 7.11 3.53
N ILE B 588 -24.25 7.25 3.39
CA ILE B 588 -23.71 8.21 2.46
C ILE B 588 -22.47 7.62 1.81
N TRP B 589 -22.27 7.89 0.54
CA TRP B 589 -21.09 7.36 -0.13
C TRP B 589 -20.68 8.24 -1.29
N GLY B 590 -19.38 8.25 -1.54
CA GLY B 590 -18.83 9.04 -2.62
C GLY B 590 -17.46 8.53 -3.03
N TRP B 591 -17.10 8.88 -4.27
CA TRP B 591 -15.82 8.49 -4.84
C TRP B 591 -15.10 9.81 -5.11
N SER B 592 -13.77 9.81 -5.08
CA SER B 592 -13.01 11.03 -5.33
C SER B 592 -13.32 12.16 -4.36
N TYR B 593 -13.75 13.29 -4.91
CA TYR B 593 -14.09 14.43 -4.08
C TYR B 593 -15.24 14.01 -3.19
N GLY B 594 -16.14 13.20 -3.74
CA GLY B 594 -17.28 12.71 -2.97
C GLY B 594 -16.80 11.84 -1.81
N GLY B 595 -15.62 11.26 -1.96
CA GLY B 595 -15.06 10.42 -0.89
C GLY B 595 -14.59 11.32 0.23
N TYR B 596 -14.01 12.46 -0.15
CA TYR B 596 -13.55 13.43 0.81
C TYR B 596 -14.76 13.91 1.61
N VAL B 597 -15.80 14.36 0.90
CA VAL B 597 -17.02 14.85 1.52
C VAL B 597 -17.67 13.81 2.43
N THR B 598 -17.83 12.59 1.90
CA THR B 598 -18.43 11.49 2.67
C THR B 598 -17.66 11.29 3.98
N SER B 599 -16.34 11.33 3.88
CA SER B 599 -15.48 11.17 5.06
C SER B 599 -15.59 12.36 6.01
N MET B 600 -15.76 13.56 5.45
CA MET B 600 -15.90 14.76 6.26
C MET B 600 -17.27 14.75 6.94
N VAL B 601 -18.27 14.23 6.23
CA VAL B 601 -19.61 14.15 6.80
C VAL B 601 -19.63 13.15 7.96
N LEU B 602 -19.12 11.95 7.72
CA LEU B 602 -19.08 10.92 8.74
C LEU B 602 -18.28 11.36 9.97
N GLY B 603 -17.30 12.23 9.75
CA GLY B 603 -16.51 12.71 10.86
C GLY B 603 -17.02 14.04 11.43
N SER B 604 -18.24 14.43 11.09
CA SER B 604 -18.80 15.68 11.59
C SER B 604 -19.52 15.47 12.90
N GLY B 605 -19.90 14.23 13.18
CA GLY B 605 -20.61 13.94 14.41
C GLY B 605 -22.01 14.54 14.41
N SER B 606 -22.66 14.55 13.26
CA SER B 606 -24.00 15.11 13.16
C SER B 606 -25.02 14.06 13.56
N GLY B 607 -24.57 12.83 13.74
CA GLY B 607 -25.46 11.76 14.13
C GLY B 607 -26.56 11.46 13.14
N VAL B 608 -26.51 12.06 11.95
CA VAL B 608 -27.52 11.82 10.94
C VAL B 608 -27.32 10.50 10.16
N PHE B 609 -26.06 10.14 9.94
CA PHE B 609 -25.71 8.95 9.18
C PHE B 609 -25.32 7.73 9.98
N LYS B 610 -25.87 6.58 9.59
CA LYS B 610 -25.58 5.33 10.26
C LYS B 610 -24.27 4.73 9.75
N CYS B 611 -24.00 4.90 8.46
CA CYS B 611 -22.78 4.36 7.83
C CYS B 611 -22.42 5.13 6.57
N GLY B 612 -21.26 4.81 6.01
CA GLY B 612 -20.81 5.48 4.80
C GLY B 612 -19.66 4.79 4.10
N ILE B 613 -19.49 5.11 2.83
CA ILE B 613 -18.41 4.53 2.05
C ILE B 613 -17.65 5.59 1.28
N ALA B 614 -16.33 5.62 1.47
CA ALA B 614 -15.46 6.56 0.79
C ALA B 614 -14.49 5.80 -0.09
N VAL B 615 -14.54 6.07 -1.39
CA VAL B 615 -13.66 5.42 -2.34
C VAL B 615 -12.64 6.44 -2.83
N ALA B 616 -11.36 6.07 -2.76
CA ALA B 616 -10.26 6.93 -3.20
C ALA B 616 -10.51 8.40 -2.83
N PRO B 617 -10.68 8.70 -1.54
CA PRO B 617 -10.93 10.09 -1.14
C PRO B 617 -9.66 10.88 -0.88
N VAL B 618 -9.79 12.20 -0.93
CA VAL B 618 -8.70 13.10 -0.62
C VAL B 618 -8.89 13.20 0.90
N SER B 619 -7.79 13.33 1.65
CA SER B 619 -7.89 13.41 3.10
C SER B 619 -7.40 14.75 3.65
N ARG B 620 -6.50 15.38 2.91
CA ARG B 620 -5.99 16.70 3.28
C ARG B 620 -5.44 17.27 1.99
N TRP B 621 -5.80 18.52 1.71
CA TRP B 621 -5.42 19.15 0.46
C TRP B 621 -3.95 19.27 0.13
N GLU B 622 -3.08 19.31 1.13
CA GLU B 622 -1.66 19.38 0.87
C GLU B 622 -1.18 18.15 0.10
N TYR B 623 -1.95 17.06 0.16
CA TYR B 623 -1.59 15.84 -0.55
C TYR B 623 -2.02 15.87 -2.00
N TYR B 624 -2.95 16.76 -2.35
CA TYR B 624 -3.44 16.79 -3.72
C TYR B 624 -2.63 17.67 -4.67
N ASP B 625 -2.96 17.63 -5.96
CA ASP B 625 -2.17 18.44 -6.89
C ASP B 625 -2.42 19.93 -6.78
N SER B 626 -1.40 20.69 -7.15
CA SER B 626 -1.43 22.15 -7.09
C SER B 626 -2.48 22.83 -7.95
N VAL B 627 -2.52 22.49 -9.23
CA VAL B 627 -3.49 23.13 -10.11
C VAL B 627 -4.95 23.02 -9.66
N TYR B 628 -5.40 21.83 -9.27
CA TYR B 628 -6.79 21.69 -8.83
C TYR B 628 -6.98 22.29 -7.45
N THR B 629 -6.11 21.93 -6.52
CA THR B 629 -6.21 22.40 -5.14
C THR B 629 -6.10 23.90 -4.91
N GLU B 630 -4.98 24.49 -5.31
CA GLU B 630 -4.77 25.91 -5.13
C GLU B 630 -5.86 26.75 -5.80
N ARG B 631 -6.40 26.24 -6.88
CA ARG B 631 -7.45 26.95 -7.58
C ARG B 631 -8.58 27.33 -6.62
N TYR B 632 -8.84 26.48 -5.62
CA TYR B 632 -9.90 26.73 -4.65
C TYR B 632 -9.42 27.07 -3.24
N MET B 633 -8.18 26.74 -2.92
CA MET B 633 -7.62 26.96 -1.57
C MET B 633 -6.46 27.93 -1.45
N GLY B 634 -5.99 28.45 -2.57
CA GLY B 634 -4.85 29.35 -2.51
C GLY B 634 -3.66 28.48 -2.13
N LEU B 635 -2.58 29.11 -1.67
CA LEU B 635 -1.39 28.36 -1.29
C LEU B 635 -1.38 27.95 0.18
N PRO B 636 -0.67 26.86 0.50
CA PRO B 636 -0.58 26.39 1.88
C PRO B 636 0.57 27.07 2.63
N THR B 637 0.46 28.37 2.80
CA THR B 637 1.48 29.14 3.51
C THR B 637 0.82 29.95 4.62
N PRO B 638 1.56 30.27 5.69
CA PRO B 638 0.92 31.05 6.74
C PRO B 638 0.41 32.39 6.21
N GLU B 639 1.12 32.95 5.23
CA GLU B 639 0.73 34.23 4.64
C GLU B 639 -0.60 34.11 3.91
N ASP B 640 -0.81 32.96 3.27
CA ASP B 640 -2.04 32.77 2.51
C ASP B 640 -3.15 32.01 3.21
N ASN B 641 -3.32 30.73 2.89
CA ASN B 641 -4.41 29.95 3.44
C ASN B 641 -4.06 28.70 4.24
N LEU B 642 -2.83 28.59 4.72
CA LEU B 642 -2.39 27.41 5.48
C LEU B 642 -3.32 27.00 6.62
N ASP B 643 -3.90 27.96 7.31
CA ASP B 643 -4.78 27.64 8.43
C ASP B 643 -5.97 26.79 8.03
N HIS B 644 -6.59 27.07 6.90
CA HIS B 644 -7.73 26.25 6.51
C HIS B 644 -7.29 24.95 5.88
N TYR B 645 -6.06 24.91 5.37
CA TYR B 645 -5.56 23.67 4.80
C TYR B 645 -5.49 22.67 5.95
N ARG B 646 -5.09 23.16 7.13
CA ARG B 646 -4.95 22.31 8.31
C ARG B 646 -6.26 22.05 9.02
N ASN B 647 -7.24 22.92 8.84
CA ASN B 647 -8.52 22.75 9.51
C ASN B 647 -9.50 21.93 8.67
N SER B 648 -9.10 21.58 7.45
CA SER B 648 -10.03 20.84 6.59
C SER B 648 -9.64 19.39 6.25
N THR B 649 -8.97 18.71 7.18
CA THR B 649 -8.55 17.33 6.95
C THR B 649 -9.52 16.33 7.55
N VAL B 650 -9.50 15.12 7.01
CA VAL B 650 -10.36 14.07 7.51
C VAL B 650 -9.82 13.57 8.85
N MET B 651 -8.51 13.35 8.94
CA MET B 651 -7.90 12.86 10.16
C MET B 651 -8.25 13.62 11.45
N SER B 652 -8.33 14.94 11.39
CA SER B 652 -8.63 15.73 12.58
C SER B 652 -10.05 15.50 13.09
N ARG B 653 -10.81 14.70 12.35
CA ARG B 653 -12.19 14.41 12.73
C ARG B 653 -12.34 12.93 13.04
N ALA B 654 -11.21 12.24 13.13
CA ALA B 654 -11.15 10.81 13.40
C ALA B 654 -12.05 10.37 14.56
N GLU B 655 -11.94 11.07 15.68
CA GLU B 655 -12.73 10.75 16.86
C GLU B 655 -14.22 10.55 16.61
N ASN B 656 -14.82 11.43 15.81
CA ASN B 656 -16.26 11.32 15.54
C ASN B 656 -16.68 10.07 14.78
N PHE B 657 -15.71 9.39 14.17
CA PHE B 657 -16.00 8.19 13.41
C PHE B 657 -16.46 7.03 14.30
N LYS B 658 -16.33 7.18 15.62
CA LYS B 658 -16.74 6.14 16.55
C LYS B 658 -18.23 5.85 16.52
N GLN B 659 -19.02 6.80 16.03
CA GLN B 659 -20.47 6.58 15.99
C GLN B 659 -21.01 6.08 14.66
N VAL B 660 -20.13 5.78 13.72
CA VAL B 660 -20.56 5.31 12.41
C VAL B 660 -19.78 4.11 11.91
N GLU B 661 -20.37 3.39 10.96
CA GLU B 661 -19.70 2.25 10.34
C GLU B 661 -19.11 2.87 9.07
N TYR B 662 -17.79 2.77 8.93
CA TYR B 662 -17.09 3.35 7.80
C TYR B 662 -16.33 2.32 6.98
N LEU B 663 -16.51 2.38 5.66
CA LEU B 663 -15.83 1.49 4.71
C LEU B 663 -14.91 2.39 3.90
N LEU B 664 -13.61 2.21 4.07
CA LEU B 664 -12.61 2.99 3.35
C LEU B 664 -12.06 2.11 2.22
N ILE B 665 -12.03 2.63 0.99
CA ILE B 665 -11.52 1.85 -0.16
C ILE B 665 -10.55 2.67 -1.01
N HIS B 666 -9.55 2.02 -1.59
CA HIS B 666 -8.56 2.75 -2.40
C HIS B 666 -7.64 1.87 -3.25
N GLY B 667 -7.33 2.32 -4.45
CA GLY B 667 -6.43 1.57 -5.33
C GLY B 667 -4.99 1.90 -4.99
N THR B 668 -4.15 0.88 -4.79
CA THR B 668 -2.75 1.11 -4.44
C THR B 668 -1.94 1.84 -5.51
N ALA B 669 -2.37 1.75 -6.76
CA ALA B 669 -1.64 2.40 -7.84
C ALA B 669 -2.32 3.68 -8.30
N ASP B 670 -3.04 4.33 -7.39
CA ASP B 670 -3.75 5.57 -7.71
C ASP B 670 -2.77 6.73 -7.86
N ASP B 671 -2.52 7.11 -9.10
CA ASP B 671 -1.60 8.19 -9.46
C ASP B 671 -2.20 9.57 -9.28
N ASN B 672 -3.50 9.62 -9.04
CA ASN B 672 -4.21 10.88 -8.89
C ASN B 672 -4.38 11.22 -7.41
N VAL B 673 -5.26 10.47 -6.74
CA VAL B 673 -5.44 10.64 -5.31
C VAL B 673 -4.60 9.49 -4.75
N HIS B 674 -3.33 9.77 -4.51
CA HIS B 674 -2.39 8.77 -4.01
C HIS B 674 -2.90 7.92 -2.85
N PHE B 675 -2.50 6.65 -2.83
CA PHE B 675 -2.92 5.75 -1.77
C PHE B 675 -2.66 6.39 -0.40
N GLN B 676 -1.62 7.22 -0.34
CA GLN B 676 -1.20 7.95 0.85
C GLN B 676 -2.36 8.60 1.61
N GLN B 677 -3.28 9.21 0.88
CA GLN B 677 -4.42 9.90 1.48
C GLN B 677 -5.26 8.98 2.36
N SER B 678 -5.59 7.78 1.87
CA SER B 678 -6.37 6.84 2.69
C SER B 678 -5.46 6.22 3.75
N ALA B 679 -4.19 6.05 3.42
CA ALA B 679 -3.23 5.48 4.36
C ALA B 679 -3.17 6.39 5.59
N GLN B 680 -3.23 7.71 5.39
CA GLN B 680 -3.18 8.60 6.54
C GLN B 680 -4.52 8.58 7.28
N ILE B 681 -5.62 8.37 6.56
CA ILE B 681 -6.95 8.32 7.20
C ILE B 681 -7.07 7.14 8.16
N SER B 682 -6.66 5.97 7.70
CA SER B 682 -6.75 4.78 8.55
C SER B 682 -5.84 4.92 9.77
N LYS B 683 -4.65 5.49 9.57
CA LYS B 683 -3.73 5.64 10.69
C LYS B 683 -4.33 6.51 11.80
N ALA B 684 -4.99 7.59 11.42
CA ALA B 684 -5.62 8.49 12.40
C ALA B 684 -6.78 7.78 13.10
N LEU B 685 -7.47 6.90 12.38
CA LEU B 685 -8.57 6.16 12.96
C LEU B 685 -8.02 5.13 13.93
N VAL B 686 -6.90 4.53 13.54
CA VAL B 686 -6.27 3.55 14.40
C VAL B 686 -5.77 4.24 15.67
N ASP B 687 -5.18 5.44 15.51
CA ASP B 687 -4.65 6.18 16.64
C ASP B 687 -5.66 6.63 17.67
N VAL B 688 -6.94 6.67 17.31
CA VAL B 688 -7.96 7.06 18.28
C VAL B 688 -8.88 5.88 18.58
N GLY B 689 -8.42 4.69 18.22
CA GLY B 689 -9.19 3.48 18.48
C GLY B 689 -10.57 3.32 17.88
N VAL B 690 -10.77 3.80 16.66
CA VAL B 690 -12.06 3.63 16.02
C VAL B 690 -11.98 2.47 15.03
N ASP B 691 -12.93 1.55 15.10
CA ASP B 691 -12.92 0.42 14.19
C ASP B 691 -13.64 0.83 12.90
N PHE B 692 -13.19 0.27 11.78
CA PHE B 692 -13.80 0.55 10.48
C PHE B 692 -13.49 -0.63 9.56
N GLN B 693 -14.07 -0.61 8.36
CA GLN B 693 -13.84 -1.65 7.38
C GLN B 693 -12.94 -1.05 6.31
N ALA B 694 -12.10 -1.88 5.70
CA ALA B 694 -11.19 -1.38 4.69
C ALA B 694 -11.01 -2.32 3.53
N MET B 695 -10.52 -1.78 2.42
CA MET B 695 -10.26 -2.57 1.23
C MET B 695 -9.31 -1.85 0.27
N TRP B 696 -8.17 -2.47 0.02
CA TRP B 696 -7.21 -1.88 -0.91
C TRP B 696 -7.31 -2.72 -2.18
N TYR B 697 -7.11 -2.08 -3.34
CA TYR B 697 -7.14 -2.79 -4.62
C TYR B 697 -5.76 -2.75 -5.24
N THR B 698 -5.10 -3.91 -5.28
CA THR B 698 -3.75 -4.03 -5.82
C THR B 698 -3.60 -3.60 -7.29
N ASP B 699 -2.67 -2.70 -7.53
CA ASP B 699 -2.36 -2.20 -8.87
C ASP B 699 -3.48 -1.48 -9.64
N GLU B 700 -4.54 -1.10 -8.94
CA GLU B 700 -5.65 -0.38 -9.56
C GLU B 700 -5.44 1.11 -9.37
N ASP B 701 -5.91 1.94 -10.29
CA ASP B 701 -5.75 3.38 -10.15
C ASP B 701 -7.00 4.04 -9.61
N HIS B 702 -7.13 5.34 -9.84
CA HIS B 702 -8.27 6.11 -9.34
C HIS B 702 -9.63 5.65 -9.86
N GLY B 703 -9.65 5.03 -11.03
CA GLY B 703 -10.91 4.58 -11.59
C GLY B 703 -11.30 3.17 -11.18
N ILE B 704 -10.38 2.42 -10.58
CA ILE B 704 -10.65 1.03 -10.18
C ILE B 704 -11.60 0.45 -11.23
N ALA B 705 -11.29 0.74 -12.49
CA ALA B 705 -12.11 0.33 -13.63
C ALA B 705 -11.71 -1.00 -14.29
N SER B 706 -10.88 -1.78 -13.62
CA SER B 706 -10.50 -3.07 -14.15
C SER B 706 -11.78 -3.88 -14.14
N SER B 707 -11.99 -4.70 -15.17
CA SER B 707 -13.19 -5.52 -15.24
C SER B 707 -13.47 -6.26 -13.92
N THR B 708 -12.45 -6.94 -13.41
CA THR B 708 -12.60 -7.70 -12.17
C THR B 708 -12.70 -6.82 -10.92
N ALA B 709 -11.85 -5.80 -10.84
CA ALA B 709 -11.86 -4.91 -9.67
C ALA B 709 -13.20 -4.17 -9.59
N HIS B 710 -13.71 -3.78 -10.75
CA HIS B 710 -14.97 -3.07 -10.83
C HIS B 710 -16.10 -3.92 -10.25
N GLN B 711 -16.18 -5.18 -10.71
CA GLN B 711 -17.22 -6.07 -10.23
C GLN B 711 -17.04 -6.35 -8.75
N HIS B 712 -15.77 -6.53 -8.37
CA HIS B 712 -15.43 -6.82 -6.99
C HIS B 712 -15.73 -5.69 -6.03
N ILE B 713 -15.45 -4.45 -6.43
CA ILE B 713 -15.70 -3.32 -5.55
C ILE B 713 -17.19 -3.07 -5.36
N TYR B 714 -17.97 -3.16 -6.43
CA TYR B 714 -19.40 -2.93 -6.29
C TYR B 714 -20.01 -4.06 -5.51
N THR B 715 -19.51 -5.27 -5.73
CA THR B 715 -20.03 -6.40 -4.99
C THR B 715 -19.74 -6.18 -3.51
N HIS B 716 -18.53 -5.70 -3.19
CA HIS B 716 -18.16 -5.46 -1.80
C HIS B 716 -18.99 -4.38 -1.11
N MET B 717 -19.29 -3.31 -1.83
CA MET B 717 -20.07 -2.21 -1.28
C MET B 717 -21.53 -2.59 -1.09
N SER B 718 -22.02 -3.49 -1.92
CA SER B 718 -23.41 -3.93 -1.81
C SER B 718 -23.61 -4.65 -0.49
N HIS B 719 -22.70 -5.56 -0.17
CA HIS B 719 -22.79 -6.31 1.08
C HIS B 719 -22.76 -5.34 2.26
N PHE B 720 -21.86 -4.36 2.20
CA PHE B 720 -21.72 -3.39 3.28
C PHE B 720 -23.01 -2.59 3.47
N ILE B 721 -23.56 -2.06 2.39
CA ILE B 721 -24.78 -1.27 2.49
C ILE B 721 -26.01 -2.04 2.95
N LYS B 722 -26.27 -3.21 2.37
CA LYS B 722 -27.44 -3.95 2.83
C LYS B 722 -27.24 -4.55 4.21
N GLN B 723 -25.98 -4.59 4.65
CA GLN B 723 -25.66 -5.09 5.98
C GLN B 723 -25.96 -3.96 6.96
N CYS B 724 -25.60 -2.74 6.57
CA CYS B 724 -25.83 -1.55 7.38
C CYS B 724 -27.33 -1.25 7.45
N PHE B 725 -28.07 -1.69 6.43
CA PHE B 725 -29.52 -1.48 6.36
C PHE B 725 -30.32 -2.71 6.81
N SER B 726 -29.61 -3.78 7.16
CA SER B 726 -30.26 -5.00 7.62
C SER B 726 -31.22 -5.60 6.60
N LEU B 727 -30.80 -5.70 5.34
CA LEU B 727 -31.68 -6.26 4.34
C LEU B 727 -32.01 -7.75 4.57
N PRO B 728 -31.52 -8.70 3.76
CA PRO B 728 -30.68 -8.72 2.55
C PRO B 728 -31.56 -8.72 1.30
C1 U1N C . 7.47 -17.81 12.94
C2 U1N C . 8.31 -17.53 14.06
C3 U1N C . 9.72 -17.67 13.92
C4 U1N C . 10.30 -18.08 12.68
C5 U1N C . 9.46 -18.36 11.58
C6 U1N C . 8.06 -18.23 11.70
C7 U1N C . 11.78 -18.24 12.52
C8 U1N C . 12.57 -17.04 13.00
C9 U1N C . 12.51 -15.80 12.07
C11 U1N C . 13.82 -15.05 12.25
N12 U1N C . 12.35 -16.20 10.65
C13 U1N C . 11.77 -15.15 9.78
C14 U1N C . 10.27 -14.90 10.04
O15 U1N C . 9.86 -14.19 10.95
C16 U1N C . 9.21 -15.55 9.14
C17 U1N C . 9.41 -16.79 8.47
C18 U1N C . 8.39 -17.33 7.64
C19 U1N C . 7.17 -16.64 7.51
F20 U1N C . 6.21 -17.14 6.74
C21 U1N C . 6.93 -15.41 8.18
C22 U1N C . 7.95 -14.87 8.99
C23 U1N C . 6.00 -17.72 12.98
N24 U1N C . 5.31 -17.33 14.16
O25 U1N C . 5.29 -17.97 12.02
C1 U1N D . -14.82 14.66 -9.45
C2 U1N D . -15.03 14.64 -10.86
C3 U1N D . -14.40 15.63 -11.67
C4 U1N D . -13.59 16.64 -11.11
C5 U1N D . -13.36 16.66 -9.70
C6 U1N D . -13.98 15.68 -8.87
C7 U1N D . -12.94 17.69 -11.98
C8 U1N D . -12.02 17.06 -13.06
C9 U1N D . -10.79 16.28 -12.53
C11 U1N D . -9.80 16.21 -13.68
N12 U1N D . -10.22 16.97 -11.36
C13 U1N D . -9.15 16.26 -10.66
C14 U1N D . -9.66 15.03 -9.90
O15 U1N D . -9.78 13.93 -10.42
C16 U1N D . -10.01 15.13 -8.42
C17 U1N D . -10.29 16.38 -7.76
C18 U1N D . -10.63 16.39 -6.37
C19 U1N D . -10.70 15.18 -5.65
F20 U1N D . -11.00 15.20 -4.36
C21 U1N D . -10.42 13.94 -6.28
C22 U1N D . -10.08 13.91 -7.65
C23 U1N D . -15.43 13.70 -8.53
N24 U1N D . -16.28 12.66 -9.02
O25 U1N D . -15.26 13.72 -7.32
#